data_3SLK
#
_entry.id   3SLK
#
_cell.length_a   73.104
_cell.length_b   110.195
_cell.length_c   202.857
_cell.angle_alpha   90.00
_cell.angle_beta   90.00
_cell.angle_gamma   90.00
#
_symmetry.space_group_name_H-M   'P 21 21 21'
#
loop_
_entity.id
_entity.type
_entity.pdbx_description
1 polymer 'Polyketide synthase extender module 2'
2 non-polymer 'NADPH DIHYDRO-NICOTINAMIDE-ADENINE-DINUCLEOTIDE PHOSPHATE'
3 non-polymer 'SULFATE ION'
#
_entity_poly.entity_id   1
_entity_poly.type   'polypeptide(L)'
_entity_poly.pdbx_seq_one_letter_code
;MGSSHHHHHHSSGLVPRGSHMARLYRLSWPTVQLPTSAQPPSCVLLGTSEVSADIQVYPDLRSLTAALDAGAEPPGVVIA
PTPPGGGRTADVRETTRHALDLVQGWLSDQRLNESRLLLVTQGAVAVEPGEPVTDLAQAALWGLLRSTQTEHPDRFVLVD
VPEPAQLLPALPGVLACGEPQLALRRGGAHAPRLAGLGSDDVLPVPDGTGWRLEATRPGSLDGLALVDEPTATAPLGDGE
VRIAMRAAGVNFRDALIALGMYPGVASLGSEGAGVVVETGPGVTGLAPGDRVMGMIPKAFGPLAVADHRMVTRIPAGWSF
ARAASVPIVFLTAYYALVDLAGLRPGESLLVHSAAGGVGMAAIQLARHLGAEVYATASEDKWQAVELSREHLASSRTCDF
EQQFLGATGGRGVDVVLNSLAGEFADASLRMLPRGGRFLELGKTDVRDPVEVADAHPGVSYQAFDTVEAGPQRIGEMLHE
LVELFEGRVLEPLPVTAWDVRQAPEALRHLSQARHVGKLVLTMPPVWDAAGTVLVTGGTGALGAEVARHLVIERGVRNLV
LVSRRGPAASGAAELVAQLTAYGAEVSLQACDVADRETLAKVLASIPDEHPLTAVVHAAGVLDDGVSESLTVERLDQVLR
PKVDGARNLLELIDPDVALVLFSSVSGVLGSGGQGNYAAANSFLDALAQQRQSRGLPTRSLAWGPWAEHGMASTLREAEQ
DRLARSGLLPISTEEGLSQFDAACGGAHTVVAPVRFSRLSDGNAIKFSVLQGLVGPHRVNKAATADDAESLRKRL
;
_entity_poly.pdbx_strand_id   A,B
#
loop_
_chem_comp.id
_chem_comp.type
_chem_comp.name
_chem_comp.formula
NDP non-polymer 'NADPH DIHYDRO-NICOTINAMIDE-ADENINE-DINUCLEOTIDE PHOSPHATE' 'C21 H30 N7 O17 P3'
SO4 non-polymer 'SULFATE ION' 'O4 S -2'
#
# COMPACT_ATOMS: atom_id res chain seq x y z
N ALA A 22 -0.81 -56.75 27.88
CA ALA A 22 0.04 -56.04 26.87
C ALA A 22 -0.26 -54.54 26.84
N ARG A 23 0.70 -53.74 27.28
CA ARG A 23 0.57 -52.28 27.26
C ARG A 23 1.05 -51.70 25.92
N LEU A 24 0.68 -50.46 25.65
CA LEU A 24 1.35 -49.66 24.65
C LEU A 24 2.40 -48.77 25.32
N TYR A 25 3.59 -48.68 24.71
CA TYR A 25 4.69 -47.93 25.31
C TYR A 25 5.20 -46.76 24.49
N ARG A 26 5.84 -45.83 25.19
CA ARG A 26 6.29 -44.57 24.64
C ARG A 26 7.70 -44.43 25.20
N LEU A 27 8.62 -43.89 24.42
CA LEU A 27 9.97 -43.76 24.93
C LEU A 27 10.24 -42.34 25.39
N SER A 28 10.60 -42.18 26.65
CA SER A 28 10.84 -40.85 27.18
C SER A 28 12.31 -40.64 27.49
N TRP A 29 12.65 -39.40 27.81
CA TRP A 29 14.03 -38.99 28.00
C TRP A 29 14.08 -38.14 29.24
N PRO A 30 13.84 -38.74 30.41
CA PRO A 30 14.09 -38.01 31.65
C PRO A 30 15.49 -37.44 31.68
N THR A 31 15.69 -36.35 32.41
CA THR A 31 17.03 -35.89 32.73
C THR A 31 17.68 -36.82 33.74
N VAL A 32 18.99 -37.05 33.60
CA VAL A 32 19.77 -37.74 34.61
C VAL A 32 20.87 -36.82 35.13
N GLN A 33 21.34 -37.09 36.34
CA GLN A 33 22.47 -36.35 36.89
C GLN A 33 23.79 -37.07 36.60
N LEU A 34 24.70 -36.37 35.93
CA LEU A 34 26.06 -36.88 35.76
C LEU A 34 26.89 -36.57 36.99
N PRO A 35 27.47 -37.62 37.59
CA PRO A 35 28.60 -37.52 38.51
C PRO A 35 29.62 -36.41 38.12
N THR A 36 29.74 -35.40 38.97
CA THR A 36 30.58 -34.23 38.65
C THR A 36 32.01 -34.44 39.10
N SER A 37 32.20 -35.28 40.11
CA SER A 37 33.53 -35.60 40.57
C SER A 37 33.89 -37.04 40.24
N ALA A 38 34.34 -37.25 39.01
CA ALA A 38 34.92 -38.53 38.59
C ALA A 38 36.14 -38.25 37.74
N GLN A 39 37.00 -39.25 37.58
CA GLN A 39 38.32 -39.05 36.97
C GLN A 39 38.24 -38.89 35.46
N PRO A 40 38.80 -37.78 34.94
CA PRO A 40 38.94 -37.57 33.50
C PRO A 40 39.92 -38.54 32.87
N PRO A 41 39.54 -39.12 31.73
CA PRO A 41 40.25 -40.30 31.25
C PRO A 41 40.96 -40.08 29.91
N SER A 42 42.00 -40.86 29.67
CA SER A 42 42.62 -40.91 28.36
C SER A 42 41.57 -40.70 27.29
N CYS A 43 41.87 -39.86 26.30
CA CYS A 43 40.98 -39.67 25.18
C CYS A 43 41.73 -39.46 23.88
N VAL A 44 41.32 -40.18 22.85
CA VAL A 44 41.69 -39.83 21.48
C VAL A 44 40.48 -39.46 20.63
N LEU A 45 40.72 -38.62 19.62
CA LEU A 45 39.68 -38.15 18.71
C LEU A 45 39.82 -38.88 17.38
N LEU A 46 38.71 -39.39 16.87
CA LEU A 46 38.69 -40.02 15.56
C LEU A 46 38.05 -39.08 14.59
N GLY A 47 38.84 -38.28 13.89
CA GLY A 47 38.27 -37.17 13.12
C GLY A 47 39.18 -36.59 12.06
N THR A 48 38.62 -35.69 11.26
CA THR A 48 39.36 -35.10 10.16
C THR A 48 40.44 -34.13 10.63
N SER A 49 40.13 -33.33 11.66
CA SER A 49 40.80 -32.04 11.84
C SER A 49 41.40 -31.75 13.21
N GLU A 50 41.94 -30.54 13.33
CA GLU A 50 42.51 -30.00 14.56
C GLU A 50 41.46 -29.86 15.66
N VAL A 51 41.90 -30.03 16.90
CA VAL A 51 41.03 -29.81 18.06
C VAL A 51 41.44 -28.52 18.76
N SER A 52 40.47 -27.64 18.99
CA SER A 52 40.71 -26.42 19.76
C SER A 52 41.36 -26.78 21.08
N ALA A 53 40.79 -27.79 21.73
CA ALA A 53 41.42 -28.39 22.89
C ALA A 53 42.54 -29.33 22.46
N ASP A 54 43.37 -29.74 23.41
CA ASP A 54 44.44 -30.64 23.07
C ASP A 54 44.22 -32.04 23.54
N ILE A 55 43.90 -32.90 22.59
CA ILE A 55 43.58 -34.28 22.83
C ILE A 55 43.92 -35.00 21.53
N GLN A 56 44.43 -36.22 21.66
CA GLN A 56 45.03 -36.91 20.54
C GLN A 56 44.04 -37.09 19.38
N VAL A 57 44.54 -36.94 18.16
CA VAL A 57 43.70 -37.08 16.98
C VAL A 57 44.28 -38.09 15.98
N TYR A 58 43.49 -39.09 15.63
CA TYR A 58 43.83 -40.00 14.53
C TYR A 58 42.70 -39.96 13.51
N PRO A 59 43.04 -39.85 12.23
CA PRO A 59 41.98 -39.60 11.24
C PRO A 59 40.99 -40.77 11.13
N ASP A 60 41.47 -41.99 11.42
CA ASP A 60 40.65 -43.20 11.33
C ASP A 60 41.04 -44.21 12.41
N LEU A 61 40.27 -45.28 12.52
CA LEU A 61 40.55 -46.33 13.50
C LEU A 61 41.90 -46.99 13.23
N ARG A 62 42.18 -47.29 11.96
CA ARG A 62 43.45 -47.88 11.54
C ARG A 62 44.66 -47.25 12.26
N SER A 63 44.75 -45.92 12.18
CA SER A 63 45.89 -45.17 12.70
C SER A 63 46.04 -45.29 14.20
N LEU A 64 44.92 -45.49 14.88
CA LEU A 64 44.94 -45.66 16.34
C LEU A 64 45.47 -47.05 16.68
N THR A 65 45.23 -48.01 15.79
CA THR A 65 45.84 -49.31 15.93
C THR A 65 47.37 -49.20 15.89
N ALA A 66 47.88 -48.57 14.82
CA ALA A 66 49.33 -48.30 14.67
C ALA A 66 50.00 -47.86 15.96
N ALA A 67 49.41 -46.86 16.61
CA ALA A 67 49.97 -46.30 17.84
C ALA A 67 49.99 -47.36 18.93
N LEU A 68 48.90 -48.12 19.03
CA LEU A 68 48.85 -49.27 19.93
C LEU A 68 49.92 -50.26 19.58
N ASP A 69 50.03 -50.55 18.28
CA ASP A 69 51.04 -51.48 17.77
C ASP A 69 52.42 -51.04 18.29
N ALA A 70 52.75 -49.79 18.04
CA ALA A 70 54.07 -49.28 18.36
C ALA A 70 54.11 -48.65 19.75
N GLY A 71 53.60 -49.37 20.74
CA GLY A 71 53.89 -49.05 22.15
C GLY A 71 52.77 -48.36 22.93
N ALA A 72 51.99 -47.50 22.26
CA ALA A 72 51.02 -46.61 22.92
C ALA A 72 50.02 -47.36 23.77
N GLU A 73 49.58 -46.75 24.86
CA GLU A 73 48.71 -47.42 25.80
C GLU A 73 47.23 -47.20 25.46
N PRO A 74 46.42 -48.28 25.48
CA PRO A 74 44.99 -48.18 25.19
C PRO A 74 44.34 -47.00 25.91
N PRO A 75 43.75 -46.07 25.14
CA PRO A 75 43.00 -45.01 25.79
C PRO A 75 41.71 -45.54 26.42
N GLY A 76 41.35 -44.99 27.57
CA GLY A 76 40.09 -45.36 28.24
C GLY A 76 38.85 -45.06 27.40
N VAL A 77 38.96 -44.10 26.48
CA VAL A 77 37.86 -43.66 25.65
C VAL A 77 38.35 -43.11 24.32
N VAL A 78 37.83 -43.66 23.22
CA VAL A 78 37.95 -43.04 21.91
C VAL A 78 36.63 -42.37 21.55
N ILE A 79 36.70 -41.07 21.24
CA ILE A 79 35.54 -40.35 20.70
C ILE A 79 35.46 -40.53 19.19
N ALA A 80 34.32 -40.96 18.69
CA ALA A 80 34.12 -41.01 17.25
C ALA A 80 32.90 -40.19 16.85
N PRO A 81 33.11 -38.89 16.61
CA PRO A 81 32.03 -38.09 16.09
C PRO A 81 31.66 -38.55 14.69
N THR A 82 30.37 -38.73 14.47
CA THR A 82 29.84 -39.29 13.22
C THR A 82 29.67 -38.19 12.17
N PRO A 83 30.13 -38.45 10.95
CA PRO A 83 29.86 -37.54 9.84
C PRO A 83 28.37 -37.32 9.67
N PRO A 84 27.97 -36.13 9.20
CA PRO A 84 26.54 -35.86 9.09
C PRO A 84 25.84 -36.75 8.08
N GLY A 85 24.69 -37.26 8.45
CA GLY A 85 23.98 -38.23 7.61
C GLY A 85 23.01 -37.57 6.63
N GLY A 86 21.75 -37.47 7.04
CA GLY A 86 20.67 -37.20 6.10
C GLY A 86 19.46 -38.11 6.32
N GLY A 87 18.40 -37.88 5.54
CA GLY A 87 17.17 -38.66 5.63
C GLY A 87 16.89 -39.42 4.36
N ARG A 88 17.94 -39.61 3.56
CA ARG A 88 17.80 -40.27 2.28
C ARG A 88 18.45 -41.64 2.30
N THR A 89 17.89 -42.55 1.51
CA THR A 89 18.35 -43.91 1.44
C THR A 89 19.86 -44.03 1.49
N ALA A 90 20.52 -43.58 0.42
CA ALA A 90 21.98 -43.51 0.35
C ALA A 90 22.64 -43.08 1.68
N ASP A 91 22.06 -42.07 2.33
CA ASP A 91 22.58 -41.57 3.60
C ASP A 91 22.58 -42.65 4.69
N VAL A 92 21.39 -43.13 4.99
CA VAL A 92 21.23 -44.29 5.83
C VAL A 92 22.26 -45.36 5.51
N ARG A 93 22.38 -45.69 4.23
CA ARG A 93 23.29 -46.76 3.79
C ARG A 93 24.72 -46.46 4.18
N GLU A 94 25.24 -45.30 3.78
CA GLU A 94 26.61 -44.99 4.08
C GLU A 94 26.86 -44.96 5.59
N THR A 95 26.00 -44.27 6.33
CA THR A 95 26.30 -44.02 7.73
C THR A 95 26.04 -45.18 8.70
N THR A 96 25.32 -46.21 8.27
CA THR A 96 25.33 -47.48 9.03
C THR A 96 26.50 -48.37 8.65
N ARG A 97 26.77 -48.44 7.35
CA ARG A 97 27.94 -49.19 6.86
C ARG A 97 29.16 -48.71 7.60
N HIS A 98 29.28 -47.38 7.71
CA HIS A 98 30.42 -46.77 8.35
C HIS A 98 30.49 -47.15 9.80
N ALA A 99 29.35 -47.09 10.46
CA ALA A 99 29.23 -47.54 11.83
C ALA A 99 29.65 -48.99 11.99
N LEU A 100 29.32 -49.84 11.01
CA LEU A 100 29.67 -51.27 11.08
C LEU A 100 31.21 -51.49 11.04
N ASP A 101 31.87 -50.88 10.05
CA ASP A 101 33.34 -50.97 9.94
C ASP A 101 33.97 -50.61 11.27
N LEU A 102 33.44 -49.55 11.88
CA LEU A 102 33.95 -49.07 13.15
C LEU A 102 33.76 -50.12 14.25
N VAL A 103 32.58 -50.74 14.27
CA VAL A 103 32.22 -51.61 15.37
C VAL A 103 33.04 -52.89 15.24
N GLN A 104 33.26 -53.28 14.00
CA GLN A 104 34.00 -54.48 13.71
C GLN A 104 35.50 -54.29 13.93
N GLY A 105 36.05 -53.22 13.38
CA GLY A 105 37.44 -52.86 13.65
C GLY A 105 37.73 -52.87 15.14
N TRP A 106 36.82 -52.28 15.89
CA TRP A 106 36.98 -52.10 17.33
C TRP A 106 36.97 -53.41 18.10
N LEU A 107 36.09 -54.32 17.70
CA LEU A 107 35.90 -55.56 18.47
C LEU A 107 37.08 -56.50 18.28
N SER A 108 37.82 -56.32 17.19
CA SER A 108 38.81 -57.29 16.76
C SER A 108 40.19 -56.98 17.31
N ASP A 109 40.37 -55.78 17.81
CA ASP A 109 41.66 -55.39 18.35
C ASP A 109 41.88 -56.03 19.71
N GLN A 110 41.01 -55.71 20.65
CA GLN A 110 41.01 -56.32 21.99
C GLN A 110 42.21 -55.94 22.87
N ARG A 111 43.04 -55.01 22.40
CA ARG A 111 43.73 -54.10 23.32
C ARG A 111 42.77 -53.01 23.69
N LEU A 112 41.77 -52.83 22.83
CA LEU A 112 40.75 -51.83 23.05
C LEU A 112 39.63 -52.41 23.87
N ASN A 113 39.95 -53.36 24.73
CA ASN A 113 39.05 -53.72 25.77
C ASN A 113 39.22 -52.85 27.00
N GLU A 114 38.21 -52.86 27.88
CA GLU A 114 38.08 -51.88 28.97
C GLU A 114 38.07 -50.45 28.47
N SER A 115 38.36 -50.29 27.18
CA SER A 115 38.19 -49.02 26.50
C SER A 115 36.80 -48.95 25.87
N ARG A 116 36.30 -47.75 25.69
CA ARG A 116 34.95 -47.56 25.21
C ARG A 116 34.95 -46.70 23.97
N LEU A 117 34.18 -47.12 22.98
CA LEU A 117 33.95 -46.29 21.80
C LEU A 117 32.79 -45.37 22.07
N LEU A 118 33.02 -44.06 21.94
CA LEU A 118 31.99 -43.07 22.16
C LEU A 118 31.57 -42.48 20.84
N LEU A 119 30.44 -42.92 20.31
CA LEU A 119 29.99 -42.44 19.03
C LEU A 119 29.08 -41.26 19.28
N VAL A 120 29.42 -40.11 18.70
CA VAL A 120 28.60 -38.89 18.86
C VAL A 120 27.74 -38.65 17.64
N THR A 121 26.53 -38.17 17.90
CA THR A 121 25.60 -37.84 16.82
C THR A 121 25.02 -36.44 17.05
N GLN A 122 24.56 -35.83 15.97
CA GLN A 122 23.87 -34.55 16.06
C GLN A 122 22.45 -34.74 15.58
N GLY A 123 21.51 -34.70 16.50
CA GLY A 123 20.09 -34.70 16.17
C GLY A 123 19.60 -36.02 15.61
N ALA A 124 19.93 -37.12 16.28
CA ALA A 124 19.41 -38.44 15.89
C ALA A 124 18.19 -38.81 16.72
N VAL A 125 17.80 -37.93 17.63
CA VAL A 125 17.01 -38.32 18.77
C VAL A 125 16.18 -37.11 19.20
N ALA A 126 14.89 -37.32 19.40
CA ALA A 126 14.02 -36.25 19.92
C ALA A 126 13.88 -36.35 21.44
N VAL A 127 14.28 -35.29 22.13
CA VAL A 127 14.33 -35.32 23.59
C VAL A 127 13.32 -34.34 24.15
N GLU A 128 13.42 -33.09 23.71
CA GLU A 128 12.51 -32.06 24.15
C GLU A 128 11.34 -31.85 23.16
N PRO A 129 10.19 -31.37 23.70
CA PRO A 129 8.94 -31.12 22.98
C PRO A 129 9.12 -30.36 21.66
N GLY A 130 9.87 -29.28 21.71
CA GLY A 130 10.09 -28.46 20.52
C GLY A 130 10.72 -29.22 19.37
N GLU A 131 11.52 -30.24 19.71
CA GLU A 131 12.56 -30.69 18.79
C GLU A 131 12.25 -32.02 18.12
N PRO A 132 12.45 -32.07 16.79
CA PRO A 132 12.35 -33.27 15.98
C PRO A 132 13.72 -33.91 15.71
N VAL A 133 13.70 -35.15 15.24
CA VAL A 133 14.90 -35.76 14.71
C VAL A 133 15.31 -35.09 13.39
N THR A 134 16.56 -34.65 13.33
CA THR A 134 17.08 -33.96 12.17
C THR A 134 17.85 -34.90 11.22
N ASP A 135 18.61 -35.85 11.78
CA ASP A 135 19.38 -36.78 10.97
C ASP A 135 18.90 -38.26 11.06
N LEU A 136 17.96 -38.64 10.20
CA LEU A 136 17.39 -39.98 10.25
C LEU A 136 18.47 -41.04 10.20
N ALA A 137 19.46 -40.85 9.33
CA ALA A 137 20.54 -41.84 9.12
C ALA A 137 21.29 -42.08 10.42
N GLN A 138 21.51 -41.01 11.16
CA GLN A 138 22.12 -41.13 12.45
C GLN A 138 21.25 -41.92 13.42
N ALA A 139 19.93 -41.80 13.25
CA ALA A 139 18.97 -42.52 14.09
C ALA A 139 19.02 -44.02 13.80
N ALA A 140 19.25 -44.35 12.54
CA ALA A 140 19.55 -45.72 12.14
C ALA A 140 20.79 -46.22 12.89
N LEU A 141 21.80 -45.35 12.94
CA LEU A 141 23.06 -45.70 13.58
C LEU A 141 22.75 -46.10 15.00
N TRP A 142 21.83 -45.36 15.60
CA TRP A 142 21.51 -45.59 16.98
C TRP A 142 20.99 -46.97 17.15
N GLY A 143 20.12 -47.40 16.26
CA GLY A 143 19.53 -48.71 16.39
C GLY A 143 20.58 -49.81 16.31
N LEU A 144 21.41 -49.73 15.29
CA LEU A 144 22.40 -50.74 15.06
C LEU A 144 23.31 -50.87 16.27
N LEU A 145 23.80 -49.74 16.73
CA LEU A 145 24.75 -49.75 17.82
C LEU A 145 24.07 -50.24 19.07
N ARG A 146 22.81 -49.90 19.22
CA ARG A 146 22.05 -50.35 20.36
C ARG A 146 22.06 -51.85 20.40
N SER A 147 21.84 -52.47 19.25
CA SER A 147 21.94 -53.91 19.17
C SER A 147 23.30 -54.37 19.69
N THR A 148 24.37 -53.72 19.22
CA THR A 148 25.69 -54.21 19.53
C THR A 148 26.00 -54.02 21.02
N GLN A 149 25.48 -52.96 21.60
CA GLN A 149 25.67 -52.70 23.03
C GLN A 149 25.19 -53.90 23.83
N THR A 150 24.04 -54.44 23.44
CA THR A 150 23.48 -55.58 24.12
C THR A 150 24.39 -56.78 23.94
N GLU A 151 25.00 -56.88 22.77
CA GLU A 151 25.94 -57.96 22.50
C GLU A 151 27.25 -57.82 23.29
N HIS A 152 27.69 -56.57 23.50
CA HIS A 152 28.93 -56.31 24.27
C HIS A 152 28.78 -55.16 25.22
N PRO A 153 28.59 -55.47 26.51
CA PRO A 153 28.26 -54.44 27.50
C PRO A 153 29.45 -53.58 27.90
N ASP A 154 29.19 -52.32 28.25
CA ASP A 154 30.21 -51.43 28.78
C ASP A 154 31.39 -51.29 27.83
N ARG A 155 31.12 -51.22 26.54
CA ARG A 155 32.20 -51.05 25.57
C ARG A 155 31.90 -49.99 24.52
N PHE A 156 30.63 -49.70 24.33
CA PHE A 156 30.23 -48.60 23.46
C PHE A 156 29.36 -47.60 24.23
N VAL A 157 29.42 -46.35 23.83
CA VAL A 157 28.53 -45.33 24.39
C VAL A 157 28.01 -44.38 23.31
N LEU A 158 26.68 -44.27 23.25
CA LEU A 158 26.00 -43.38 22.30
C LEU A 158 25.78 -42.03 22.96
N VAL A 159 26.18 -40.96 22.27
CA VAL A 159 25.85 -39.60 22.70
C VAL A 159 25.32 -38.70 21.57
N ASP A 160 24.06 -38.28 21.70
CA ASP A 160 23.51 -37.21 20.85
C ASP A 160 23.76 -35.82 21.46
N VAL A 161 24.59 -35.03 20.78
CA VAL A 161 24.82 -33.65 21.19
C VAL A 161 24.73 -32.69 20.00
N PRO A 162 23.76 -31.77 20.05
CA PRO A 162 23.36 -30.96 18.91
C PRO A 162 24.44 -29.96 18.51
N GLU A 163 25.16 -29.43 19.51
CA GLU A 163 26.36 -28.64 19.24
C GLU A 163 27.53 -29.17 20.07
N PRO A 164 28.58 -29.63 19.39
CA PRO A 164 29.69 -30.35 20.03
C PRO A 164 30.40 -29.43 21.00
N ALA A 165 31.28 -29.97 21.82
CA ALA A 165 32.03 -29.14 22.72
C ALA A 165 31.22 -28.90 23.98
N GLN A 166 29.90 -29.02 23.87
CA GLN A 166 29.10 -29.44 25.00
C GLN A 166 29.72 -30.71 25.58
N LEU A 167 30.37 -31.47 24.72
CA LEU A 167 30.70 -32.85 25.04
C LEU A 167 31.82 -32.93 26.07
N LEU A 168 32.90 -32.23 25.79
CA LEU A 168 34.13 -32.45 26.53
C LEU A 168 33.99 -32.11 28.00
N PRO A 169 33.49 -30.91 28.30
CA PRO A 169 33.16 -30.55 29.67
C PRO A 169 32.41 -31.66 30.37
N ALA A 170 31.39 -32.20 29.71
CA ALA A 170 30.50 -33.18 30.32
C ALA A 170 31.15 -34.55 30.37
N LEU A 171 32.30 -34.68 29.73
CA LEU A 171 32.87 -35.98 29.44
C LEU A 171 33.18 -36.83 30.68
N PRO A 172 33.74 -36.22 31.74
CA PRO A 172 33.97 -37.11 32.87
C PRO A 172 32.67 -37.59 33.51
N GLY A 173 31.59 -36.86 33.30
CA GLY A 173 30.28 -37.26 33.80
C GLY A 173 29.65 -38.33 32.93
N VAL A 174 29.58 -38.04 31.63
CA VAL A 174 29.10 -39.02 30.65
C VAL A 174 29.57 -40.44 30.95
N LEU A 175 30.84 -40.57 31.33
CA LEU A 175 31.44 -41.89 31.51
C LEU A 175 31.18 -42.52 32.87
N ALA A 176 31.06 -41.69 33.89
CA ALA A 176 30.95 -42.18 35.26
C ALA A 176 29.56 -42.71 35.56
N CYS A 177 28.57 -42.24 34.82
CA CYS A 177 27.19 -42.61 35.13
C CYS A 177 26.83 -44.00 34.61
N GLY A 178 27.76 -44.63 33.89
CA GLY A 178 27.59 -46.02 33.44
C GLY A 178 26.46 -46.22 32.45
N GLU A 179 25.75 -45.13 32.15
CA GLU A 179 24.63 -45.16 31.21
C GLU A 179 25.14 -45.17 29.77
N PRO A 180 24.63 -46.11 28.94
CA PRO A 180 25.15 -46.35 27.59
C PRO A 180 24.57 -45.41 26.53
N GLN A 181 23.46 -44.75 26.85
CA GLN A 181 22.75 -43.90 25.89
C GLN A 181 22.41 -42.58 26.57
N LEU A 182 22.94 -41.49 26.04
CA LEU A 182 22.50 -40.17 26.46
C LEU A 182 22.44 -39.15 25.34
N ALA A 183 21.62 -38.13 25.56
CA ALA A 183 21.61 -36.94 24.73
C ALA A 183 21.92 -35.74 25.61
N LEU A 184 22.92 -34.96 25.21
CA LEU A 184 23.24 -33.72 25.90
C LEU A 184 22.43 -32.57 25.33
N ARG A 185 21.69 -31.90 26.21
CA ARG A 185 21.07 -30.64 25.87
C ARG A 185 21.51 -29.60 26.88
N ARG A 186 21.37 -28.32 26.56
CA ARG A 186 21.70 -27.28 27.53
C ARG A 186 20.87 -27.43 28.81
N GLY A 187 19.60 -27.81 28.65
CA GLY A 187 18.76 -28.23 29.78
C GLY A 187 19.45 -29.18 30.76
N GLY A 188 19.97 -30.28 30.23
CA GLY A 188 20.69 -31.26 31.05
C GLY A 188 21.21 -32.42 30.21
N ALA A 189 21.61 -33.50 30.86
CA ALA A 189 21.79 -34.75 30.14
C ALA A 189 20.56 -35.62 30.26
N HIS A 190 20.19 -36.26 29.16
CA HIS A 190 18.99 -37.09 29.09
C HIS A 190 19.34 -38.52 28.81
N ALA A 191 18.70 -39.43 29.52
CA ALA A 191 18.74 -40.84 29.18
C ALA A 191 17.37 -41.26 28.66
N PRO A 192 17.32 -42.30 27.82
CA PRO A 192 16.04 -42.79 27.33
C PRO A 192 15.55 -43.96 28.16
N ARG A 193 14.23 -44.01 28.40
CA ARG A 193 13.55 -45.21 28.90
C ARG A 193 12.13 -45.35 28.40
N LEU A 194 11.73 -46.60 28.20
CA LEU A 194 10.36 -46.93 27.90
C LEU A 194 9.45 -46.55 29.05
N ALA A 195 8.27 -46.05 28.72
CA ALA A 195 7.30 -45.67 29.71
C ALA A 195 5.93 -46.13 29.25
N GLY A 196 5.07 -46.48 30.21
CA GLY A 196 3.66 -46.74 29.90
C GLY A 196 2.95 -45.50 29.38
N LEU A 197 1.87 -45.69 28.63
CA LEU A 197 1.13 -44.57 28.09
C LEU A 197 0.43 -43.79 29.18
N GLY A 198 0.28 -42.49 28.95
CA GLY A 198 -0.18 -41.57 29.98
C GLY A 198 0.78 -40.42 30.14
N SER A 199 1.56 -40.46 31.22
CA SER A 199 1.26 -41.36 32.33
C SER A 199 -0.10 -40.99 32.91
N ASP A 200 -0.40 -39.70 32.90
CA ASP A 200 -1.74 -39.21 33.22
C ASP A 200 -2.76 -39.73 32.22
N ASP A 201 -2.31 -39.96 30.99
CA ASP A 201 -3.17 -40.39 29.89
C ASP A 201 -3.48 -39.24 28.94
N VAL A 202 -2.73 -38.15 29.08
CA VAL A 202 -2.81 -37.03 28.13
C VAL A 202 -4.22 -36.45 28.06
N LEU A 203 -4.77 -36.34 26.85
CA LEU A 203 -6.08 -35.75 26.69
C LEU A 203 -7.10 -36.75 26.17
N PRO A 204 -8.26 -36.80 26.83
CA PRO A 204 -9.30 -37.76 26.50
C PRO A 204 -10.42 -37.16 25.65
N VAL A 205 -10.90 -37.92 24.68
CA VAL A 205 -11.92 -37.42 23.76
C VAL A 205 -13.30 -38.02 24.03
N PRO A 206 -14.34 -37.17 23.95
CA PRO A 206 -15.75 -37.53 24.02
C PRO A 206 -16.17 -38.59 23.01
N ASP A 207 -15.33 -38.80 21.99
CA ASP A 207 -15.59 -39.78 20.91
C ASP A 207 -16.81 -39.42 20.05
N GLY A 208 -17.89 -39.00 20.72
CA GLY A 208 -18.99 -38.34 20.04
C GLY A 208 -18.50 -37.17 19.23
N THR A 209 -18.33 -37.41 17.93
CA THR A 209 -17.59 -36.49 17.03
C THR A 209 -18.08 -35.04 17.12
N GLY A 210 -17.25 -34.12 16.64
CA GLY A 210 -17.57 -32.70 16.71
C GLY A 210 -17.51 -32.18 18.13
N TRP A 211 -16.42 -32.47 18.80
CA TRP A 211 -16.04 -31.74 20.00
C TRP A 211 -15.10 -30.65 19.60
N ARG A 212 -14.31 -30.17 20.55
CA ARG A 212 -13.46 -29.00 20.34
C ARG A 212 -12.57 -28.84 21.55
N LEU A 213 -11.46 -28.14 21.40
CA LEU A 213 -10.64 -27.72 22.54
C LEU A 213 -10.96 -26.29 22.94
N GLU A 214 -11.48 -26.12 24.15
CA GLU A 214 -11.61 -24.81 24.79
C GLU A 214 -10.99 -24.89 26.18
N ALA A 215 -10.50 -23.75 26.67
CA ALA A 215 -9.96 -23.69 28.03
C ALA A 215 -11.09 -23.71 29.05
N THR A 216 -11.19 -24.79 29.82
CA THR A 216 -12.22 -24.90 30.83
C THR A 216 -11.85 -24.14 32.11
N ARG A 217 -10.73 -24.52 32.72
CA ARG A 217 -10.19 -23.78 33.88
C ARG A 217 -9.05 -22.83 33.46
N PRO A 218 -9.40 -21.67 32.85
CA PRO A 218 -8.32 -20.77 32.45
C PRO A 218 -7.41 -20.41 33.63
N GLY A 219 -6.22 -19.90 33.33
CA GLY A 219 -5.24 -19.61 34.36
C GLY A 219 -4.05 -20.55 34.25
N SER A 220 -4.32 -21.84 34.04
CA SER A 220 -3.27 -22.84 33.94
C SER A 220 -3.51 -23.86 32.83
N LEU A 221 -2.42 -24.29 32.18
CA LEU A 221 -2.49 -25.17 31.00
C LEU A 221 -3.07 -26.53 31.35
N ASP A 222 -2.94 -26.93 32.60
CA ASP A 222 -3.68 -28.05 33.12
C ASP A 222 -5.09 -27.63 33.44
N GLY A 223 -6.06 -28.31 32.84
CA GLY A 223 -7.44 -27.85 32.86
C GLY A 223 -7.86 -27.31 31.52
N LEU A 224 -7.02 -27.51 30.51
CA LEU A 224 -7.48 -27.63 29.14
C LEU A 224 -8.23 -28.95 28.98
N ALA A 225 -9.25 -28.95 28.13
CA ALA A 225 -9.95 -30.19 27.84
C ALA A 225 -10.68 -30.15 26.50
N LEU A 226 -11.14 -31.33 26.09
CA LEU A 226 -11.82 -31.48 24.82
C LEU A 226 -13.26 -31.84 25.09
N VAL A 227 -14.13 -30.83 25.07
CA VAL A 227 -15.52 -31.02 25.45
C VAL A 227 -16.47 -30.74 24.28
N ASP A 228 -17.52 -31.54 24.17
CA ASP A 228 -18.36 -31.54 22.98
C ASP A 228 -18.86 -30.14 22.66
N GLU A 229 -18.86 -29.78 21.38
CA GLU A 229 -19.36 -28.50 20.94
C GLU A 229 -20.60 -28.65 20.06
N PRO A 230 -21.71 -27.99 20.45
CA PRO A 230 -22.97 -28.00 19.71
C PRO A 230 -22.82 -27.26 18.39
N THR A 231 -22.16 -26.11 18.43
CA THR A 231 -22.21 -25.13 17.36
C THR A 231 -21.78 -25.74 16.04
N ALA A 232 -20.71 -26.53 16.09
CA ALA A 232 -20.08 -27.05 14.89
C ALA A 232 -21.02 -27.96 14.10
N THR A 233 -21.75 -28.82 14.81
CA THR A 233 -22.38 -29.99 14.22
C THR A 233 -23.46 -29.66 13.18
N ALA A 234 -24.40 -28.79 13.56
CA ALA A 234 -25.59 -28.54 12.74
C ALA A 234 -26.34 -27.29 13.21
N PRO A 235 -27.11 -26.64 12.31
CA PRO A 235 -27.06 -26.77 10.85
C PRO A 235 -26.57 -25.50 10.14
N LEU A 236 -26.31 -25.60 8.85
CA LEU A 236 -25.96 -24.44 8.03
C LEU A 236 -27.24 -23.85 7.44
N GLY A 237 -27.25 -22.55 7.14
CA GLY A 237 -26.07 -21.68 7.26
C GLY A 237 -26.44 -20.26 6.89
N ASP A 238 -25.65 -19.63 6.03
CA ASP A 238 -26.03 -18.32 5.49
C ASP A 238 -25.74 -18.13 3.98
N GLY A 239 -24.45 -18.05 3.60
CA GLY A 239 -23.36 -17.67 4.49
C GLY A 239 -22.38 -18.80 4.73
N GLU A 240 -22.84 -19.83 5.43
CA GLU A 240 -21.94 -20.74 6.15
C GLU A 240 -21.65 -22.03 5.38
N VAL A 241 -20.49 -22.60 5.69
CA VAL A 241 -20.06 -23.86 5.10
C VAL A 241 -19.33 -24.69 6.17
N ARG A 242 -19.58 -26.00 6.17
CA ARG A 242 -19.10 -26.88 7.25
C ARG A 242 -17.89 -27.72 6.81
N ILE A 243 -16.96 -27.93 7.74
CA ILE A 243 -15.63 -28.42 7.41
C ILE A 243 -15.23 -29.60 8.30
N ALA A 244 -14.74 -30.66 7.66
CA ALA A 244 -13.99 -31.69 8.36
C ALA A 244 -12.53 -31.27 8.52
N MET A 245 -12.22 -30.69 9.69
CA MET A 245 -10.88 -30.17 9.96
C MET A 245 -9.85 -31.31 10.09
N ARG A 246 -8.62 -31.04 9.70
CA ARG A 246 -7.55 -32.03 9.82
C ARG A 246 -6.38 -31.45 10.60
N ALA A 247 -5.99 -30.23 10.23
CA ALA A 247 -5.06 -29.46 11.05
C ALA A 247 -5.53 -28.02 11.24
N ALA A 248 -5.03 -27.39 12.29
CA ALA A 248 -5.34 -26.01 12.60
C ALA A 248 -4.08 -25.34 13.13
N GLY A 249 -3.92 -24.05 12.86
CA GLY A 249 -2.81 -23.29 13.42
C GLY A 249 -3.07 -22.89 14.84
N VAL A 250 -2.03 -22.93 15.68
CA VAL A 250 -2.08 -22.25 16.96
C VAL A 250 -1.35 -20.91 16.88
N ASN A 251 -1.97 -19.90 17.49
CA ASN A 251 -1.44 -18.55 17.53
C ASN A 251 -1.09 -18.19 18.97
N PHE A 252 -0.26 -17.19 19.15
CA PHE A 252 0.10 -16.76 20.50
C PHE A 252 -1.16 -16.40 21.26
N ARG A 253 -2.10 -15.79 20.55
CA ARG A 253 -3.44 -15.54 21.06
C ARG A 253 -3.99 -16.75 21.83
N ASP A 254 -3.96 -17.92 21.18
CA ASP A 254 -4.54 -19.14 21.74
C ASP A 254 -3.92 -19.51 23.08
N ALA A 255 -2.70 -19.05 23.33
CA ALA A 255 -1.97 -19.42 24.52
C ALA A 255 -2.35 -18.54 25.71
N LEU A 256 -2.72 -17.30 25.40
CA LEU A 256 -3.18 -16.37 26.43
C LEU A 256 -4.62 -16.67 26.84
N ILE A 257 -5.51 -16.80 25.86
CA ILE A 257 -6.86 -17.27 26.13
C ILE A 257 -6.83 -18.41 27.16
N ALA A 258 -5.86 -19.30 27.00
CA ALA A 258 -5.79 -20.49 27.85
C ALA A 258 -5.40 -20.16 29.28
N LEU A 259 -4.78 -18.98 29.46
CA LEU A 259 -4.19 -18.62 30.75
C LEU A 259 -4.99 -17.51 31.46
N GLY A 260 -6.24 -17.31 31.06
CA GLY A 260 -7.05 -16.21 31.59
C GLY A 260 -6.30 -14.90 31.54
N MET A 261 -5.58 -14.69 30.44
CA MET A 261 -4.65 -13.57 30.33
C MET A 261 -4.80 -12.89 28.99
N TYR A 262 -5.91 -13.15 28.32
CA TYR A 262 -6.21 -12.46 27.07
C TYR A 262 -7.24 -11.36 27.29
N PRO A 263 -6.81 -10.09 27.18
CA PRO A 263 -7.62 -8.93 27.51
C PRO A 263 -9.05 -8.97 26.95
N GLY A 264 -9.24 -9.69 25.85
CA GLY A 264 -10.45 -9.57 25.04
C GLY A 264 -11.32 -10.82 24.97
N VAL A 265 -12.35 -10.78 24.13
CA VAL A 265 -13.14 -11.96 23.78
C VAL A 265 -12.40 -12.80 22.76
N ALA A 266 -12.32 -14.11 23.02
CA ALA A 266 -11.80 -15.05 22.02
C ALA A 266 -12.20 -16.49 22.30
N SER A 267 -12.39 -17.25 21.22
CA SER A 267 -12.63 -18.68 21.31
C SER A 267 -11.39 -19.40 20.80
N LEU A 268 -10.95 -20.43 21.52
CA LEU A 268 -9.70 -21.11 21.18
C LEU A 268 -9.71 -21.55 19.72
N GLY A 269 -8.65 -21.23 19.00
CA GLY A 269 -8.45 -21.78 17.67
C GLY A 269 -9.13 -20.99 16.57
N SER A 270 -8.33 -20.17 15.89
CA SER A 270 -8.79 -19.45 14.73
C SER A 270 -7.90 -19.83 13.58
N GLU A 271 -8.49 -20.28 12.48
CA GLU A 271 -7.72 -20.73 11.31
C GLU A 271 -7.47 -22.24 11.30
N GLY A 272 -7.30 -22.79 10.10
CA GLY A 272 -7.22 -24.23 9.91
C GLY A 272 -7.37 -24.63 8.45
N ALA A 273 -7.19 -25.92 8.18
CA ALA A 273 -7.47 -26.45 6.84
C ALA A 273 -8.15 -27.81 6.93
N GLY A 274 -8.93 -28.15 5.91
CA GLY A 274 -9.72 -29.36 5.96
C GLY A 274 -10.58 -29.60 4.74
N VAL A 275 -11.61 -30.41 4.92
CA VAL A 275 -12.43 -30.89 3.82
C VAL A 275 -13.86 -30.36 4.02
N VAL A 276 -14.48 -29.92 2.94
CA VAL A 276 -15.85 -29.42 3.02
C VAL A 276 -16.87 -30.55 3.17
N VAL A 277 -17.80 -30.40 4.11
CA VAL A 277 -18.86 -31.38 4.28
C VAL A 277 -20.21 -30.87 3.77
N GLU A 278 -20.69 -29.78 4.35
CA GLU A 278 -21.98 -29.20 3.95
C GLU A 278 -21.84 -27.75 3.48
N THR A 279 -22.66 -27.39 2.49
CA THR A 279 -22.69 -26.03 1.96
C THR A 279 -24.13 -25.55 1.84
N GLY A 280 -24.31 -24.23 1.83
CA GLY A 280 -25.62 -23.64 1.56
C GLY A 280 -26.43 -23.44 2.83
N PRO A 281 -27.48 -22.59 2.76
CA PRO A 281 -27.81 -21.70 1.64
C PRO A 281 -26.76 -20.61 1.40
N GLY A 282 -26.86 -19.92 0.26
CA GLY A 282 -26.17 -18.64 0.07
C GLY A 282 -24.72 -18.75 -0.38
N VAL A 283 -24.31 -19.94 -0.83
CA VAL A 283 -22.93 -20.18 -1.25
C VAL A 283 -22.86 -20.89 -2.60
N THR A 284 -22.05 -20.36 -3.51
CA THR A 284 -21.91 -20.93 -4.87
C THR A 284 -20.45 -21.17 -5.31
N GLY A 285 -19.51 -20.41 -4.72
CA GLY A 285 -18.14 -20.33 -5.23
C GLY A 285 -17.35 -21.63 -5.14
N LEU A 286 -17.42 -22.28 -3.98
CA LEU A 286 -16.79 -23.59 -3.80
C LEU A 286 -17.75 -24.58 -3.15
N ALA A 287 -17.48 -25.87 -3.32
CA ALA A 287 -18.48 -26.92 -3.09
C ALA A 287 -17.88 -28.08 -2.28
N PRO A 288 -18.71 -29.10 -1.94
CA PRO A 288 -18.28 -30.21 -1.07
C PRO A 288 -17.08 -30.99 -1.60
N GLY A 289 -16.42 -31.73 -0.72
CA GLY A 289 -15.21 -32.46 -1.07
C GLY A 289 -13.99 -31.56 -1.17
N ASP A 290 -14.22 -30.26 -1.38
CA ASP A 290 -13.14 -29.32 -1.65
C ASP A 290 -12.17 -29.25 -0.47
N ARG A 291 -10.87 -29.26 -0.78
CA ARG A 291 -9.85 -29.00 0.21
C ARG A 291 -9.75 -27.51 0.42
N VAL A 292 -9.79 -27.09 1.68
CA VAL A 292 -10.00 -25.69 1.97
C VAL A 292 -9.30 -25.21 3.26
N MET A 293 -8.82 -23.97 3.23
CA MET A 293 -8.11 -23.36 4.37
C MET A 293 -8.62 -21.93 4.61
N GLY A 294 -8.48 -21.43 5.83
CA GLY A 294 -8.86 -20.05 6.12
C GLY A 294 -8.86 -19.71 7.61
N MET A 295 -9.74 -18.79 8.00
CA MET A 295 -9.79 -18.28 9.37
C MET A 295 -11.01 -18.82 10.12
N ILE A 296 -11.04 -20.14 10.33
CA ILE A 296 -12.13 -20.78 11.08
C ILE A 296 -12.10 -20.40 12.56
N PRO A 297 -13.28 -20.15 13.15
CA PRO A 297 -13.41 -19.95 14.57
C PRO A 297 -13.40 -21.29 15.26
N LYS A 298 -12.98 -21.32 16.52
CA LYS A 298 -13.05 -22.54 17.28
C LYS A 298 -12.48 -23.69 16.45
N ALA A 299 -11.26 -23.50 15.95
CA ALA A 299 -10.65 -24.38 14.96
C ALA A 299 -10.37 -25.80 15.49
N PHE A 300 -10.06 -25.91 16.78
CA PHE A 300 -9.44 -27.11 17.35
C PHE A 300 -10.42 -28.24 17.61
N GLY A 301 -11.09 -28.69 16.55
CA GLY A 301 -11.98 -29.84 16.62
C GLY A 301 -12.15 -30.51 15.26
N PRO A 302 -12.61 -31.78 15.27
CA PRO A 302 -12.89 -32.50 14.02
C PRO A 302 -13.89 -31.73 13.18
N LEU A 303 -14.87 -31.10 13.83
CA LEU A 303 -15.88 -30.33 13.14
C LEU A 303 -15.94 -28.88 13.58
N ALA A 304 -15.80 -27.99 12.61
CA ALA A 304 -16.09 -26.57 12.78
C ALA A 304 -16.74 -26.05 11.51
N VAL A 305 -17.29 -24.84 11.56
CA VAL A 305 -17.97 -24.25 10.40
C VAL A 305 -17.82 -22.72 10.38
N ALA A 306 -17.61 -22.15 9.19
CA ALA A 306 -17.34 -20.73 9.05
C ALA A 306 -17.84 -20.12 7.74
N ASP A 307 -17.52 -18.85 7.54
CA ASP A 307 -18.02 -18.08 6.40
C ASP A 307 -17.18 -18.37 5.18
N HIS A 308 -17.82 -18.69 4.06
CA HIS A 308 -17.13 -19.23 2.89
C HIS A 308 -16.28 -18.21 2.16
N ARG A 309 -16.38 -16.95 2.56
CA ARG A 309 -15.52 -15.92 2.01
C ARG A 309 -14.24 -15.80 2.82
N MET A 310 -14.34 -16.14 4.10
CA MET A 310 -13.19 -16.14 5.01
C MET A 310 -12.28 -17.36 4.86
N VAL A 311 -12.66 -18.30 4.00
CA VAL A 311 -11.83 -19.47 3.70
C VAL A 311 -11.66 -19.65 2.20
N THR A 312 -10.58 -20.34 1.80
CA THR A 312 -10.28 -20.59 0.37
C THR A 312 -9.59 -21.93 0.08
N ARG A 313 -9.79 -22.41 -1.15
CA ARG A 313 -9.24 -23.69 -1.59
C ARG A 313 -7.71 -23.70 -1.59
N ILE A 314 -7.13 -24.89 -1.56
CA ILE A 314 -5.73 -25.07 -1.12
C ILE A 314 -4.76 -25.32 -2.29
N PRO A 315 -3.62 -24.58 -2.30
CA PRO A 315 -2.74 -24.47 -3.45
C PRO A 315 -1.71 -25.60 -3.53
N ALA A 316 -0.85 -25.54 -4.56
CA ALA A 316 0.11 -26.60 -4.88
C ALA A 316 -0.37 -28.00 -4.50
N GLY A 317 0.52 -28.80 -3.94
CA GLY A 317 0.14 -30.04 -3.29
C GLY A 317 0.32 -29.96 -1.79
N TRP A 318 -0.16 -28.87 -1.20
CA TRP A 318 0.06 -28.56 0.21
C TRP A 318 -0.58 -29.58 1.10
N SER A 319 0.12 -29.93 2.18
CA SER A 319 -0.50 -30.69 3.25
C SER A 319 -1.52 -29.83 3.99
N PHE A 320 -2.51 -30.49 4.59
CA PHE A 320 -3.47 -29.81 5.46
C PHE A 320 -2.73 -29.05 6.57
N ALA A 321 -1.66 -29.64 7.07
CA ALA A 321 -0.84 -28.99 8.08
C ALA A 321 -0.20 -27.70 7.56
N ARG A 322 0.45 -27.76 6.40
CA ARG A 322 1.12 -26.56 5.89
C ARG A 322 0.13 -25.49 5.40
N ALA A 323 -1.06 -25.93 5.03
CA ALA A 323 -2.16 -25.00 4.81
C ALA A 323 -2.56 -24.27 6.09
N ALA A 324 -2.71 -25.01 7.18
CA ALA A 324 -3.24 -24.46 8.43
C ALA A 324 -2.33 -23.40 9.09
N SER A 325 -1.01 -23.54 8.92
CA SER A 325 -0.07 -22.58 9.48
C SER A 325 -0.29 -21.18 8.89
N VAL A 326 -0.74 -21.14 7.64
CA VAL A 326 -0.55 -19.99 6.77
C VAL A 326 -1.43 -18.76 7.08
N PRO A 327 -2.77 -18.97 7.25
CA PRO A 327 -3.76 -17.91 7.07
C PRO A 327 -3.61 -16.68 7.99
N ILE A 328 -3.66 -16.89 9.31
CA ILE A 328 -3.63 -15.75 10.23
C ILE A 328 -2.39 -14.88 10.04
N VAL A 329 -1.24 -15.53 9.99
CA VAL A 329 0.01 -14.80 9.92
C VAL A 329 0.11 -13.98 8.65
N PHE A 330 -0.33 -14.55 7.53
CA PHE A 330 -0.20 -13.86 6.26
C PHE A 330 -1.29 -12.82 6.02
N LEU A 331 -2.50 -13.10 6.47
CA LEU A 331 -3.54 -12.10 6.41
C LEU A 331 -3.14 -10.84 7.20
N THR A 332 -2.78 -11.02 8.47
CA THR A 332 -2.21 -9.92 9.26
C THR A 332 -1.17 -9.16 8.43
N ALA A 333 -0.11 -9.87 8.03
CA ALA A 333 0.99 -9.27 7.28
C ALA A 333 0.48 -8.44 6.10
N TYR A 334 -0.54 -8.94 5.42
CA TYR A 334 -1.04 -8.29 4.22
C TYR A 334 -1.94 -7.10 4.57
N TYR A 335 -3.05 -7.40 5.22
CA TYR A 335 -3.92 -6.39 5.80
C TYR A 335 -3.13 -5.29 6.51
N ALA A 336 -2.02 -5.64 7.14
CA ALA A 336 -1.22 -4.65 7.86
C ALA A 336 -0.37 -3.82 6.90
N LEU A 337 0.39 -4.49 6.03
CA LEU A 337 1.38 -3.82 5.22
C LEU A 337 0.80 -3.16 3.97
N VAL A 338 -0.23 -3.77 3.39
CA VAL A 338 -0.92 -3.17 2.26
C VAL A 338 -1.96 -2.16 2.72
N ASP A 339 -3.09 -2.66 3.22
CA ASP A 339 -4.23 -1.81 3.54
C ASP A 339 -3.89 -0.68 4.51
N LEU A 340 -3.41 -1.05 5.70
CA LEU A 340 -3.25 -0.07 6.78
C LEU A 340 -1.97 0.74 6.64
N ALA A 341 -0.93 0.14 6.09
CA ALA A 341 0.35 0.83 5.99
C ALA A 341 0.52 1.46 4.62
N GLY A 342 -0.09 0.86 3.62
CA GLY A 342 0.25 1.19 2.25
C GLY A 342 1.75 1.32 2.12
N LEU A 343 2.43 0.21 2.31
CA LEU A 343 3.87 0.18 2.18
C LEU A 343 4.31 0.30 0.73
N ARG A 344 5.20 1.25 0.46
CA ARG A 344 5.64 1.52 -0.90
C ARG A 344 7.06 0.99 -1.07
N PRO A 345 7.46 0.67 -2.31
CA PRO A 345 8.85 0.30 -2.55
C PRO A 345 9.84 1.38 -2.06
N GLY A 346 11.04 0.96 -1.69
CA GLY A 346 12.02 1.90 -1.16
C GLY A 346 11.80 2.25 0.31
N GLU A 347 10.53 2.43 0.69
CA GLU A 347 10.17 2.57 2.11
C GLU A 347 10.69 1.38 2.90
N SER A 348 11.18 1.62 4.11
CA SER A 348 11.67 0.52 4.96
C SER A 348 10.77 0.23 6.17
N LEU A 349 10.97 -0.95 6.76
CA LEU A 349 10.05 -1.52 7.74
C LEU A 349 10.81 -1.96 8.98
N LEU A 350 10.19 -1.81 10.15
CA LEU A 350 10.66 -2.43 11.40
C LEU A 350 9.64 -3.43 11.93
N VAL A 351 10.06 -4.70 12.06
CA VAL A 351 9.17 -5.77 12.48
C VAL A 351 9.70 -6.53 13.70
N HIS A 352 8.82 -6.78 14.67
CA HIS A 352 9.20 -7.52 15.86
C HIS A 352 8.70 -8.93 15.82
N SER A 353 9.35 -9.80 16.59
CA SER A 353 9.06 -11.24 16.53
C SER A 353 9.33 -11.79 15.15
N ALA A 354 10.55 -11.57 14.66
CA ALA A 354 10.92 -11.92 13.29
C ALA A 354 10.84 -13.42 13.00
N ALA A 355 11.32 -14.25 13.94
CA ALA A 355 11.30 -15.70 13.76
C ALA A 355 9.96 -16.27 14.18
N GLY A 356 9.07 -15.39 14.63
CA GLY A 356 7.67 -15.75 14.84
C GLY A 356 6.87 -15.72 13.55
N GLY A 357 5.65 -16.23 13.61
CA GLY A 357 4.83 -16.36 12.42
C GLY A 357 4.54 -15.03 11.76
N VAL A 358 3.99 -14.09 12.52
CA VAL A 358 3.66 -12.78 11.97
C VAL A 358 4.95 -12.07 11.59
N GLY A 359 5.94 -12.13 12.48
CA GLY A 359 7.23 -11.54 12.22
C GLY A 359 7.87 -12.13 10.99
N MET A 360 7.78 -13.46 10.89
CA MET A 360 8.32 -14.18 9.74
C MET A 360 7.59 -13.80 8.45
N ALA A 361 6.28 -13.65 8.54
CA ALA A 361 5.45 -13.41 7.37
C ALA A 361 5.71 -12.04 6.78
N ALA A 362 5.70 -11.02 7.64
CA ALA A 362 5.93 -9.66 7.21
C ALA A 362 7.22 -9.49 6.40
N ILE A 363 8.33 -10.06 6.87
CA ILE A 363 9.61 -9.90 6.17
C ILE A 363 9.57 -10.47 4.76
N GLN A 364 8.82 -11.56 4.58
CA GLN A 364 8.66 -12.18 3.26
C GLN A 364 7.93 -11.21 2.35
N LEU A 365 6.73 -10.83 2.78
CA LEU A 365 5.85 -9.91 2.06
C LEU A 365 6.51 -8.54 1.85
N ALA A 366 7.26 -8.09 2.85
CA ALA A 366 8.02 -6.85 2.74
C ALA A 366 9.05 -6.91 1.64
N ARG A 367 9.74 -8.05 1.51
CA ARG A 367 10.76 -8.15 0.49
C ARG A 367 10.17 -8.13 -0.91
N HIS A 368 9.00 -8.73 -1.07
CA HIS A 368 8.23 -8.62 -2.30
C HIS A 368 7.83 -7.21 -2.59
N LEU A 369 7.36 -6.50 -1.57
CA LEU A 369 6.94 -5.10 -1.73
C LEU A 369 8.15 -4.16 -1.83
N GLY A 370 9.33 -4.73 -2.05
CA GLY A 370 10.53 -3.95 -2.37
C GLY A 370 10.94 -2.97 -1.29
N ALA A 371 10.91 -3.42 -0.03
CA ALA A 371 11.35 -2.60 1.10
C ALA A 371 12.73 -3.05 1.58
N GLU A 372 13.47 -2.14 2.21
CA GLU A 372 14.48 -2.53 3.17
C GLU A 372 13.81 -2.85 4.49
N VAL A 373 14.43 -3.72 5.28
CA VAL A 373 13.79 -4.28 6.47
C VAL A 373 14.80 -4.36 7.62
N TYR A 374 14.37 -3.89 8.80
CA TYR A 374 15.13 -4.11 10.04
C TYR A 374 14.23 -4.79 11.07
N ALA A 375 14.75 -5.80 11.74
CA ALA A 375 13.89 -6.63 12.58
C ALA A 375 14.58 -7.29 13.78
N THR A 376 13.76 -7.90 14.64
CA THR A 376 14.20 -8.40 15.95
C THR A 376 13.56 -9.75 16.31
N ALA A 377 14.42 -10.69 16.70
CA ALA A 377 14.03 -11.90 17.46
C ALA A 377 15.15 -12.18 18.47
N SER A 378 15.02 -13.24 19.26
CA SER A 378 16.10 -13.59 20.18
C SER A 378 17.30 -14.23 19.47
N GLU A 379 18.49 -14.06 20.06
CA GLU A 379 19.75 -14.42 19.41
C GLU A 379 19.75 -15.85 18.86
N ASP A 380 19.08 -16.77 19.58
CA ASP A 380 19.10 -18.21 19.26
C ASP A 380 18.30 -18.55 18.00
N LYS A 381 17.51 -17.58 17.54
CA LYS A 381 16.64 -17.80 16.39
C LYS A 381 17.17 -17.10 15.14
N TRP A 382 18.22 -16.30 15.33
CA TRP A 382 18.75 -15.46 14.26
C TRP A 382 18.98 -16.19 12.95
N GLN A 383 19.55 -17.38 13.02
CA GLN A 383 19.85 -18.16 11.81
C GLN A 383 18.60 -18.37 10.95
N ALA A 384 17.45 -18.42 11.61
CA ALA A 384 16.18 -18.69 10.94
C ALA A 384 15.64 -17.47 10.20
N VAL A 385 16.14 -16.29 10.58
CA VAL A 385 15.92 -15.09 9.77
C VAL A 385 16.82 -15.11 8.55
N GLU A 386 16.24 -14.85 7.39
CA GLU A 386 17.01 -14.63 6.18
C GLU A 386 17.20 -13.13 5.93
N LEU A 387 17.91 -12.49 6.85
CA LEU A 387 18.20 -11.06 6.72
C LEU A 387 19.66 -10.76 7.04
N SER A 388 20.31 -10.02 6.15
CA SER A 388 21.69 -9.60 6.36
C SER A 388 21.95 -9.27 7.82
N ARG A 389 23.03 -9.85 8.36
CA ARG A 389 23.50 -9.56 9.72
C ARG A 389 23.16 -8.14 10.14
N GLU A 390 23.69 -7.18 9.38
CA GLU A 390 23.47 -5.72 9.55
C GLU A 390 22.12 -5.28 10.14
N HIS A 391 21.03 -5.92 9.70
CA HIS A 391 19.67 -5.41 9.94
C HIS A 391 19.01 -6.09 11.12
N LEU A 392 19.77 -6.89 11.85
CA LEU A 392 19.21 -7.69 12.92
C LEU A 392 19.44 -7.09 14.29
N ALA A 393 18.68 -7.54 15.28
CA ALA A 393 18.80 -7.05 16.66
C ALA A 393 18.01 -7.93 17.63
N SER A 394 18.51 -8.03 18.86
CA SER A 394 17.79 -8.71 19.94
C SER A 394 16.40 -8.12 20.14
N SER A 395 15.47 -8.94 20.63
CA SER A 395 14.06 -8.55 20.69
C SER A 395 13.55 -8.38 22.13
N ARG A 396 14.38 -8.73 23.11
CA ARG A 396 14.04 -8.53 24.53
C ARG A 396 14.90 -7.43 25.18
N THR A 397 15.53 -6.62 24.35
CA THR A 397 16.28 -5.45 24.79
C THR A 397 15.66 -4.19 24.17
N CYS A 398 16.35 -3.06 24.27
CA CYS A 398 16.00 -1.87 23.47
C CYS A 398 17.22 -1.28 22.76
N ASP A 399 18.23 -2.12 22.54
CA ASP A 399 19.51 -1.72 21.97
C ASP A 399 19.39 -1.33 20.50
N PHE A 400 18.56 -2.07 19.76
CA PHE A 400 18.35 -1.82 18.33
C PHE A 400 18.31 -0.33 17.99
N GLU A 401 17.61 0.43 18.81
CA GLU A 401 17.34 1.84 18.55
C GLU A 401 18.55 2.58 17.99
N GLN A 402 19.56 2.78 18.83
CA GLN A 402 20.74 3.57 18.44
C GLN A 402 21.69 2.81 17.49
N GLN A 403 21.56 1.48 17.49
CA GLN A 403 22.27 0.65 16.52
C GLN A 403 21.66 0.79 15.12
N PHE A 404 20.33 0.91 15.07
CA PHE A 404 19.61 1.11 13.80
C PHE A 404 19.61 2.58 13.41
N LEU A 405 19.23 3.43 14.36
CA LEU A 405 19.32 4.84 14.15
C LEU A 405 20.78 5.09 13.86
N GLY A 406 21.61 4.39 14.61
CA GLY A 406 23.02 4.33 14.28
C GLY A 406 23.23 3.74 12.91
N ALA A 407 22.45 2.70 12.61
CA ALA A 407 22.63 1.95 11.36
C ALA A 407 22.26 2.80 10.15
N THR A 408 21.17 3.54 10.27
CA THR A 408 20.79 4.52 9.27
C THR A 408 20.44 5.76 10.04
N GLY A 409 20.96 6.90 9.63
CA GLY A 409 20.53 8.18 10.19
C GLY A 409 19.03 8.33 10.07
N GLY A 410 18.37 8.65 11.18
CA GLY A 410 16.98 9.03 11.12
C GLY A 410 16.81 10.02 10.01
N ARG A 411 15.72 9.92 9.25
CA ARG A 411 14.64 8.99 9.54
C ARG A 411 15.12 7.54 9.56
N GLY A 412 14.70 6.79 10.57
CA GLY A 412 14.90 5.35 10.61
C GLY A 412 13.91 4.61 9.74
N VAL A 413 12.85 4.10 10.33
CA VAL A 413 11.89 3.29 9.60
C VAL A 413 10.62 4.05 9.29
N ASP A 414 10.09 3.83 8.08
CA ASP A 414 8.85 4.45 7.66
C ASP A 414 7.64 3.82 8.33
N VAL A 415 7.68 2.51 8.54
CA VAL A 415 6.55 1.78 9.10
C VAL A 415 6.98 0.86 10.24
N VAL A 416 6.08 0.64 11.19
CA VAL A 416 6.34 -0.30 12.28
C VAL A 416 5.18 -1.25 12.56
N LEU A 417 5.48 -2.54 12.44
CA LEU A 417 4.54 -3.63 12.79
C LEU A 417 4.92 -4.24 14.14
N ASN A 418 4.52 -3.56 15.21
CA ASN A 418 5.00 -3.89 16.55
C ASN A 418 4.10 -4.92 17.20
N SER A 419 4.72 -5.93 17.83
CA SER A 419 4.00 -6.84 18.71
C SER A 419 4.40 -6.64 20.18
N LEU A 420 5.67 -6.29 20.41
CA LEU A 420 6.15 -5.98 21.76
C LEU A 420 5.41 -4.79 22.38
N ALA A 421 4.52 -5.08 23.31
CA ALA A 421 3.84 -4.04 24.08
C ALA A 421 4.65 -3.61 25.32
N GLY A 422 3.96 -2.96 26.27
CA GLY A 422 4.63 -2.45 27.47
C GLY A 422 5.60 -1.32 27.16
N GLU A 423 6.80 -1.41 27.73
CA GLU A 423 7.81 -0.36 27.59
C GLU A 423 8.76 -0.65 26.42
N PHE A 424 8.69 -1.87 25.91
CA PHE A 424 9.42 -2.24 24.70
C PHE A 424 8.81 -1.57 23.48
N ALA A 425 7.53 -1.21 23.59
CA ALA A 425 6.79 -0.54 22.52
C ALA A 425 7.20 0.93 22.36
N ASP A 426 7.77 1.50 23.42
CA ASP A 426 8.11 2.92 23.43
C ASP A 426 9.37 3.20 22.62
N ALA A 427 10.43 2.46 22.91
CA ALA A 427 11.68 2.57 22.14
C ALA A 427 11.42 2.31 20.65
N SER A 428 10.29 1.69 20.35
CA SER A 428 9.85 1.48 18.98
C SER A 428 9.62 2.80 18.25
N LEU A 429 8.78 3.65 18.84
CA LEU A 429 8.27 4.83 18.15
C LEU A 429 9.34 5.89 17.93
N ARG A 430 10.43 5.81 18.70
CA ARG A 430 11.57 6.69 18.48
C ARG A 430 12.39 6.26 17.27
N MET A 431 12.19 5.03 16.82
CA MET A 431 12.39 4.70 15.40
C MET A 431 11.31 5.40 14.60
N LEU A 432 11.65 5.81 13.37
CA LEU A 432 10.73 6.58 12.51
C LEU A 432 10.37 7.98 13.04
N PRO A 433 11.37 8.73 13.52
CA PRO A 433 11.09 10.07 14.01
C PRO A 433 10.58 10.94 12.87
N ARG A 434 11.18 10.78 11.69
CA ARG A 434 10.79 11.55 10.51
C ARG A 434 9.28 11.73 10.42
N GLY A 435 8.56 10.69 10.79
CA GLY A 435 7.15 10.60 10.52
C GLY A 435 6.85 9.16 10.23
N GLY A 436 5.60 8.86 9.89
CA GLY A 436 5.26 7.57 9.33
C GLY A 436 4.15 6.89 10.08
N ARG A 437 3.90 5.62 9.75
CA ARG A 437 2.74 4.91 10.24
C ARG A 437 3.16 3.82 11.24
N PHE A 438 2.28 3.54 12.20
CA PHE A 438 2.62 2.63 13.30
C PHE A 438 1.45 1.70 13.62
N LEU A 439 1.71 0.40 13.63
CA LEU A 439 0.66 -0.60 13.78
C LEU A 439 0.85 -1.43 15.05
N GLU A 440 -0.19 -1.51 15.86
CA GLU A 440 -0.11 -2.27 17.09
C GLU A 440 -0.93 -3.54 17.06
N LEU A 441 -0.33 -4.62 17.55
CA LEU A 441 -0.95 -5.94 17.56
C LEU A 441 -1.42 -6.30 18.97
N GLY A 442 -0.62 -5.92 19.96
CA GLY A 442 -0.85 -6.34 21.35
C GLY A 442 -1.97 -5.60 22.06
N LYS A 443 -2.94 -6.35 22.56
CA LYS A 443 -4.11 -5.77 23.24
C LYS A 443 -3.79 -5.22 24.62
N THR A 444 -2.93 -5.92 25.36
CA THR A 444 -2.47 -5.43 26.65
C THR A 444 -1.60 -4.19 26.46
N ASP A 445 -1.91 -3.14 27.23
CA ASP A 445 -1.39 -1.78 26.99
C ASP A 445 -1.61 -1.29 25.55
N VAL A 446 -2.87 -1.33 25.12
CA VAL A 446 -3.31 -0.70 23.88
C VAL A 446 -3.46 0.81 24.10
N ARG A 447 -3.32 1.59 23.03
CA ARG A 447 -3.14 3.04 23.16
C ARG A 447 -4.20 3.85 22.39
N ASP A 448 -4.03 5.17 22.38
CA ASP A 448 -4.93 6.07 21.66
C ASP A 448 -4.19 6.86 20.58
N PRO A 449 -4.74 6.90 19.35
CA PRO A 449 -4.12 7.53 18.18
C PRO A 449 -3.79 9.01 18.39
N VAL A 450 -4.73 9.76 18.97
CA VAL A 450 -4.50 11.18 19.26
C VAL A 450 -3.49 11.36 20.39
N GLU A 451 -3.60 10.53 21.42
CA GLU A 451 -2.64 10.54 22.54
C GLU A 451 -1.28 9.93 22.17
N VAL A 452 -1.22 9.24 21.04
CA VAL A 452 0.05 8.84 20.45
C VAL A 452 0.70 10.02 19.74
N ALA A 453 -0.12 10.73 18.97
CA ALA A 453 0.29 11.99 18.35
C ALA A 453 0.82 12.96 19.41
N ASP A 454 0.31 12.81 20.62
CA ASP A 454 0.88 13.47 21.80
C ASP A 454 2.38 13.26 21.90
N ALA A 455 2.79 12.00 22.01
CA ALA A 455 4.17 11.66 22.35
C ALA A 455 5.14 12.03 21.22
N HIS A 456 4.75 11.71 19.98
CA HIS A 456 5.60 11.97 18.82
C HIS A 456 4.87 12.75 17.76
N PRO A 457 5.58 13.67 17.10
CA PRO A 457 5.03 14.36 15.94
C PRO A 457 5.16 13.52 14.67
N GLY A 458 4.25 13.73 13.71
CA GLY A 458 4.39 13.15 12.39
C GLY A 458 3.72 11.80 12.22
N VAL A 459 3.52 11.10 13.33
CA VAL A 459 3.28 9.65 13.31
C VAL A 459 1.79 9.33 13.53
N SER A 460 1.14 8.79 12.51
CA SER A 460 -0.18 8.21 12.67
C SER A 460 -0.09 6.80 13.21
N TYR A 461 -1.14 6.37 13.92
CA TYR A 461 -1.08 5.16 14.71
C TYR A 461 -2.42 4.44 14.68
N GLN A 462 -2.38 3.17 14.31
CA GLN A 462 -3.59 2.35 14.19
C GLN A 462 -3.39 1.05 14.93
N ALA A 463 -4.35 0.70 15.79
CA ALA A 463 -4.28 -0.55 16.53
C ALA A 463 -5.38 -1.50 16.04
N PHE A 464 -4.97 -2.61 15.44
CA PHE A 464 -5.87 -3.38 14.58
C PHE A 464 -6.05 -4.81 15.00
N ASP A 465 -7.17 -5.40 14.55
CA ASP A 465 -7.42 -6.82 14.58
C ASP A 465 -7.77 -7.25 13.16
N THR A 466 -7.17 -8.33 12.68
CA THR A 466 -7.34 -8.72 11.29
C THR A 466 -8.79 -8.96 10.93
N VAL A 467 -9.57 -9.51 11.86
CA VAL A 467 -10.97 -9.79 11.59
C VAL A 467 -11.71 -8.50 11.26
N GLU A 468 -11.10 -7.38 11.63
CA GLU A 468 -11.66 -6.05 11.36
C GLU A 468 -11.94 -5.85 9.87
N ALA A 469 -11.02 -6.32 9.03
CA ALA A 469 -11.15 -6.18 7.58
C ALA A 469 -12.50 -6.66 7.08
N GLY A 470 -13.03 -7.71 7.71
CA GLY A 470 -14.34 -8.24 7.36
C GLY A 470 -14.29 -9.30 6.28
N PRO A 471 -15.27 -10.20 6.28
CA PRO A 471 -15.38 -11.32 5.36
C PRO A 471 -15.13 -10.91 3.92
N GLN A 472 -15.70 -9.77 3.52
CA GLN A 472 -15.49 -9.28 2.17
C GLN A 472 -14.00 -9.09 1.89
N ARG A 473 -13.30 -8.45 2.82
CA ARG A 473 -11.91 -8.09 2.59
C ARG A 473 -10.98 -9.29 2.76
N ILE A 474 -11.30 -10.16 3.71
CA ILE A 474 -10.46 -11.32 3.97
C ILE A 474 -10.37 -12.21 2.73
N GLY A 475 -11.52 -12.67 2.25
CA GLY A 475 -11.57 -13.48 1.03
C GLY A 475 -10.81 -12.88 -0.13
N GLU A 476 -10.83 -11.55 -0.22
CA GLU A 476 -10.09 -10.83 -1.26
C GLU A 476 -8.58 -10.81 -0.99
N MET A 477 -8.19 -10.72 0.27
CA MET A 477 -6.78 -10.88 0.65
C MET A 477 -6.32 -12.34 0.52
N LEU A 478 -7.19 -13.27 0.90
CA LEU A 478 -6.91 -14.70 0.73
C LEU A 478 -6.61 -15.04 -0.73
N HIS A 479 -7.51 -14.64 -1.63
CA HIS A 479 -7.29 -14.88 -3.06
C HIS A 479 -6.04 -14.21 -3.56
N GLU A 480 -5.69 -13.07 -2.98
CA GLU A 480 -4.52 -12.33 -3.41
C GLU A 480 -3.21 -12.91 -2.88
N LEU A 481 -3.24 -13.47 -1.67
CA LEU A 481 -2.07 -14.13 -1.09
C LEU A 481 -1.70 -15.42 -1.83
N VAL A 482 -2.69 -16.31 -1.97
CA VAL A 482 -2.52 -17.52 -2.75
C VAL A 482 -1.76 -17.24 -4.05
N GLU A 483 -2.25 -16.27 -4.81
CA GLU A 483 -1.58 -15.87 -6.04
C GLU A 483 -0.07 -15.74 -5.81
N LEU A 484 0.31 -15.10 -4.73
CA LEU A 484 1.72 -14.88 -4.43
C LEU A 484 2.44 -16.19 -4.12
N PHE A 485 1.76 -17.07 -3.37
CA PHE A 485 2.33 -18.36 -2.99
C PHE A 485 2.66 -19.19 -4.20
N GLU A 486 1.70 -19.31 -5.12
CA GLU A 486 1.88 -20.08 -6.35
C GLU A 486 2.84 -19.39 -7.31
N GLY A 487 2.93 -18.08 -7.21
CA GLY A 487 3.98 -17.31 -7.88
C GLY A 487 5.36 -17.56 -7.30
N ARG A 488 5.42 -18.38 -6.24
CA ARG A 488 6.67 -18.69 -5.54
C ARG A 488 7.35 -17.43 -5.03
N VAL A 489 6.59 -16.61 -4.31
CA VAL A 489 7.08 -15.34 -3.78
C VAL A 489 6.88 -15.31 -2.27
N LEU A 490 5.94 -16.13 -1.80
CA LEU A 490 5.82 -16.39 -0.38
C LEU A 490 5.88 -17.89 -0.13
N GLU A 491 6.54 -18.27 0.96
CA GLU A 491 6.61 -19.66 1.34
C GLU A 491 6.09 -19.85 2.75
N PRO A 492 5.26 -20.89 2.94
CA PRO A 492 4.64 -21.10 4.24
C PRO A 492 5.69 -21.33 5.31
N LEU A 493 5.37 -20.97 6.55
CA LEU A 493 6.37 -21.00 7.61
C LEU A 493 6.74 -22.44 7.99
N PRO A 494 7.94 -22.60 8.57
CA PRO A 494 8.30 -23.81 9.30
C PRO A 494 7.18 -24.25 10.25
N VAL A 495 6.75 -25.49 10.10
CA VAL A 495 5.70 -26.06 10.93
C VAL A 495 6.31 -26.99 11.96
N THR A 496 5.85 -26.88 13.21
CA THR A 496 6.11 -27.89 14.24
C THR A 496 4.77 -28.37 14.76
N ALA A 497 4.43 -29.63 14.48
CA ALA A 497 3.06 -30.10 14.67
C ALA A 497 2.84 -30.94 15.94
N TRP A 498 1.59 -31.03 16.37
CA TRP A 498 1.19 -31.84 17.53
C TRP A 498 -0.20 -32.36 17.29
N ASP A 499 -0.57 -33.42 17.99
CA ASP A 499 -1.94 -33.94 17.92
C ASP A 499 -2.80 -33.23 18.95
N VAL A 500 -4.02 -32.86 18.55
CA VAL A 500 -4.89 -32.09 19.45
C VAL A 500 -4.90 -32.66 20.86
N ARG A 501 -4.89 -33.99 20.97
CA ARG A 501 -4.93 -34.63 22.27
C ARG A 501 -3.73 -34.24 23.13
N GLN A 502 -2.73 -33.64 22.52
CA GLN A 502 -1.54 -33.20 23.24
C GLN A 502 -1.34 -31.69 23.25
N ALA A 503 -2.43 -30.94 23.11
CA ALA A 503 -2.35 -29.47 23.01
C ALA A 503 -1.56 -28.80 24.13
N PRO A 504 -1.74 -29.29 25.39
CA PRO A 504 -1.05 -28.69 26.54
C PRO A 504 0.46 -28.61 26.34
N GLU A 505 1.06 -29.71 25.89
CA GLU A 505 2.48 -29.71 25.58
C GLU A 505 2.79 -28.65 24.53
N ALA A 506 1.92 -28.49 23.55
CA ALA A 506 2.15 -27.57 22.44
C ALA A 506 2.01 -26.12 22.88
N LEU A 507 0.96 -25.82 23.62
CA LEU A 507 0.72 -24.45 24.07
C LEU A 507 1.76 -23.99 25.11
N ARG A 508 2.24 -24.92 25.94
CA ARG A 508 3.34 -24.64 26.84
C ARG A 508 4.55 -24.20 26.06
N HIS A 509 4.86 -24.93 24.99
CA HIS A 509 5.95 -24.58 24.10
C HIS A 509 5.73 -23.21 23.58
N LEU A 510 4.52 -22.98 23.07
CA LEU A 510 4.15 -21.73 22.41
C LEU A 510 4.31 -20.53 23.35
N SER A 511 3.83 -20.68 24.58
CA SER A 511 3.82 -19.59 25.55
C SER A 511 5.21 -19.35 26.12
N GLN A 512 6.06 -20.37 26.06
CA GLN A 512 7.45 -20.22 26.49
C GLN A 512 8.31 -19.64 25.39
N ALA A 513 7.74 -19.49 24.20
CA ALA A 513 8.43 -18.86 23.08
C ALA A 513 9.70 -19.62 22.68
N ARG A 514 9.65 -20.95 22.76
CA ARG A 514 10.77 -21.82 22.37
C ARG A 514 10.84 -21.97 20.86
N HIS A 515 9.72 -21.76 20.19
CA HIS A 515 9.51 -22.18 18.80
C HIS A 515 10.08 -21.22 17.80
N VAL A 516 10.15 -21.67 16.55
CA VAL A 516 10.34 -20.80 15.42
C VAL A 516 9.24 -21.10 14.43
N GLY A 517 8.86 -20.12 13.63
CA GLY A 517 7.78 -20.31 12.66
C GLY A 517 6.45 -20.53 13.34
N LYS A 518 5.74 -21.59 12.94
CA LYS A 518 4.37 -21.78 13.35
C LYS A 518 4.19 -23.13 14.04
N LEU A 519 3.38 -23.16 15.10
CA LEU A 519 2.91 -24.44 15.64
C LEU A 519 1.58 -24.77 14.99
N VAL A 520 1.20 -26.04 15.00
CA VAL A 520 -0.05 -26.50 14.35
C VAL A 520 -0.59 -27.72 15.09
N LEU A 521 -1.91 -27.82 15.18
CA LEU A 521 -2.52 -29.01 15.75
C LEU A 521 -3.17 -29.87 14.66
N THR A 522 -2.99 -31.17 14.78
CA THR A 522 -3.58 -32.09 13.83
C THR A 522 -4.71 -32.83 14.52
N MET A 523 -5.77 -33.10 13.79
CA MET A 523 -6.85 -33.91 14.33
C MET A 523 -6.54 -35.40 14.17
N PRO A 524 -7.10 -36.23 15.06
CA PRO A 524 -6.86 -37.67 15.02
C PRO A 524 -7.07 -38.24 13.63
N PRO A 525 -6.17 -39.13 13.18
CA PRO A 525 -6.23 -39.54 11.78
C PRO A 525 -7.51 -40.32 11.49
N VAL A 526 -8.06 -40.12 10.30
CA VAL A 526 -9.30 -40.78 9.93
C VAL A 526 -9.29 -41.17 8.46
N TRP A 527 -9.31 -42.47 8.21
CA TRP A 527 -9.28 -42.97 6.85
C TRP A 527 -10.61 -42.78 6.22
N ASP A 528 -10.62 -42.27 5.00
CA ASP A 528 -11.84 -42.24 4.18
C ASP A 528 -12.45 -43.66 4.07
N ALA A 529 -13.59 -43.88 4.73
CA ALA A 529 -14.24 -45.17 4.67
C ALA A 529 -14.58 -45.55 3.23
N ALA A 530 -14.63 -44.55 2.35
CA ALA A 530 -14.81 -44.78 0.92
C ALA A 530 -13.54 -45.28 0.21
N GLY A 531 -12.38 -45.02 0.81
CA GLY A 531 -11.11 -45.01 0.07
C GLY A 531 -10.37 -46.34 0.07
N THR A 532 -9.29 -46.40 -0.68
CA THR A 532 -8.45 -47.59 -0.75
C THR A 532 -7.38 -47.64 0.36
N VAL A 533 -7.08 -48.85 0.82
CA VAL A 533 -6.01 -49.05 1.77
C VAL A 533 -4.99 -50.04 1.20
N LEU A 534 -3.72 -49.67 1.27
CA LEU A 534 -2.61 -50.42 0.64
C LEU A 534 -1.78 -51.09 1.75
N VAL A 535 -1.64 -52.40 1.69
CA VAL A 535 -0.80 -53.06 2.66
C VAL A 535 0.43 -53.68 2.01
N THR A 536 1.61 -53.15 2.33
CA THR A 536 2.84 -53.74 1.84
C THR A 536 3.20 -54.99 2.64
N GLY A 537 3.63 -56.04 1.94
CA GLY A 537 3.84 -57.34 2.57
C GLY A 537 2.57 -57.85 3.20
N GLY A 538 1.48 -57.82 2.43
CA GLY A 538 0.18 -58.32 2.90
C GLY A 538 0.06 -59.83 2.89
N THR A 539 1.19 -60.51 2.67
CA THR A 539 1.26 -61.96 2.65
C THR A 539 1.75 -62.42 4.02
N GLY A 540 2.49 -61.56 4.68
CA GLY A 540 3.29 -61.95 5.85
C GLY A 540 2.43 -62.15 7.07
N ALA A 541 3.03 -62.69 8.13
CA ALA A 541 2.27 -63.11 9.29
C ALA A 541 1.34 -62.01 9.75
N LEU A 542 1.89 -60.81 9.91
CA LEU A 542 1.12 -59.64 10.31
C LEU A 542 0.24 -59.05 9.20
N GLY A 543 0.80 -58.90 8.01
CA GLY A 543 0.09 -58.23 6.92
C GLY A 543 -1.24 -58.89 6.59
N ALA A 544 -1.23 -60.21 6.42
CA ALA A 544 -2.46 -61.00 6.25
C ALA A 544 -3.50 -60.70 7.33
N GLU A 545 -3.14 -60.94 8.58
CA GLU A 545 -3.99 -60.62 9.71
C GLU A 545 -4.59 -59.21 9.63
N VAL A 546 -3.73 -58.19 9.56
CA VAL A 546 -4.19 -56.80 9.37
C VAL A 546 -5.09 -56.67 8.12
N ALA A 547 -4.68 -57.32 7.04
CA ALA A 547 -5.49 -57.37 5.84
C ALA A 547 -6.88 -57.94 6.14
N ARG A 548 -6.93 -59.03 6.92
CA ARG A 548 -8.19 -59.68 7.26
C ARG A 548 -9.01 -58.80 8.20
N HIS A 549 -8.33 -58.19 9.16
CA HIS A 549 -8.99 -57.41 10.18
C HIS A 549 -9.58 -56.16 9.58
N LEU A 550 -8.93 -55.66 8.54
CA LEU A 550 -9.37 -54.44 7.87
C LEU A 550 -10.68 -54.66 7.10
N VAL A 551 -10.74 -55.77 6.37
CA VAL A 551 -11.93 -56.12 5.63
C VAL A 551 -13.03 -56.71 6.51
N ILE A 552 -12.68 -57.67 7.35
CA ILE A 552 -13.70 -58.41 8.10
C ILE A 552 -14.32 -57.61 9.27
N GLU A 553 -13.50 -56.85 10.01
CA GLU A 553 -14.03 -56.15 11.17
C GLU A 553 -14.19 -54.65 10.99
N ARG A 554 -13.30 -54.05 10.20
CA ARG A 554 -13.32 -52.60 10.03
C ARG A 554 -14.11 -52.27 8.78
N GLY A 555 -14.21 -50.99 8.47
CA GLY A 555 -14.90 -50.57 7.26
C GLY A 555 -14.40 -51.27 5.99
N VAL A 556 -13.10 -51.42 5.89
CA VAL A 556 -12.40 -51.44 4.60
C VAL A 556 -13.03 -52.38 3.53
N ARG A 557 -13.18 -51.84 2.32
CA ARG A 557 -13.84 -52.56 1.25
C ARG A 557 -13.12 -52.31 -0.08
N ASN A 558 -12.01 -51.57 -0.01
CA ASN A 558 -11.04 -51.55 -1.11
C ASN A 558 -9.58 -51.73 -0.64
N LEU A 559 -8.99 -52.87 -1.01
CA LEU A 559 -7.63 -53.24 -0.60
C LEU A 559 -6.73 -53.35 -1.81
N VAL A 560 -5.51 -52.84 -1.70
CA VAL A 560 -4.38 -53.36 -2.47
C VAL A 560 -3.38 -54.00 -1.52
N LEU A 561 -3.01 -55.24 -1.82
CA LEU A 561 -1.95 -55.90 -1.11
C LEU A 561 -0.76 -55.98 -2.03
N VAL A 562 0.42 -56.02 -1.46
CA VAL A 562 1.60 -55.89 -2.27
C VAL A 562 2.77 -56.59 -1.60
N SER A 563 3.42 -57.45 -2.38
CA SER A 563 4.52 -58.26 -1.90
C SER A 563 5.33 -58.64 -3.12
N ARG A 564 6.57 -59.04 -2.92
CA ARG A 564 7.46 -59.30 -4.05
C ARG A 564 6.89 -60.35 -4.98
N ARG A 565 6.50 -61.49 -4.42
CA ARG A 565 5.99 -62.59 -5.23
C ARG A 565 4.56 -62.37 -5.69
N GLY A 566 3.81 -61.55 -4.96
CA GLY A 566 2.40 -61.30 -5.27
C GLY A 566 1.56 -62.57 -5.19
N PRO A 567 0.56 -62.70 -6.07
CA PRO A 567 -0.44 -63.76 -5.94
C PRO A 567 0.18 -65.15 -6.06
N ALA A 568 1.48 -65.22 -6.33
CA ALA A 568 2.13 -66.46 -6.71
C ALA A 568 2.65 -67.22 -5.50
N ALA A 569 2.80 -66.52 -4.38
CA ALA A 569 3.22 -67.14 -3.14
C ALA A 569 2.05 -67.89 -2.50
N SER A 570 2.31 -69.09 -2.02
CA SER A 570 1.34 -69.82 -1.22
C SER A 570 1.01 -69.02 0.02
N GLY A 571 -0.19 -69.20 0.59
CA GLY A 571 -1.43 -69.39 -0.17
C GLY A 571 -2.17 -68.09 -0.39
N ALA A 572 -1.69 -67.30 -1.35
CA ALA A 572 -2.11 -65.94 -1.51
C ALA A 572 -3.36 -65.90 -2.36
N ALA A 573 -3.51 -66.92 -3.20
CA ALA A 573 -4.71 -67.09 -3.97
C ALA A 573 -5.89 -67.25 -3.02
N GLU A 574 -5.73 -68.13 -2.03
CA GLU A 574 -6.73 -68.31 -0.98
C GLU A 574 -6.95 -67.05 -0.14
N LEU A 575 -5.85 -66.46 0.32
CA LEU A 575 -5.90 -65.19 1.04
C LEU A 575 -6.80 -64.17 0.34
N VAL A 576 -6.63 -64.03 -0.98
CA VAL A 576 -7.48 -63.12 -1.72
C VAL A 576 -8.93 -63.60 -1.76
N ALA A 577 -9.17 -64.77 -2.34
CA ALA A 577 -10.49 -65.40 -2.29
C ALA A 577 -11.26 -64.97 -1.06
N GLN A 578 -10.78 -65.43 0.10
CA GLN A 578 -11.34 -65.09 1.40
C GLN A 578 -11.88 -63.65 1.53
N LEU A 579 -11.01 -62.67 1.28
CA LEU A 579 -11.42 -61.28 1.41
C LEU A 579 -12.42 -60.88 0.34
N THR A 580 -12.09 -61.14 -0.93
CA THR A 580 -12.99 -60.78 -2.00
C THR A 580 -14.36 -61.39 -1.75
N ALA A 581 -14.38 -62.46 -0.96
CA ALA A 581 -15.62 -63.18 -0.69
C ALA A 581 -16.43 -62.47 0.38
N TYR A 582 -15.73 -61.88 1.34
CA TYR A 582 -16.36 -60.93 2.25
C TYR A 582 -16.77 -59.65 1.53
N GLY A 583 -16.79 -59.71 0.20
CA GLY A 583 -17.45 -58.68 -0.61
C GLY A 583 -16.58 -57.48 -0.95
N ALA A 584 -15.26 -57.66 -0.91
CA ALA A 584 -14.33 -56.52 -1.01
C ALA A 584 -13.62 -56.46 -2.37
N GLU A 585 -13.22 -55.25 -2.75
CA GLU A 585 -12.44 -55.05 -3.97
C GLU A 585 -10.93 -55.25 -3.70
N VAL A 586 -10.51 -56.51 -3.62
CA VAL A 586 -9.13 -56.83 -3.25
C VAL A 586 -8.24 -57.03 -4.47
N SER A 587 -7.08 -56.37 -4.47
CA SER A 587 -6.00 -56.63 -5.44
C SER A 587 -4.72 -57.02 -4.72
N LEU A 588 -4.15 -58.15 -5.10
CA LEU A 588 -2.80 -58.50 -4.66
C LEU A 588 -1.80 -58.43 -5.82
N GLN A 589 -0.98 -57.40 -5.85
CA GLN A 589 0.00 -57.28 -6.94
C GLN A 589 1.45 -57.61 -6.54
N ALA A 590 2.16 -58.28 -7.43
CA ALA A 590 3.56 -58.57 -7.20
C ALA A 590 4.39 -57.34 -7.47
N CYS A 591 5.02 -56.82 -6.42
CA CYS A 591 5.76 -55.56 -6.54
C CYS A 591 6.75 -55.42 -5.42
N ASP A 592 7.99 -55.10 -5.78
CA ASP A 592 8.98 -54.82 -4.78
C ASP A 592 8.87 -53.36 -4.39
N VAL A 593 8.44 -53.08 -3.16
CA VAL A 593 8.21 -51.69 -2.76
C VAL A 593 9.43 -50.80 -2.97
N ALA A 594 10.60 -51.41 -3.02
CA ALA A 594 11.85 -50.65 -3.13
C ALA A 594 12.12 -50.21 -4.57
N ASP A 595 11.34 -50.75 -5.50
CA ASP A 595 11.37 -50.30 -6.89
C ASP A 595 10.30 -49.24 -7.12
N ARG A 596 10.68 -47.98 -6.95
CA ARG A 596 9.73 -46.89 -7.10
C ARG A 596 8.93 -46.97 -8.41
N GLU A 597 9.57 -47.40 -9.49
CA GLU A 597 8.88 -47.47 -10.78
C GLU A 597 7.71 -48.45 -10.76
N THR A 598 7.87 -49.58 -10.07
CA THR A 598 6.79 -50.54 -9.91
C THR A 598 5.69 -50.07 -8.94
N LEU A 599 6.10 -49.47 -7.82
CA LEU A 599 5.14 -48.89 -6.87
C LEU A 599 4.21 -47.93 -7.58
N ALA A 600 4.80 -47.05 -8.40
CA ALA A 600 4.04 -46.05 -9.14
C ALA A 600 2.98 -46.74 -9.97
N LYS A 601 3.40 -47.79 -10.66
CA LYS A 601 2.51 -48.57 -11.51
C LYS A 601 1.33 -49.05 -10.68
N VAL A 602 1.60 -49.44 -9.45
CA VAL A 602 0.54 -49.93 -8.60
C VAL A 602 -0.40 -48.82 -8.17
N LEU A 603 0.10 -47.84 -7.42
CA LEU A 603 -0.73 -46.71 -6.96
C LEU A 603 -1.62 -46.14 -8.09
N ALA A 604 -1.03 -45.93 -9.27
CA ALA A 604 -1.76 -45.37 -10.40
C ALA A 604 -2.96 -46.23 -10.80
N SER A 605 -2.85 -47.53 -10.59
CA SER A 605 -3.94 -48.44 -10.95
C SER A 605 -5.03 -48.59 -9.87
N ILE A 606 -4.91 -47.84 -8.78
CA ILE A 606 -6.03 -47.63 -7.86
C ILE A 606 -7.09 -46.73 -8.53
N PRO A 607 -8.38 -47.16 -8.49
CA PRO A 607 -9.42 -46.46 -9.25
C PRO A 607 -9.81 -45.12 -8.61
N ASP A 608 -10.22 -44.17 -9.43
CA ASP A 608 -10.35 -42.78 -9.01
C ASP A 608 -11.40 -42.60 -7.92
N GLU A 609 -12.41 -43.48 -7.90
CA GLU A 609 -13.54 -43.31 -6.98
C GLU A 609 -13.27 -43.87 -5.58
N HIS A 610 -12.22 -44.68 -5.46
CA HIS A 610 -11.81 -45.18 -4.15
C HIS A 610 -10.36 -44.85 -3.91
N PRO A 611 -10.05 -43.55 -3.92
CA PRO A 611 -8.66 -43.13 -3.83
C PRO A 611 -8.11 -43.48 -2.45
N LEU A 612 -6.84 -43.79 -2.38
CA LEU A 612 -6.25 -44.37 -1.18
C LEU A 612 -6.12 -43.35 -0.04
N THR A 613 -6.45 -43.78 1.17
CA THR A 613 -6.35 -42.89 2.32
C THR A 613 -5.37 -43.38 3.38
N ALA A 614 -4.84 -44.58 3.20
CA ALA A 614 -3.94 -45.15 4.21
C ALA A 614 -2.94 -46.17 3.65
N VAL A 615 -1.72 -46.18 4.21
CA VAL A 615 -0.72 -47.21 3.91
C VAL A 615 -0.30 -47.96 5.17
N VAL A 616 -0.32 -49.27 5.10
CA VAL A 616 0.27 -50.08 6.16
C VAL A 616 1.52 -50.74 5.65
N HIS A 617 2.66 -50.15 5.97
CA HIS A 617 3.95 -50.63 5.54
C HIS A 617 4.42 -51.71 6.47
N ALA A 618 4.07 -52.95 6.11
CA ALA A 618 4.33 -54.13 6.92
C ALA A 618 5.34 -55.01 6.22
N ALA A 619 5.88 -54.50 5.12
CA ALA A 619 6.92 -55.20 4.37
C ALA A 619 8.24 -55.25 5.15
N GLY A 620 8.97 -56.35 5.01
CA GLY A 620 10.18 -56.57 5.81
C GLY A 620 10.98 -57.80 5.42
N VAL A 621 12.29 -57.73 5.65
CA VAL A 621 13.22 -58.85 5.42
C VAL A 621 14.14 -58.98 6.64
N LEU A 622 14.51 -60.22 6.98
CA LEU A 622 15.06 -60.52 8.32
C LEU A 622 16.55 -60.90 8.18
N ASP A 623 17.31 -60.69 9.25
CA ASP A 623 18.65 -61.28 9.36
C ASP A 623 18.95 -61.72 10.78
N ASP A 624 20.02 -62.46 10.94
CA ASP A 624 20.43 -62.87 12.26
C ASP A 624 21.91 -63.07 12.37
N GLY A 625 22.51 -62.43 13.37
CA GLY A 625 23.93 -62.56 13.61
C GLY A 625 24.47 -61.39 14.39
N VAL A 626 25.38 -61.68 15.32
CA VAL A 626 26.07 -60.64 16.07
C VAL A 626 26.83 -59.69 15.12
N SER A 627 27.18 -58.50 15.62
CA SER A 627 27.65 -57.44 14.72
C SER A 627 28.97 -57.81 14.10
N GLU A 628 29.79 -58.57 14.84
CA GLU A 628 31.01 -59.17 14.29
C GLU A 628 30.70 -59.72 12.92
N SER A 629 29.62 -60.50 12.84
CA SER A 629 29.40 -61.41 11.73
C SER A 629 28.69 -60.72 10.59
N LEU A 630 28.17 -59.53 10.85
CA LEU A 630 27.36 -58.85 9.86
C LEU A 630 28.22 -58.37 8.70
N THR A 631 27.62 -58.20 7.54
CA THR A 631 28.31 -57.59 6.41
C THR A 631 27.50 -56.51 5.73
N VAL A 632 28.19 -55.70 4.94
CA VAL A 632 27.56 -54.70 4.09
C VAL A 632 26.44 -55.29 3.25
N GLU A 633 26.70 -56.43 2.60
CA GLU A 633 25.69 -56.97 1.72
C GLU A 633 24.42 -57.35 2.51
N ARG A 634 24.61 -57.87 3.73
CA ARG A 634 23.47 -58.26 4.56
C ARG A 634 22.73 -57.03 5.04
N LEU A 635 23.51 -56.02 5.41
CA LEU A 635 22.94 -54.75 5.82
C LEU A 635 21.93 -54.30 4.80
N ASP A 636 22.29 -54.33 3.52
CA ASP A 636 21.46 -53.72 2.49
C ASP A 636 20.23 -54.58 2.23
N GLN A 637 20.38 -55.88 2.42
CA GLN A 637 19.26 -56.82 2.34
C GLN A 637 18.14 -56.36 3.23
N VAL A 638 18.51 -55.99 4.45
CA VAL A 638 17.54 -55.72 5.50
C VAL A 638 17.01 -54.28 5.43
N LEU A 639 17.84 -53.40 4.88
CA LEU A 639 17.46 -52.02 4.62
C LEU A 639 16.48 -51.87 3.46
N ARG A 640 16.61 -52.69 2.44
CA ARG A 640 15.95 -52.39 1.18
C ARG A 640 14.40 -52.30 1.26
N PRO A 641 13.74 -53.25 1.98
CA PRO A 641 12.27 -53.11 2.03
C PRO A 641 11.81 -52.00 2.99
N LYS A 642 12.52 -51.81 4.09
CA LYS A 642 12.08 -50.88 5.12
C LYS A 642 12.36 -49.43 4.72
N VAL A 643 13.60 -49.17 4.34
CA VAL A 643 14.04 -47.82 4.10
C VAL A 643 13.63 -47.36 2.70
N ASP A 644 14.21 -47.99 1.66
CA ASP A 644 13.89 -47.59 0.27
C ASP A 644 12.39 -47.61 0.07
N GLY A 645 11.74 -48.59 0.70
CA GLY A 645 10.30 -48.78 0.56
C GLY A 645 9.54 -47.65 1.19
N ALA A 646 9.87 -47.34 2.44
CA ALA A 646 9.26 -46.22 3.13
C ALA A 646 9.55 -44.88 2.43
N ARG A 647 10.72 -44.74 1.84
CA ARG A 647 11.04 -43.53 1.09
C ARG A 647 10.20 -43.43 -0.16
N ASN A 648 10.27 -44.46 -1.00
CA ASN A 648 9.38 -44.60 -2.16
C ASN A 648 7.92 -44.25 -1.87
N LEU A 649 7.41 -44.82 -0.77
CA LEU A 649 6.02 -44.62 -0.38
C LEU A 649 5.72 -43.16 -0.11
N LEU A 650 6.50 -42.55 0.77
CA LEU A 650 6.28 -41.17 1.17
C LEU A 650 6.53 -40.18 0.02
N GLU A 651 7.44 -40.55 -0.88
CA GLU A 651 7.66 -39.80 -2.09
C GLU A 651 6.43 -39.79 -2.97
N LEU A 652 5.90 -40.98 -3.22
CA LEU A 652 4.79 -41.20 -4.13
C LEU A 652 3.43 -40.84 -3.53
N ILE A 653 3.28 -41.11 -2.24
CA ILE A 653 2.01 -40.96 -1.57
C ILE A 653 1.57 -39.51 -1.54
N ASP A 654 0.26 -39.30 -1.60
CA ASP A 654 -0.27 -37.98 -1.41
C ASP A 654 -0.09 -37.61 0.05
N PRO A 655 0.26 -36.34 0.32
CA PRO A 655 0.76 -35.87 1.61
C PRO A 655 -0.09 -36.31 2.79
N ASP A 656 -1.40 -36.23 2.65
CA ASP A 656 -2.28 -36.50 3.77
C ASP A 656 -2.95 -37.87 3.75
N VAL A 657 -2.46 -38.75 2.87
CA VAL A 657 -2.54 -40.18 3.10
C VAL A 657 -1.83 -40.53 4.39
N ALA A 658 -2.54 -41.17 5.30
CA ALA A 658 -1.96 -41.68 6.53
C ALA A 658 -0.98 -42.80 6.22
N LEU A 659 0.15 -42.78 6.92
CA LEU A 659 1.21 -43.77 6.71
C LEU A 659 1.47 -44.49 8.01
N VAL A 660 1.27 -45.79 8.04
CA VAL A 660 1.61 -46.57 9.22
C VAL A 660 2.81 -47.49 8.99
N LEU A 661 3.94 -47.12 9.56
CA LEU A 661 5.13 -47.93 9.42
C LEU A 661 5.20 -48.94 10.54
N PHE A 662 5.51 -50.19 10.19
CA PHE A 662 5.78 -51.23 11.21
C PHE A 662 7.31 -51.35 11.47
N SER A 663 7.76 -50.90 12.63
CA SER A 663 9.11 -51.25 13.04
C SER A 663 9.10 -52.43 14.00
N SER A 664 10.15 -52.55 14.81
CA SER A 664 10.26 -53.64 15.75
C SER A 664 10.77 -53.10 17.07
N VAL A 665 10.22 -53.58 18.19
CA VAL A 665 10.73 -53.16 19.48
C VAL A 665 12.23 -53.35 19.55
N SER A 666 12.74 -54.29 18.75
CA SER A 666 14.19 -54.53 18.62
C SER A 666 14.99 -53.26 18.37
N GLY A 667 14.39 -52.32 17.64
CA GLY A 667 15.05 -51.04 17.34
C GLY A 667 15.17 -50.16 18.56
N VAL A 668 14.44 -50.51 19.61
CA VAL A 668 14.30 -49.65 20.77
C VAL A 668 15.07 -50.24 21.95
N LEU A 669 14.99 -51.56 22.09
CA LEU A 669 15.76 -52.28 23.10
C LEU A 669 17.14 -52.61 22.58
N GLY A 670 17.29 -52.68 21.27
CA GLY A 670 18.54 -53.12 20.67
C GLY A 670 18.76 -54.59 20.94
N SER A 671 17.96 -55.42 20.27
CA SER A 671 17.72 -56.78 20.74
C SER A 671 18.95 -57.64 20.67
N GLY A 672 19.85 -57.33 19.76
CA GLY A 672 21.11 -58.04 19.71
C GLY A 672 20.94 -59.41 19.09
N GLY A 673 21.76 -59.70 18.10
CA GLY A 673 21.39 -60.67 17.09
C GLY A 673 20.81 -60.00 15.87
N GLN A 674 20.27 -58.79 16.04
CA GLN A 674 19.74 -58.06 14.88
C GLN A 674 20.15 -56.60 14.79
N GLY A 675 21.44 -56.34 14.93
CA GLY A 675 22.00 -55.03 14.61
C GLY A 675 21.32 -54.40 13.42
N ASN A 676 21.51 -55.00 12.25
CA ASN A 676 21.18 -54.33 11.01
C ASN A 676 19.68 -54.20 10.80
N TYR A 677 18.93 -55.23 11.17
CA TYR A 677 17.48 -55.16 11.20
C TYR A 677 17.03 -54.01 12.08
N ALA A 678 17.64 -53.88 13.25
CA ALA A 678 17.26 -52.85 14.22
C ALA A 678 17.53 -51.43 13.70
N ALA A 679 18.62 -51.27 12.96
CA ALA A 679 18.88 -50.05 12.18
C ALA A 679 17.69 -49.66 11.29
N ALA A 680 17.26 -50.59 10.44
CA ALA A 680 16.09 -50.37 9.60
C ALA A 680 14.89 -49.95 10.43
N ASN A 681 14.60 -50.69 11.48
CA ASN A 681 13.46 -50.36 12.29
C ASN A 681 13.55 -49.02 13.04
N SER A 682 14.75 -48.67 13.49
CA SER A 682 14.95 -47.40 14.13
C SER A 682 14.80 -46.27 13.15
N PHE A 683 15.12 -46.53 11.90
CA PHE A 683 14.87 -45.53 10.89
C PHE A 683 13.40 -45.22 10.81
N LEU A 684 12.59 -46.27 10.63
CA LEU A 684 11.12 -46.11 10.57
C LEU A 684 10.60 -45.28 11.76
N ASP A 685 10.95 -45.71 12.96
CA ASP A 685 10.60 -44.95 14.16
C ASP A 685 10.99 -43.45 14.05
N ALA A 686 12.20 -43.17 13.57
CA ALA A 686 12.64 -41.78 13.40
C ALA A 686 11.92 -41.05 12.23
N LEU A 687 11.68 -41.76 11.13
CA LEU A 687 10.97 -41.19 9.97
C LEU A 687 9.56 -40.70 10.34
N ALA A 688 8.87 -41.46 11.19
CA ALA A 688 7.55 -41.05 11.65
C ALA A 688 7.63 -39.83 12.56
N GLN A 689 8.58 -39.87 13.49
CA GLN A 689 8.70 -38.83 14.51
C GLN A 689 9.02 -37.48 13.84
N GLN A 690 9.91 -37.52 12.86
CA GLN A 690 10.25 -36.34 12.09
C GLN A 690 9.09 -35.91 11.21
N ARG A 691 8.37 -36.88 10.68
CA ARG A 691 7.38 -36.62 9.64
C ARG A 691 6.08 -36.06 10.21
N GLN A 692 5.62 -36.64 11.32
CA GLN A 692 4.45 -36.11 12.01
C GLN A 692 4.75 -34.71 12.50
N SER A 693 6.00 -34.49 12.91
CA SER A 693 6.43 -33.17 13.32
C SER A 693 6.28 -32.14 12.20
N ARG A 694 6.64 -32.51 10.99
CA ARG A 694 6.48 -31.61 9.87
C ARG A 694 5.01 -31.47 9.51
N GLY A 695 4.17 -32.26 10.16
CA GLY A 695 2.71 -32.10 10.03
C GLY A 695 1.94 -33.28 9.43
N LEU A 696 2.64 -34.13 8.68
CA LEU A 696 1.99 -35.18 7.90
C LEU A 696 1.51 -36.35 8.76
N PRO A 697 0.41 -37.01 8.36
CA PRO A 697 -0.16 -38.07 9.19
C PRO A 697 0.69 -39.35 9.18
N THR A 698 1.59 -39.48 10.13
CA THR A 698 2.42 -40.66 10.17
C THR A 698 2.50 -41.26 11.54
N ARG A 699 2.47 -42.59 11.58
CA ARG A 699 2.49 -43.31 12.82
C ARG A 699 3.34 -44.55 12.60
N SER A 700 4.12 -44.90 13.62
CA SER A 700 5.05 -46.02 13.51
C SER A 700 4.96 -46.92 14.74
N LEU A 701 4.67 -48.19 14.50
CA LEU A 701 4.46 -49.11 15.61
C LEU A 701 5.62 -50.09 15.75
N ALA A 702 6.17 -50.16 16.97
CA ALA A 702 7.36 -50.94 17.26
C ALA A 702 6.95 -52.28 17.85
N TRP A 703 6.38 -53.14 17.02
CA TRP A 703 5.86 -54.43 17.46
C TRP A 703 6.89 -55.20 18.21
N GLY A 704 6.50 -55.78 19.34
CA GLY A 704 7.19 -56.94 19.91
C GLY A 704 6.73 -58.22 19.25
N PRO A 705 7.13 -59.37 19.81
CA PRO A 705 6.86 -60.64 19.12
C PRO A 705 5.38 -60.96 18.98
N TRP A 706 5.02 -61.57 17.86
CA TRP A 706 3.65 -62.05 17.61
C TRP A 706 3.63 -63.55 17.63
N ALA A 707 2.49 -64.12 18.00
CA ALA A 707 2.35 -65.58 18.09
C ALA A 707 2.18 -66.26 16.72
N GLU A 708 1.90 -65.47 15.69
CA GLU A 708 1.04 -65.89 14.58
C GLU A 708 1.62 -66.87 13.54
N HIS A 709 2.88 -66.68 13.12
CA HIS A 709 3.40 -67.45 11.97
C HIS A 709 2.91 -66.86 10.68
N GLY A 710 2.75 -67.69 9.65
CA GLY A 710 2.38 -67.18 8.32
C GLY A 710 1.72 -68.21 7.43
N MET A 711 1.00 -67.74 6.39
CA MET A 711 0.65 -68.62 5.29
C MET A 711 1.82 -69.53 5.11
N ALA A 712 3.00 -68.91 4.95
CA ALA A 712 4.29 -69.59 4.94
C ALA A 712 4.28 -71.12 4.99
N SER A 713 5.20 -71.69 5.76
CA SER A 713 5.16 -71.72 7.23
C SER A 713 4.01 -72.48 7.83
N THR A 714 2.86 -71.85 7.90
CA THR A 714 1.69 -72.59 8.29
C THR A 714 1.55 -73.71 7.29
N LEU A 715 1.69 -73.37 6.03
CA LEU A 715 1.61 -74.32 4.95
C LEU A 715 2.78 -75.32 4.93
N ARG A 716 3.99 -74.86 5.20
CA ARG A 716 5.11 -75.80 5.31
C ARG A 716 4.85 -76.78 6.44
N GLU A 717 4.32 -76.27 7.54
CA GLU A 717 4.08 -77.08 8.73
C GLU A 717 3.06 -78.13 8.42
N ALA A 718 2.01 -77.72 7.71
CA ALA A 718 0.94 -78.62 7.34
C ALA A 718 1.48 -79.72 6.47
N GLU A 719 2.36 -79.37 5.54
CA GLU A 719 2.92 -80.37 4.66
C GLU A 719 3.63 -81.41 5.48
N GLN A 720 4.36 -80.96 6.48
CA GLN A 720 5.07 -81.87 7.35
C GLN A 720 4.11 -82.83 8.08
N ASP A 721 2.97 -82.32 8.55
CA ASP A 721 1.95 -83.17 9.16
C ASP A 721 1.46 -84.21 8.19
N ARG A 722 1.10 -83.76 7.00
CA ARG A 722 0.52 -84.64 6.01
C ARG A 722 1.46 -85.79 5.67
N LEU A 723 2.74 -85.48 5.51
CA LEU A 723 3.72 -86.50 5.14
C LEU A 723 3.91 -87.47 6.27
N ALA A 724 3.89 -86.97 7.49
CA ALA A 724 4.01 -87.83 8.67
C ALA A 724 2.82 -88.76 8.74
N ARG A 725 1.64 -88.18 8.62
CA ARG A 725 0.40 -88.89 8.73
C ARG A 725 0.39 -90.01 7.70
N SER A 726 1.31 -89.92 6.76
CA SER A 726 1.63 -91.07 5.94
C SER A 726 2.78 -91.87 6.52
N GLY A 727 2.74 -92.14 7.81
CA GLY A 727 3.83 -92.90 8.44
C GLY A 727 5.20 -92.71 7.79
N LEU A 728 5.52 -91.45 7.44
CA LEU A 728 6.88 -91.09 7.03
C LEU A 728 7.58 -90.29 8.13
N LEU A 729 8.92 -90.30 8.09
CA LEU A 729 9.72 -89.53 9.05
C LEU A 729 10.76 -88.65 8.36
N PRO A 730 11.08 -87.49 8.98
CA PRO A 730 11.97 -86.52 8.35
C PRO A 730 13.39 -87.06 8.23
N ILE A 731 13.98 -86.86 7.05
CA ILE A 731 15.33 -87.32 6.75
C ILE A 731 16.35 -86.26 7.22
N SER A 732 17.38 -86.69 7.95
CA SER A 732 18.51 -85.83 8.26
C SER A 732 19.08 -85.28 6.97
N THR A 733 19.80 -84.18 7.05
CA THR A 733 20.32 -83.55 5.86
C THR A 733 21.48 -84.34 5.24
N GLU A 734 22.29 -84.97 6.08
CA GLU A 734 23.40 -85.74 5.58
C GLU A 734 22.93 -86.89 4.72
N GLU A 735 21.91 -87.59 5.21
CA GLU A 735 21.35 -88.75 4.50
C GLU A 735 20.60 -88.30 3.24
N GLY A 736 19.93 -87.16 3.35
CA GLY A 736 19.20 -86.58 2.24
C GLY A 736 20.12 -86.28 1.08
N LEU A 737 21.34 -85.86 1.40
CA LEU A 737 22.27 -85.48 0.35
C LEU A 737 23.02 -86.69 -0.21
N SER A 738 23.20 -87.73 0.59
CA SER A 738 23.82 -88.93 0.08
C SER A 738 22.86 -89.64 -0.88
N GLN A 739 21.57 -89.48 -0.62
CA GLN A 739 20.53 -89.98 -1.51
C GLN A 739 20.42 -89.14 -2.78
N PHE A 740 20.35 -87.84 -2.62
CA PHE A 740 20.49 -86.97 -3.76
C PHE A 740 21.63 -87.48 -4.65
N ASP A 741 22.81 -87.64 -4.06
CA ASP A 741 23.98 -88.14 -4.76
C ASP A 741 23.72 -89.45 -5.50
N ALA A 742 23.14 -90.42 -4.78
CA ALA A 742 22.92 -91.76 -5.33
C ALA A 742 21.90 -91.73 -6.48
N ALA A 743 20.80 -91.03 -6.26
CA ALA A 743 19.66 -91.09 -7.17
C ALA A 743 19.93 -90.37 -8.49
N CYS A 744 20.68 -89.27 -8.42
CA CYS A 744 21.04 -88.49 -9.61
C CYS A 744 21.71 -89.32 -10.70
N GLY A 745 22.84 -89.93 -10.33
CA GLY A 745 23.55 -90.84 -11.21
C GLY A 745 23.33 -92.29 -10.82
N GLY A 746 22.17 -92.80 -11.19
CA GLY A 746 21.74 -94.12 -10.77
C GLY A 746 20.64 -94.58 -11.70
N ALA A 747 20.46 -95.89 -11.81
CA ALA A 747 19.84 -96.48 -12.99
C ALA A 747 18.36 -96.08 -13.11
N HIS A 748 17.67 -96.07 -11.99
CA HIS A 748 16.24 -95.84 -12.00
C HIS A 748 15.91 -94.39 -12.28
N THR A 749 14.91 -94.18 -13.12
CA THR A 749 14.66 -92.85 -13.64
C THR A 749 13.75 -92.04 -12.72
N VAL A 750 12.90 -92.74 -11.98
CA VAL A 750 12.10 -92.12 -10.93
C VAL A 750 12.25 -92.90 -9.63
N VAL A 751 12.41 -92.19 -8.54
CA VAL A 751 12.92 -92.80 -7.34
C VAL A 751 12.49 -92.01 -6.09
N ALA A 752 11.95 -92.72 -5.11
CA ALA A 752 11.39 -92.08 -3.92
C ALA A 752 12.26 -92.31 -2.68
N PRO A 753 13.19 -91.38 -2.41
CA PRO A 753 14.03 -91.54 -1.23
C PRO A 753 13.29 -91.13 0.03
N VAL A 754 12.90 -92.11 0.85
CA VAL A 754 12.06 -91.85 2.02
C VAL A 754 12.52 -92.69 3.21
N ARG A 755 12.16 -92.26 4.41
CA ARG A 755 12.33 -93.08 5.61
C ARG A 755 10.96 -93.35 6.21
N PHE A 756 10.53 -94.60 6.19
CA PHE A 756 9.25 -95.01 6.79
C PHE A 756 9.35 -95.19 8.31
N SER A 757 8.20 -95.27 8.97
CA SER A 757 8.14 -95.65 10.37
C SER A 757 7.90 -97.15 10.52
N ARG A 758 6.96 -97.51 11.39
CA ARG A 758 6.82 -98.89 11.85
C ARG A 758 6.11 -99.79 10.85
N LEU A 759 6.24 -101.11 11.04
CA LEU A 759 5.66 -102.13 10.15
C LEU A 759 4.55 -102.90 10.86
N ALA A 764 -0.47 -98.01 7.51
CA ALA A 764 0.14 -98.63 6.34
C ALA A 764 -0.80 -99.64 5.66
N ILE A 765 -1.91 -99.97 6.32
CA ILE A 765 -3.06 -100.53 5.62
C ILE A 765 -3.82 -99.36 5.00
N LYS A 766 -3.38 -98.16 5.33
CA LYS A 766 -3.95 -96.95 4.78
C LYS A 766 -3.70 -96.83 3.29
N PHE A 767 -2.48 -97.16 2.87
CA PHE A 767 -2.07 -96.95 1.50
C PHE A 767 -1.92 -98.27 0.74
N SER A 768 -2.68 -98.41 -0.34
CA SER A 768 -2.66 -99.61 -1.17
C SER A 768 -1.27 -99.87 -1.66
N VAL A 769 -0.59 -98.79 -2.03
CA VAL A 769 0.73 -98.87 -2.60
C VAL A 769 1.72 -99.53 -1.63
N LEU A 770 1.43 -99.43 -0.35
CA LEU A 770 2.35 -99.90 0.66
C LEU A 770 2.28 -101.40 0.93
N GLN A 771 1.35 -102.09 0.27
CA GLN A 771 1.23 -103.54 0.46
C GLN A 771 2.50 -104.31 0.06
N GLY A 772 2.82 -105.35 0.83
CA GLY A 772 4.03 -106.12 0.58
C GLY A 772 5.18 -105.25 0.13
N ALA B 22 -16.60 17.02 5.01
CA ALA B 22 -16.19 17.30 3.61
C ALA B 22 -16.35 18.78 3.24
N ARG B 23 -15.52 19.63 3.84
CA ARG B 23 -15.60 21.08 3.60
C ARG B 23 -15.06 21.48 2.21
N LEU B 24 -15.34 22.71 1.80
CA LEU B 24 -14.55 23.41 0.78
C LEU B 24 -13.49 24.28 1.42
N TYR B 25 -12.38 24.50 0.74
CA TYR B 25 -11.30 25.30 1.31
C TYR B 25 -10.75 26.37 0.40
N ARG B 26 -10.22 27.41 1.01
CA ARG B 26 -9.56 28.49 0.33
C ARG B 26 -8.18 28.66 0.92
N LEU B 27 -7.18 28.88 0.08
CA LEU B 27 -5.87 29.21 0.59
C LEU B 27 -5.86 30.64 1.08
N SER B 28 -5.29 30.85 2.26
CA SER B 28 -5.20 32.18 2.83
C SER B 28 -3.76 32.48 3.23
N TRP B 29 -3.48 33.75 3.52
CA TRP B 29 -2.11 34.17 3.81
C TRP B 29 -2.06 35.03 5.04
N PRO B 30 -2.20 34.41 6.22
CA PRO B 30 -1.99 35.12 7.47
C PRO B 30 -0.65 35.83 7.46
N THR B 31 -0.44 36.76 8.38
CA THR B 31 0.88 37.28 8.64
C THR B 31 1.67 36.29 9.46
N VAL B 32 2.99 36.46 9.47
CA VAL B 32 3.84 35.83 10.47
C VAL B 32 4.95 36.77 10.87
N GLN B 33 5.43 36.63 12.10
CA GLN B 33 6.50 37.49 12.58
C GLN B 33 7.81 36.73 12.79
N LEU B 34 8.81 37.10 12.00
CA LEU B 34 10.08 36.42 11.98
C LEU B 34 10.88 36.79 13.21
N PRO B 35 11.50 35.79 13.85
CA PRO B 35 12.49 36.00 14.89
C PRO B 35 13.52 37.07 14.51
N THR B 36 13.66 38.08 15.37
CA THR B 36 14.64 39.14 15.14
C THR B 36 16.05 38.68 15.51
N SER B 37 16.17 38.03 16.65
CA SER B 37 17.48 37.56 17.10
C SER B 37 17.80 36.16 16.57
N ALA B 38 18.60 36.12 15.50
CA ALA B 38 19.19 34.86 15.03
C ALA B 38 20.27 35.13 13.98
N GLN B 39 21.40 34.44 14.11
CA GLN B 39 22.60 34.74 13.32
C GLN B 39 22.44 34.32 11.86
N PRO B 40 22.57 35.29 10.93
CA PRO B 40 22.55 35.02 9.47
C PRO B 40 23.69 34.09 9.01
N PRO B 41 23.41 33.19 8.05
CA PRO B 41 24.42 32.23 7.66
C PRO B 41 25.09 32.60 6.35
N SER B 42 26.07 31.79 5.92
CA SER B 42 26.78 32.06 4.66
C SER B 42 25.77 32.30 3.55
N CYS B 43 26.13 33.15 2.61
CA CYS B 43 25.23 33.42 1.51
C CYS B 43 25.93 33.47 0.18
N VAL B 44 25.33 32.81 -0.80
CA VAL B 44 25.65 33.06 -2.18
C VAL B 44 24.43 33.38 -3.01
N LEU B 45 24.67 33.95 -4.18
CA LEU B 45 23.65 34.52 -5.04
C LEU B 45 23.87 33.89 -6.41
N LEU B 46 22.80 33.54 -7.10
CA LEU B 46 22.90 33.10 -8.49
C LEU B 46 22.33 34.21 -9.34
N GLY B 47 22.80 34.34 -10.58
CA GLY B 47 22.12 35.24 -11.53
C GLY B 47 22.93 35.98 -12.59
N THR B 48 22.54 37.24 -12.82
CA THR B 48 22.95 38.01 -14.00
C THR B 48 24.46 38.29 -14.02
N SER B 49 25.03 38.74 -12.90
CA SER B 49 24.25 39.23 -11.76
C SER B 49 25.07 40.28 -10.98
N GLU B 50 24.37 41.16 -10.26
CA GLU B 50 25.02 42.31 -9.61
C GLU B 50 24.63 42.43 -8.13
N VAL B 51 25.56 42.95 -7.33
CA VAL B 51 25.27 43.23 -5.93
C VAL B 51 26.15 44.33 -5.36
N SER B 52 25.63 45.01 -4.34
CA SER B 52 26.39 46.03 -3.61
C SER B 52 26.75 45.57 -2.19
N ALA B 53 26.16 44.45 -1.77
CA ALA B 53 26.41 43.90 -0.44
C ALA B 53 27.56 42.89 -0.43
N ASP B 54 27.86 42.37 0.75
CA ASP B 54 28.87 41.33 0.92
C ASP B 54 28.26 39.94 0.65
N ILE B 55 27.81 39.72 -0.58
CA ILE B 55 27.35 38.39 -1.00
C ILE B 55 28.05 37.93 -2.28
N GLN B 56 28.55 36.71 -2.25
CA GLN B 56 29.28 36.15 -3.39
C GLN B 56 28.33 35.66 -4.49
N VAL B 57 28.34 36.36 -5.63
CA VAL B 57 27.61 35.95 -6.82
C VAL B 57 28.31 34.77 -7.52
N TYR B 58 27.52 33.82 -8.05
CA TYR B 58 27.98 32.85 -9.06
C TYR B 58 27.01 32.83 -10.22
N PRO B 59 27.53 32.70 -11.46
CA PRO B 59 26.65 32.87 -12.64
C PRO B 59 25.60 31.76 -12.77
N ASP B 60 25.96 30.53 -12.36
CA ASP B 60 25.03 29.39 -12.39
C ASP B 60 25.15 28.55 -11.12
N LEU B 61 24.67 27.30 -11.17
CA LEU B 61 24.87 26.39 -10.05
C LEU B 61 26.19 25.62 -10.19
N ARG B 62 26.60 25.38 -11.43
CA ARG B 62 27.82 24.64 -11.68
C ARG B 62 29.05 25.36 -11.10
N SER B 63 29.05 26.69 -11.16
CA SER B 63 30.16 27.48 -10.67
C SER B 63 30.31 27.39 -9.15
N LEU B 64 29.17 27.29 -8.45
CA LEU B 64 29.17 27.02 -7.01
C LEU B 64 29.70 25.62 -6.76
N THR B 65 29.52 24.74 -7.75
CA THR B 65 30.09 23.42 -7.71
C THR B 65 31.60 23.50 -7.74
N ALA B 66 32.15 24.16 -8.76
CA ALA B 66 33.59 24.34 -8.88
C ALA B 66 34.22 24.88 -7.59
N ALA B 67 33.56 25.85 -6.96
CA ALA B 67 34.14 26.50 -5.80
C ALA B 67 34.07 25.59 -4.59
N LEU B 68 33.07 24.72 -4.56
CA LEU B 68 33.01 23.64 -3.58
C LEU B 68 34.08 22.60 -3.88
N ASP B 69 34.29 22.34 -5.17
CA ASP B 69 35.27 21.36 -5.63
C ASP B 69 36.63 21.72 -5.05
N ALA B 70 37.02 22.97 -5.23
CA ALA B 70 38.27 23.49 -4.67
C ALA B 70 38.02 24.18 -3.34
N GLY B 71 38.26 23.47 -2.24
CA GLY B 71 38.34 24.09 -0.92
C GLY B 71 37.00 24.41 -0.29
N ALA B 72 36.18 25.21 -1.00
CA ALA B 72 35.23 26.12 -0.36
C ALA B 72 34.18 25.39 0.48
N GLU B 73 34.01 25.85 1.72
CA GLU B 73 32.96 25.33 2.57
C GLU B 73 31.58 25.58 1.97
N PRO B 74 30.67 24.61 2.09
CA PRO B 74 29.27 24.78 1.72
C PRO B 74 28.64 26.02 2.37
N PRO B 75 28.14 26.95 1.53
CA PRO B 75 27.27 28.05 1.97
C PRO B 75 25.99 27.54 2.61
N GLY B 76 25.57 28.19 3.70
CA GLY B 76 24.45 27.70 4.50
C GLY B 76 23.11 27.99 3.86
N VAL B 77 23.13 28.87 2.87
CA VAL B 77 21.94 29.30 2.15
C VAL B 77 22.35 29.77 0.77
N VAL B 78 21.58 29.39 -0.25
CA VAL B 78 21.77 29.94 -1.60
C VAL B 78 20.52 30.64 -2.11
N ILE B 79 20.62 31.94 -2.32
CA ILE B 79 19.56 32.70 -2.96
C ILE B 79 19.53 32.42 -4.44
N ALA B 80 18.35 32.07 -4.95
CA ALA B 80 18.18 31.88 -6.38
C ALA B 80 17.00 32.68 -6.92
N PRO B 81 17.24 33.95 -7.28
CA PRO B 81 16.22 34.81 -7.87
C PRO B 81 15.86 34.34 -9.27
N THR B 82 14.56 34.30 -9.56
CA THR B 82 14.04 33.60 -10.74
C THR B 82 13.86 34.57 -11.90
N PRO B 83 14.37 34.21 -13.08
CA PRO B 83 14.03 35.04 -14.23
C PRO B 83 12.52 35.21 -14.36
N PRO B 84 12.08 36.39 -14.85
CA PRO B 84 10.66 36.67 -15.01
C PRO B 84 10.01 35.72 -16.01
N GLY B 85 8.88 35.15 -15.63
CA GLY B 85 8.23 34.15 -16.44
C GLY B 85 7.33 34.80 -17.47
N GLY B 86 6.05 34.90 -17.15
CA GLY B 86 5.04 35.28 -18.12
C GLY B 86 3.76 34.48 -17.97
N GLY B 87 2.83 34.68 -18.90
CA GLY B 87 1.58 33.94 -18.90
C GLY B 87 1.48 33.00 -20.08
N ARG B 88 2.47 33.07 -20.95
CA ARG B 88 2.46 32.27 -22.17
C ARG B 88 2.87 30.83 -21.86
N THR B 89 2.33 29.88 -22.63
CA THR B 89 2.73 28.49 -22.49
C THR B 89 4.25 28.38 -22.53
N ALA B 90 4.85 29.10 -23.47
CA ALA B 90 6.31 29.04 -23.63
C ALA B 90 7.01 29.43 -22.34
N ASP B 91 6.40 30.34 -21.59
CA ASP B 91 6.99 30.85 -20.35
C ASP B 91 6.88 29.85 -19.21
N VAL B 92 5.79 29.10 -19.18
CA VAL B 92 5.59 28.11 -18.15
C VAL B 92 6.61 27.03 -18.31
N ARG B 93 6.92 26.71 -19.56
CA ARG B 93 7.85 25.66 -19.88
C ARG B 93 9.25 26.03 -19.45
N GLU B 94 9.74 27.15 -19.97
CA GLU B 94 11.09 27.58 -19.63
C GLU B 94 11.26 27.68 -18.13
N THR B 95 10.32 28.29 -17.45
CA THR B 95 10.56 28.57 -16.05
C THR B 95 10.29 27.40 -15.11
N THR B 96 9.61 26.37 -15.60
CA THR B 96 9.50 25.14 -14.80
C THR B 96 10.61 24.17 -15.15
N ARG B 97 11.04 24.20 -16.41
CA ARG B 97 12.15 23.39 -16.85
C ARG B 97 13.40 23.82 -16.10
N HIS B 98 13.60 25.13 -16.03
CA HIS B 98 14.79 25.71 -15.44
C HIS B 98 14.83 25.56 -13.94
N ALA B 99 13.67 25.52 -13.32
CA ALA B 99 13.62 25.24 -11.90
C ALA B 99 13.95 23.78 -11.66
N LEU B 100 13.61 22.93 -12.63
CA LEU B 100 13.84 21.49 -12.51
C LEU B 100 15.33 21.17 -12.58
N ASP B 101 16.04 21.74 -13.56
CA ASP B 101 17.49 21.64 -13.60
C ASP B 101 18.07 22.01 -12.24
N LEU B 102 17.76 23.21 -11.78
CA LEU B 102 18.21 23.65 -10.47
C LEU B 102 18.03 22.50 -9.46
N VAL B 103 16.79 22.05 -9.29
CA VAL B 103 16.45 21.17 -8.18
C VAL B 103 17.25 19.86 -8.24
N GLN B 104 17.33 19.26 -9.42
CA GLN B 104 18.13 18.06 -9.62
C GLN B 104 19.63 18.36 -9.49
N GLY B 105 20.04 19.52 -9.98
CA GLY B 105 21.41 19.96 -9.77
C GLY B 105 21.71 19.98 -8.29
N TRP B 106 20.88 20.73 -7.57
CA TRP B 106 21.02 20.89 -6.14
C TRP B 106 21.12 19.58 -5.41
N LEU B 107 20.14 18.71 -5.62
CA LEU B 107 20.01 17.44 -4.88
C LEU B 107 21.23 16.55 -5.10
N SER B 108 21.77 16.60 -6.30
CA SER B 108 22.78 15.65 -6.74
C SER B 108 24.12 15.86 -6.02
N ASP B 109 24.45 17.11 -5.70
CA ASP B 109 25.81 17.39 -5.25
C ASP B 109 26.15 16.74 -3.91
N GLN B 110 25.29 16.93 -2.93
CA GLN B 110 25.40 16.20 -1.66
C GLN B 110 26.30 16.91 -0.65
N ARG B 111 27.09 17.88 -1.11
CA ARG B 111 27.78 18.79 -0.18
C ARG B 111 26.79 19.83 0.26
N LEU B 112 25.62 19.81 -0.36
CA LEU B 112 24.65 20.83 -0.13
C LEU B 112 23.51 20.29 0.70
N ASN B 113 23.81 19.26 1.49
CA ASN B 113 22.78 18.52 2.19
C ASN B 113 22.17 19.29 3.36
N GLU B 114 22.98 20.05 4.08
CA GLU B 114 22.47 20.90 5.15
C GLU B 114 22.61 22.39 4.83
N SER B 115 22.80 22.69 3.56
CA SER B 115 22.52 24.03 3.04
C SER B 115 21.05 24.15 2.60
N ARG B 116 20.60 25.39 2.45
CA ARG B 116 19.23 25.65 2.02
C ARG B 116 19.23 26.39 0.70
N LEU B 117 18.33 25.99 -0.19
CA LEU B 117 18.15 26.69 -1.46
C LEU B 117 16.90 27.56 -1.44
N LEU B 118 17.08 28.84 -1.75
CA LEU B 118 16.02 29.81 -1.61
C LEU B 118 15.66 30.42 -2.94
N LEU B 119 14.46 30.07 -3.42
CA LEU B 119 14.04 30.47 -4.73
C LEU B 119 13.13 31.67 -4.60
N VAL B 120 13.51 32.78 -5.20
CA VAL B 120 12.76 34.02 -5.06
C VAL B 120 11.87 34.26 -6.28
N THR B 121 10.59 34.53 -6.03
CA THR B 121 9.66 34.85 -7.12
C THR B 121 9.08 36.25 -7.00
N GLN B 122 8.59 36.77 -8.13
CA GLN B 122 8.01 38.11 -8.19
C GLN B 122 6.53 38.05 -8.58
N GLY B 123 5.66 38.14 -7.59
CA GLY B 123 4.22 38.11 -7.83
C GLY B 123 3.80 36.82 -8.48
N ALA B 124 4.09 35.71 -7.78
CA ALA B 124 3.67 34.38 -8.18
C ALA B 124 2.42 33.99 -7.43
N VAL B 125 2.02 34.86 -6.53
CA VAL B 125 1.17 34.48 -5.43
C VAL B 125 0.39 35.72 -4.98
N ALA B 126 -0.93 35.67 -5.12
CA ALA B 126 -1.77 36.74 -4.59
C ALA B 126 -2.07 36.57 -3.09
N VAL B 127 -1.63 37.53 -2.29
CA VAL B 127 -1.70 37.44 -0.84
C VAL B 127 -2.71 38.45 -0.32
N GLU B 128 -2.40 39.73 -0.57
CA GLU B 128 -3.21 40.84 -0.11
C GLU B 128 -4.46 40.99 -1.00
N PRO B 129 -5.55 41.54 -0.44
CA PRO B 129 -6.83 41.68 -1.14
C PRO B 129 -6.73 42.27 -2.54
N GLY B 130 -6.12 43.45 -2.66
CA GLY B 130 -6.06 44.14 -3.93
C GLY B 130 -5.35 43.38 -5.04
N GLU B 131 -4.34 42.59 -4.66
CA GLU B 131 -3.34 42.10 -5.63
C GLU B 131 -3.73 40.77 -6.31
N PRO B 132 -3.48 40.66 -7.63
CA PRO B 132 -3.56 39.41 -8.34
C PRO B 132 -2.18 38.80 -8.53
N VAL B 133 -2.14 37.62 -9.15
CA VAL B 133 -0.90 37.04 -9.60
C VAL B 133 -0.47 37.68 -10.92
N THR B 134 0.80 38.07 -10.99
CA THR B 134 1.30 38.79 -12.16
C THR B 134 2.25 37.93 -13.00
N ASP B 135 2.91 36.97 -12.37
CA ASP B 135 3.71 36.01 -13.11
C ASP B 135 3.12 34.60 -13.01
N LEU B 136 2.39 34.19 -14.04
CA LEU B 136 1.73 32.89 -14.02
C LEU B 136 2.76 31.77 -14.03
N ALA B 137 3.64 31.79 -15.03
CA ALA B 137 4.68 30.78 -15.15
C ALA B 137 5.40 30.58 -13.82
N GLN B 138 5.54 31.66 -13.06
CA GLN B 138 6.15 31.56 -11.74
C GLN B 138 5.26 30.90 -10.70
N ALA B 139 3.94 31.05 -10.85
CA ALA B 139 3.03 30.40 -9.95
C ALA B 139 3.08 28.89 -10.16
N ALA B 140 3.36 28.49 -11.40
CA ALA B 140 3.62 27.08 -11.71
C ALA B 140 4.83 26.56 -10.93
N LEU B 141 5.91 27.33 -10.98
CA LEU B 141 7.12 26.99 -10.25
C LEU B 141 6.79 26.58 -8.80
N TRP B 142 5.87 27.30 -8.18
CA TRP B 142 5.52 27.04 -6.80
C TRP B 142 4.90 25.69 -6.64
N GLY B 143 4.08 25.31 -7.61
CA GLY B 143 3.56 23.96 -7.65
C GLY B 143 4.69 22.97 -7.52
N LEU B 144 5.61 23.04 -8.48
CA LEU B 144 6.65 22.04 -8.59
C LEU B 144 7.40 21.98 -7.30
N LEU B 145 7.75 23.13 -6.77
CA LEU B 145 8.59 23.20 -5.59
C LEU B 145 7.89 22.68 -4.33
N ARG B 146 6.60 22.95 -4.19
CA ARG B 146 5.88 22.51 -3.01
C ARG B 146 5.92 20.99 -2.96
N SER B 147 5.80 20.38 -4.12
CA SER B 147 5.98 18.95 -4.20
C SER B 147 7.35 18.53 -3.67
N THR B 148 8.41 19.18 -4.15
CA THR B 148 9.75 18.78 -3.74
C THR B 148 9.96 19.00 -2.24
N GLN B 149 9.30 20.02 -1.70
CA GLN B 149 9.42 20.32 -0.28
C GLN B 149 8.90 19.17 0.57
N THR B 150 7.84 18.51 0.11
CA THR B 150 7.34 17.35 0.80
C THR B 150 8.26 16.16 0.62
N GLU B 151 8.86 16.07 -0.57
CA GLU B 151 9.79 14.97 -0.90
C GLU B 151 11.10 15.08 -0.11
N HIS B 152 11.66 16.28 -0.08
CA HIS B 152 12.87 16.55 0.70
C HIS B 152 12.67 17.72 1.59
N PRO B 153 12.44 17.45 2.89
CA PRO B 153 12.06 18.50 3.84
C PRO B 153 13.23 19.41 4.24
N ASP B 154 12.91 20.65 4.59
CA ASP B 154 13.87 21.58 5.19
C ASP B 154 15.10 21.76 4.33
N ARG B 155 14.91 21.87 3.02
CA ARG B 155 16.04 22.06 2.13
C ARG B 155 15.76 23.16 1.10
N PHE B 156 14.47 23.44 0.89
CA PHE B 156 14.05 24.45 -0.08
C PHE B 156 13.11 25.46 0.60
N VAL B 157 13.32 26.73 0.31
CA VAL B 157 12.41 27.78 0.75
C VAL B 157 11.94 28.63 -0.42
N LEU B 158 10.63 28.74 -0.58
CA LEU B 158 10.02 29.64 -1.56
C LEU B 158 9.80 31.00 -0.92
N VAL B 159 10.20 32.05 -1.61
CA VAL B 159 9.84 33.41 -1.20
C VAL B 159 9.37 34.25 -2.39
N ASP B 160 8.24 34.94 -2.19
CA ASP B 160 7.69 35.87 -3.19
C ASP B 160 7.84 37.32 -2.70
N VAL B 161 8.60 38.11 -3.45
CA VAL B 161 8.80 39.53 -3.12
C VAL B 161 8.54 40.43 -4.33
N PRO B 162 7.86 41.56 -4.10
CA PRO B 162 7.42 42.45 -5.18
C PRO B 162 8.59 43.18 -5.84
N GLU B 163 9.53 43.63 -5.03
CA GLU B 163 10.79 44.19 -5.54
C GLU B 163 11.98 43.79 -4.66
N PRO B 164 13.06 43.32 -5.31
CA PRO B 164 14.09 42.49 -4.70
C PRO B 164 14.69 43.15 -3.48
N ALA B 165 14.43 44.45 -3.32
CA ALA B 165 14.99 45.25 -2.25
C ALA B 165 14.92 44.56 -0.88
N GLN B 166 13.73 44.08 -0.51
CA GLN B 166 13.43 43.78 0.89
C GLN B 166 13.76 42.36 1.31
N LEU B 167 14.51 41.64 0.47
CA LEU B 167 14.85 40.28 0.75
C LEU B 167 15.92 40.21 1.83
N LEU B 168 17.12 40.67 1.49
CA LEU B 168 18.29 40.45 2.34
C LEU B 168 18.05 41.01 3.73
N PRO B 169 17.32 42.13 3.80
CA PRO B 169 17.11 42.75 5.07
C PRO B 169 16.35 41.80 5.96
N ALA B 170 15.31 41.20 5.41
CA ALA B 170 14.44 40.31 6.17
C ALA B 170 15.03 38.92 6.26
N LEU B 171 16.05 38.66 5.45
CA LEU B 171 16.41 37.30 5.13
C LEU B 171 16.73 36.51 6.39
N PRO B 172 17.63 37.05 7.22
CA PRO B 172 18.14 36.24 8.31
C PRO B 172 17.01 35.82 9.24
N GLY B 173 16.05 36.73 9.45
CA GLY B 173 14.85 36.40 10.18
C GLY B 173 14.11 35.28 9.49
N VAL B 174 14.04 35.36 8.17
CA VAL B 174 13.25 34.43 7.37
C VAL B 174 13.54 33.00 7.77
N LEU B 175 14.82 32.68 7.85
CA LEU B 175 15.28 31.31 7.99
C LEU B 175 15.05 30.76 9.41
N ALA B 176 15.10 31.63 10.40
CA ALA B 176 15.03 31.19 11.79
C ALA B 176 13.71 30.47 12.08
N CYS B 177 12.64 30.91 11.42
CA CYS B 177 11.29 30.43 11.71
C CYS B 177 11.00 29.13 10.95
N GLY B 178 11.73 28.91 9.87
CA GLY B 178 11.71 27.62 9.17
C GLY B 178 10.43 27.36 8.40
N GLU B 179 9.80 28.44 7.94
CA GLU B 179 8.61 28.31 7.13
C GLU B 179 9.01 28.04 5.70
N PRO B 180 8.45 26.97 5.12
CA PRO B 180 8.83 26.48 3.80
C PRO B 180 8.51 27.49 2.72
N GLN B 181 7.42 28.23 2.89
CA GLN B 181 7.07 29.23 1.90
C GLN B 181 6.50 30.51 2.50
N LEU B 182 6.91 31.65 1.94
CA LEU B 182 6.54 32.95 2.43
C LEU B 182 6.34 33.94 1.31
N ALA B 183 5.57 34.99 1.61
CA ALA B 183 5.47 36.13 0.73
C ALA B 183 5.82 37.41 1.49
N LEU B 184 6.66 38.24 0.90
CA LEU B 184 7.00 39.53 1.50
C LEU B 184 6.23 40.65 0.83
N ARG B 185 5.58 41.48 1.64
CA ARG B 185 4.99 42.69 1.13
C ARG B 185 5.18 43.78 2.15
N ARG B 186 4.88 45.01 1.75
CA ARG B 186 4.94 46.15 2.66
C ARG B 186 4.46 45.73 4.04
N GLY B 187 3.23 45.23 4.10
CA GLY B 187 2.72 44.59 5.30
C GLY B 187 3.71 43.56 5.80
N GLY B 188 4.19 42.72 4.88
CA GLY B 188 5.37 41.89 5.11
C GLY B 188 5.09 40.54 5.76
N ALA B 189 5.86 39.53 5.39
CA ALA B 189 5.83 38.24 6.08
C ALA B 189 4.41 37.63 6.10
N HIS B 190 4.13 36.80 5.10
CA HIS B 190 2.90 36.03 5.05
C HIS B 190 3.18 34.59 4.78
N ALA B 191 2.39 33.72 5.38
CA ALA B 191 2.49 32.30 5.14
C ALA B 191 1.13 31.81 4.65
N PRO B 192 1.13 30.88 3.69
CA PRO B 192 -0.14 30.32 3.24
C PRO B 192 -0.59 29.20 4.17
N ARG B 193 -1.88 29.23 4.55
CA ARG B 193 -2.57 28.02 5.02
C ARG B 193 -4.05 27.91 4.60
N LEU B 194 -4.52 26.66 4.53
CA LEU B 194 -5.88 26.35 4.09
C LEU B 194 -6.88 26.78 5.15
N ALA B 195 -7.86 27.57 4.76
CA ALA B 195 -8.98 27.86 5.61
C ALA B 195 -10.24 27.17 5.08
N GLY B 196 -11.07 26.66 5.98
CA GLY B 196 -12.46 26.40 5.66
C GLY B 196 -13.15 27.66 5.22
N LEU B 197 -14.36 27.56 4.72
CA LEU B 197 -15.08 28.75 4.30
C LEU B 197 -15.77 29.44 5.47
N GLY B 198 -15.28 29.16 6.68
CA GLY B 198 -15.34 30.12 7.79
C GLY B 198 -14.53 31.38 7.54
N SER B 199 -15.04 32.22 6.65
CA SER B 199 -14.53 33.58 6.44
C SER B 199 -14.88 34.49 7.62
N ASP B 200 -16.02 34.21 8.24
CA ASP B 200 -16.76 33.00 7.91
C ASP B 200 -17.99 33.27 7.05
N ASP B 201 -18.04 32.59 5.90
CA ASP B 201 -19.27 32.51 5.11
C ASP B 201 -19.45 33.72 4.18
N VAL B 202 -18.52 34.67 4.23
CA VAL B 202 -18.60 35.89 3.40
C VAL B 202 -19.98 36.55 3.48
N LEU B 203 -20.61 36.78 2.34
CA LEU B 203 -21.91 37.44 2.30
C LEU B 203 -22.96 36.49 1.75
N PRO B 204 -24.10 36.36 2.46
CA PRO B 204 -25.11 35.35 2.09
C PRO B 204 -26.09 35.87 1.05
N VAL B 205 -26.57 34.95 0.19
CA VAL B 205 -27.49 35.30 -0.90
C VAL B 205 -28.93 34.87 -0.60
N PRO B 206 -29.92 35.63 -1.10
CA PRO B 206 -31.32 35.30 -0.81
C PRO B 206 -31.85 34.15 -1.67
N ASP B 207 -31.14 33.83 -2.75
CA ASP B 207 -31.50 32.74 -3.68
C ASP B 207 -32.67 33.08 -4.62
N GLY B 208 -33.56 33.96 -4.17
CA GLY B 208 -34.68 34.39 -4.99
C GLY B 208 -34.34 35.61 -5.83
N THR B 209 -33.77 35.38 -7.02
CA THR B 209 -33.15 36.45 -7.81
C THR B 209 -34.04 37.68 -7.96
N GLY B 210 -33.44 38.85 -7.77
CA GLY B 210 -34.18 40.07 -7.57
C GLY B 210 -33.66 40.81 -6.36
N TRP B 211 -32.54 40.35 -5.84
CA TRP B 211 -31.90 41.01 -4.72
C TRP B 211 -30.83 41.95 -5.20
N ARG B 212 -30.09 42.50 -4.24
CA ARG B 212 -29.38 43.77 -4.42
C ARG B 212 -28.59 44.03 -3.14
N LEU B 213 -27.35 44.49 -3.28
CA LEU B 213 -26.53 44.81 -2.12
C LEU B 213 -26.87 46.21 -1.64
N GLU B 214 -27.10 46.35 -0.33
CA GLU B 214 -27.19 47.68 0.29
C GLU B 214 -26.63 47.73 1.70
N ALA B 215 -26.15 48.92 2.08
CA ALA B 215 -25.79 49.20 3.46
C ALA B 215 -27.03 49.31 4.33
N THR B 216 -27.13 48.41 5.31
CA THR B 216 -28.33 48.34 6.13
C THR B 216 -28.04 48.67 7.59
N ARG B 217 -26.76 48.73 7.94
CA ARG B 217 -26.36 49.27 9.23
C ARG B 217 -25.23 50.28 9.06
N PRO B 218 -25.49 51.38 8.30
CA PRO B 218 -24.44 52.28 7.79
C PRO B 218 -23.47 52.75 8.89
N GLY B 219 -22.24 53.12 8.50
CA GLY B 219 -21.25 53.56 9.47
C GLY B 219 -20.14 52.54 9.73
N SER B 220 -20.40 51.29 9.36
CA SER B 220 -19.47 50.20 9.66
C SER B 220 -19.27 49.30 8.44
N LEU B 221 -18.00 49.10 8.08
CA LEU B 221 -17.65 48.29 6.91
C LEU B 221 -18.50 47.03 6.82
N ASP B 222 -18.39 46.15 7.82
CA ASP B 222 -19.35 45.08 8.03
C ASP B 222 -20.66 45.64 8.58
N GLY B 223 -21.77 45.21 8.00
CA GLY B 223 -23.03 45.90 8.14
C GLY B 223 -23.69 46.01 6.79
N LEU B 224 -23.05 45.41 5.79
CA LEU B 224 -23.62 45.28 4.46
C LEU B 224 -24.46 44.03 4.38
N ALA B 225 -25.30 43.94 3.34
CA ALA B 225 -26.08 42.73 3.08
C ALA B 225 -26.72 42.75 1.69
N LEU B 226 -26.94 41.56 1.15
CA LEU B 226 -27.67 41.43 -0.10
C LEU B 226 -29.14 41.24 0.19
N VAL B 227 -29.95 42.17 -0.27
CA VAL B 227 -31.34 42.26 0.18
C VAL B 227 -32.30 42.19 -0.99
N ASP B 228 -33.53 41.76 -0.71
CA ASP B 228 -34.61 41.82 -1.69
C ASP B 228 -34.84 43.26 -2.17
N GLU B 229 -34.65 43.48 -3.47
CA GLU B 229 -35.02 44.74 -4.10
C GLU B 229 -36.32 44.55 -4.89
N PRO B 230 -37.42 45.12 -4.40
CA PRO B 230 -38.68 44.89 -5.10
C PRO B 230 -38.64 45.45 -6.51
N THR B 231 -38.21 46.70 -6.64
CA THR B 231 -38.38 47.48 -7.86
C THR B 231 -37.56 46.93 -9.03
N ALA B 232 -36.57 46.09 -8.75
CA ALA B 232 -35.80 45.44 -9.81
C ALA B 232 -36.66 44.47 -10.61
N THR B 233 -37.46 43.68 -9.90
CA THR B 233 -38.22 42.60 -10.51
C THR B 233 -39.20 43.12 -11.57
N ALA B 234 -40.01 44.09 -11.18
CA ALA B 234 -41.12 44.50 -12.03
C ALA B 234 -41.59 45.89 -11.64
N PRO B 235 -42.43 46.53 -12.49
CA PRO B 235 -42.51 46.24 -13.92
C PRO B 235 -42.37 47.54 -14.73
N LEU B 236 -42.12 47.39 -16.04
CA LEU B 236 -41.60 48.50 -16.85
C LEU B 236 -42.67 49.50 -17.28
N GLY B 237 -42.28 50.78 -17.33
CA GLY B 237 -43.04 51.80 -18.04
C GLY B 237 -42.15 52.96 -18.45
N ASP B 238 -42.69 53.90 -19.22
CA ASP B 238 -42.04 55.20 -19.40
C ASP B 238 -41.60 55.46 -20.84
N GLY B 239 -40.98 54.47 -21.48
CA GLY B 239 -40.62 53.21 -20.85
C GLY B 239 -39.25 53.23 -20.20
N GLU B 240 -38.99 52.21 -19.39
CA GLU B 240 -37.67 51.92 -18.85
C GLU B 240 -37.27 50.56 -19.38
N VAL B 241 -36.03 50.16 -19.09
CA VAL B 241 -35.51 48.89 -19.56
C VAL B 241 -35.00 48.05 -18.39
N ARG B 242 -35.30 46.76 -18.39
CA ARG B 242 -34.82 45.86 -17.34
C ARG B 242 -33.60 45.10 -17.81
N ILE B 243 -32.57 45.05 -16.98
CA ILE B 243 -31.29 44.49 -17.39
C ILE B 243 -30.84 43.36 -16.50
N ALA B 244 -30.17 42.39 -17.12
CA ALA B 244 -29.55 41.28 -16.41
C ALA B 244 -28.09 41.61 -16.09
N MET B 245 -27.89 42.31 -14.97
CA MET B 245 -26.56 42.78 -14.58
C MET B 245 -25.54 41.66 -14.45
N ARG B 246 -24.44 41.78 -15.19
CA ARG B 246 -23.30 40.86 -15.04
C ARG B 246 -22.20 41.48 -14.19
N ALA B 247 -21.87 42.74 -14.47
CA ALA B 247 -20.91 43.49 -13.67
C ALA B 247 -21.35 44.93 -13.37
N ALA B 248 -20.70 45.53 -12.38
CA ALA B 248 -21.10 46.82 -11.87
C ALA B 248 -19.90 47.52 -11.29
N GLY B 249 -19.54 48.67 -11.86
CA GLY B 249 -18.45 49.48 -11.33
C GLY B 249 -18.77 49.98 -9.95
N VAL B 250 -17.77 50.02 -9.07
CA VAL B 250 -17.91 50.69 -7.79
C VAL B 250 -17.21 52.05 -7.78
N ASN B 251 -17.90 53.04 -7.21
CA ASN B 251 -17.39 54.40 -7.08
C ASN B 251 -17.21 54.75 -5.62
N PHE B 252 -16.40 55.76 -5.35
CA PHE B 252 -16.22 56.25 -3.99
C PHE B 252 -17.56 56.57 -3.30
N ARG B 253 -18.50 57.09 -4.08
CA ARG B 253 -19.86 57.38 -3.58
C ARG B 253 -20.47 56.18 -2.85
N ASP B 254 -20.11 54.97 -3.29
CA ASP B 254 -20.59 53.73 -2.66
C ASP B 254 -19.93 53.49 -1.28
N ALA B 255 -18.64 53.78 -1.17
CA ALA B 255 -17.96 53.72 0.12
C ALA B 255 -18.54 54.69 1.16
N LEU B 256 -18.80 55.93 0.76
CA LEU B 256 -19.35 56.93 1.69
C LEU B 256 -20.71 56.48 2.22
N ILE B 257 -21.59 56.11 1.30
CA ILE B 257 -22.90 55.62 1.67
C ILE B 257 -22.82 54.49 2.70
N ALA B 258 -21.84 53.60 2.53
CA ALA B 258 -21.66 52.46 3.43
C ALA B 258 -21.15 52.86 4.83
N LEU B 259 -20.34 53.91 4.89
CA LEU B 259 -19.89 54.42 6.18
C LEU B 259 -20.85 55.49 6.75
N GLY B 260 -21.99 55.67 6.07
CA GLY B 260 -23.02 56.61 6.53
C GLY B 260 -22.67 58.08 6.35
N MET B 261 -21.52 58.33 5.71
CA MET B 261 -21.03 59.68 5.45
C MET B 261 -21.43 60.18 4.07
N TYR B 262 -22.72 60.22 3.78
CA TYR B 262 -23.19 60.75 2.50
C TYR B 262 -24.31 61.80 2.62
N PRO B 263 -24.11 62.98 2.01
CA PRO B 263 -25.05 64.11 2.04
C PRO B 263 -26.45 63.81 1.51
N GLY B 264 -26.53 63.13 0.36
CA GLY B 264 -27.82 62.78 -0.23
C GLY B 264 -28.54 61.64 0.49
N VAL B 265 -29.66 61.19 -0.06
CA VAL B 265 -30.24 59.90 0.31
C VAL B 265 -30.28 58.97 -0.90
N ALA B 266 -29.41 57.96 -0.89
CA ALA B 266 -29.19 57.11 -2.07
C ALA B 266 -28.76 55.69 -1.70
N SER B 267 -29.06 54.75 -2.59
CA SER B 267 -28.64 53.36 -2.42
C SER B 267 -27.45 53.01 -3.34
N LEU B 268 -26.51 52.24 -2.83
CA LEU B 268 -25.25 52.01 -3.56
C LEU B 268 -25.50 51.28 -4.86
N GLY B 269 -24.57 51.44 -5.79
CA GLY B 269 -24.66 50.79 -7.10
C GLY B 269 -25.19 51.72 -8.16
N SER B 270 -24.30 52.24 -9.00
CA SER B 270 -24.59 53.43 -9.80
C SER B 270 -24.37 53.23 -11.30
N GLU B 271 -23.55 52.24 -11.64
CA GLU B 271 -23.14 52.01 -13.02
C GLU B 271 -22.95 50.51 -13.19
N GLY B 272 -23.12 50.01 -14.42
CA GLY B 272 -22.91 48.58 -14.67
C GLY B 272 -23.09 48.15 -16.11
N ALA B 273 -22.94 46.85 -16.34
CA ALA B 273 -23.17 46.26 -17.66
C ALA B 273 -23.88 44.91 -17.54
N GLY B 274 -24.45 44.45 -18.65
CA GLY B 274 -25.24 43.23 -18.66
C GLY B 274 -26.13 43.13 -19.89
N VAL B 275 -27.19 42.34 -19.78
CA VAL B 275 -28.01 41.98 -20.92
C VAL B 275 -29.46 42.45 -20.74
N VAL B 276 -30.01 43.08 -21.78
CA VAL B 276 -31.39 43.55 -21.77
C VAL B 276 -32.37 42.38 -21.71
N VAL B 277 -33.28 42.44 -20.73
CA VAL B 277 -34.30 41.42 -20.54
C VAL B 277 -35.70 41.90 -21.03
N GLU B 278 -36.30 42.86 -20.34
CA GLU B 278 -37.53 43.49 -20.82
C GLU B 278 -37.30 44.91 -21.32
N THR B 279 -38.11 45.35 -22.28
CA THR B 279 -38.16 46.76 -22.68
C THR B 279 -39.58 47.32 -22.61
N GLY B 280 -39.81 48.46 -23.27
CA GLY B 280 -41.14 49.11 -23.31
C GLY B 280 -41.68 49.50 -21.95
N PRO B 281 -42.95 49.95 -21.90
CA PRO B 281 -43.69 50.50 -23.03
C PRO B 281 -42.95 51.68 -23.62
N GLY B 282 -42.83 51.70 -24.95
CA GLY B 282 -42.33 52.86 -25.66
C GLY B 282 -40.84 53.08 -25.46
N VAL B 283 -40.05 52.05 -25.77
CA VAL B 283 -38.61 52.21 -25.86
C VAL B 283 -38.17 52.21 -27.31
N THR B 284 -37.11 52.95 -27.60
CA THR B 284 -36.70 53.21 -28.98
C THR B 284 -35.41 52.47 -29.33
N GLY B 285 -34.36 52.72 -28.53
CA GLY B 285 -33.00 52.41 -28.95
C GLY B 285 -32.68 50.93 -29.04
N LEU B 286 -33.28 50.13 -28.14
CA LEU B 286 -32.73 48.82 -27.81
C LEU B 286 -33.79 47.75 -27.53
N ALA B 287 -33.45 46.50 -27.81
CA ALA B 287 -34.34 45.36 -27.59
C ALA B 287 -33.63 44.29 -26.75
N PRO B 288 -34.37 43.26 -26.33
CA PRO B 288 -33.81 42.15 -25.54
C PRO B 288 -32.56 41.49 -26.14
N GLY B 289 -31.70 40.95 -25.29
CA GLY B 289 -30.48 40.29 -25.73
C GLY B 289 -29.31 41.24 -25.89
N ASP B 290 -29.60 42.52 -26.10
CA ASP B 290 -28.56 43.53 -26.29
C ASP B 290 -27.58 43.64 -25.11
N ARG B 291 -26.29 43.65 -25.41
CA ARG B 291 -25.27 43.90 -24.38
C ARG B 291 -25.11 45.40 -24.16
N VAL B 292 -25.29 45.82 -22.92
CA VAL B 292 -25.57 47.23 -22.65
C VAL B 292 -24.86 47.68 -21.36
N MET B 293 -24.30 48.89 -21.41
CA MET B 293 -23.64 49.50 -20.24
C MET B 293 -24.27 50.86 -20.00
N GLY B 294 -24.17 51.36 -18.78
CA GLY B 294 -24.56 52.75 -18.49
C GLY B 294 -24.62 53.05 -17.01
N MET B 295 -25.20 54.21 -16.68
CA MET B 295 -25.52 54.54 -15.29
C MET B 295 -26.81 53.83 -14.90
N ILE B 296 -26.76 53.05 -13.83
CA ILE B 296 -27.89 52.26 -13.39
C ILE B 296 -28.00 52.44 -11.90
N PRO B 297 -29.18 52.85 -11.39
CA PRO B 297 -29.33 52.87 -9.93
C PRO B 297 -29.49 51.46 -9.34
N LYS B 298 -29.16 51.32 -8.06
CA LYS B 298 -29.26 50.02 -7.41
C LYS B 298 -28.69 48.95 -8.32
N ALA B 299 -27.47 49.18 -8.78
CA ALA B 299 -26.88 48.35 -9.83
C ALA B 299 -26.23 47.08 -9.28
N PHE B 300 -26.08 47.02 -7.95
CA PHE B 300 -25.33 45.93 -7.32
C PHE B 300 -26.19 44.69 -7.06
N GLY B 301 -26.79 44.16 -8.13
CA GLY B 301 -27.59 42.95 -8.08
C GLY B 301 -27.77 42.34 -9.47
N PRO B 302 -28.44 41.18 -9.56
CA PRO B 302 -28.57 40.49 -10.83
C PRO B 302 -29.61 41.16 -11.74
N LEU B 303 -30.54 41.88 -11.13
CA LEU B 303 -31.56 42.59 -11.88
C LEU B 303 -31.75 43.99 -11.35
N ALA B 304 -31.61 44.97 -12.25
CA ALA B 304 -32.02 46.34 -12.00
C ALA B 304 -32.60 46.94 -13.27
N VAL B 305 -33.31 48.06 -13.13
CA VAL B 305 -33.91 48.74 -14.26
C VAL B 305 -33.49 50.21 -14.35
N ALA B 306 -33.40 50.73 -15.59
CA ALA B 306 -32.79 52.02 -15.85
C ALA B 306 -33.43 52.73 -17.03
N ASP B 307 -33.26 54.04 -17.08
CA ASP B 307 -33.65 54.84 -18.22
C ASP B 307 -32.88 54.42 -19.47
N HIS B 308 -33.62 54.09 -20.52
CA HIS B 308 -33.00 53.62 -21.78
C HIS B 308 -32.04 54.58 -22.46
N ARG B 309 -32.21 55.89 -22.24
CA ARG B 309 -31.22 56.88 -22.70
C ARG B 309 -29.94 56.80 -21.88
N MET B 310 -30.06 56.35 -20.64
CA MET B 310 -28.96 56.39 -19.69
C MET B 310 -28.13 55.10 -19.72
N VAL B 311 -28.38 54.25 -20.71
CA VAL B 311 -27.46 53.19 -21.06
C VAL B 311 -27.41 53.01 -22.57
N THR B 312 -26.44 52.24 -23.04
CA THR B 312 -26.19 52.08 -24.47
C THR B 312 -25.43 50.79 -24.74
N ARG B 313 -25.45 50.33 -25.99
CA ARG B 313 -24.84 49.05 -26.35
C ARG B 313 -23.31 49.06 -26.21
N ILE B 314 -22.74 47.87 -26.02
CA ILE B 314 -21.32 47.72 -25.66
C ILE B 314 -20.42 47.52 -26.89
N PRO B 315 -19.37 48.34 -27.01
CA PRO B 315 -18.55 48.39 -28.22
C PRO B 315 -17.60 47.22 -28.35
N ALA B 316 -17.04 47.05 -29.55
CA ALA B 316 -15.93 46.13 -29.81
C ALA B 316 -16.17 44.74 -29.23
N GLY B 317 -15.16 44.21 -28.55
CA GLY B 317 -15.25 42.88 -27.93
C GLY B 317 -15.14 42.97 -26.42
N TRP B 318 -15.59 44.10 -25.88
CA TRP B 318 -15.52 44.41 -24.46
C TRP B 318 -16.17 43.36 -23.60
N SER B 319 -15.44 42.93 -22.57
CA SER B 319 -16.04 42.18 -21.47
C SER B 319 -17.04 43.05 -20.71
N PHE B 320 -18.03 42.41 -20.08
CA PHE B 320 -18.99 43.12 -19.25
C PHE B 320 -18.31 43.89 -18.14
N ALA B 321 -17.27 43.29 -17.55
CA ALA B 321 -16.58 43.95 -16.47
C ALA B 321 -15.88 45.22 -16.94
N ARG B 322 -15.24 45.18 -18.11
CA ARG B 322 -14.58 46.37 -18.63
C ARG B 322 -15.59 47.46 -18.99
N ALA B 323 -16.67 47.05 -19.64
CA ALA B 323 -17.77 47.94 -19.96
C ALA B 323 -18.30 48.64 -18.70
N ALA B 324 -18.40 47.89 -17.60
CA ALA B 324 -18.94 48.41 -16.35
C ALA B 324 -18.04 49.48 -15.77
N SER B 325 -16.75 49.39 -16.07
CA SER B 325 -15.76 50.34 -15.55
C SER B 325 -16.04 51.76 -16.01
N VAL B 326 -16.56 51.88 -17.22
CA VAL B 326 -16.49 53.12 -17.96
C VAL B 326 -17.40 54.26 -17.45
N PRO B 327 -18.69 53.97 -17.23
CA PRO B 327 -19.73 55.01 -17.23
C PRO B 327 -19.53 56.24 -16.31
N ILE B 328 -19.63 56.05 -15.00
CA ILE B 328 -19.64 57.20 -14.09
C ILE B 328 -18.39 58.03 -14.30
N VAL B 329 -17.27 57.36 -14.41
CA VAL B 329 -16.00 58.00 -14.45
C VAL B 329 -15.80 58.83 -15.73
N PHE B 330 -16.18 58.30 -16.88
CA PHE B 330 -15.95 58.99 -18.13
C PHE B 330 -17.00 60.07 -18.39
N LEU B 331 -18.24 59.77 -18.01
CA LEU B 331 -19.33 60.73 -18.06
C LEU B 331 -19.05 61.96 -17.18
N THR B 332 -18.76 61.74 -15.91
CA THR B 332 -18.27 62.81 -15.05
C THR B 332 -17.31 63.70 -15.82
N ALA B 333 -16.21 63.11 -16.28
CA ALA B 333 -15.13 63.88 -16.91
C ALA B 333 -15.65 64.75 -18.05
N TYR B 334 -16.45 64.14 -18.93
CA TYR B 334 -17.01 64.85 -20.10
C TYR B 334 -17.90 66.01 -19.67
N TYR B 335 -18.94 65.68 -18.89
CA TYR B 335 -19.82 66.68 -18.33
C TYR B 335 -19.06 67.80 -17.61
N ALA B 336 -17.98 67.41 -16.91
CA ALA B 336 -17.11 68.37 -16.22
C ALA B 336 -16.32 69.22 -17.21
N LEU B 337 -15.65 68.58 -18.14
CA LEU B 337 -14.69 69.30 -18.96
C LEU B 337 -15.35 69.98 -20.15
N VAL B 338 -16.20 69.25 -20.85
CA VAL B 338 -16.96 69.81 -21.96
C VAL B 338 -18.13 70.66 -21.46
N ASP B 339 -19.23 70.01 -21.09
CA ASP B 339 -20.44 70.73 -20.66
C ASP B 339 -20.19 71.92 -19.74
N LEU B 340 -19.54 71.68 -18.60
CA LEU B 340 -19.54 72.65 -17.51
C LEU B 340 -18.40 73.66 -17.63
N ALA B 341 -17.22 73.18 -17.96
CA ALA B 341 -16.02 73.99 -17.90
C ALA B 341 -15.56 74.41 -19.28
N GLY B 342 -16.04 73.71 -20.30
CA GLY B 342 -15.64 74.02 -21.66
C GLY B 342 -14.14 74.26 -21.76
N LEU B 343 -13.37 73.19 -21.61
CA LEU B 343 -11.93 73.24 -21.83
C LEU B 343 -11.66 73.53 -23.29
N ARG B 344 -10.87 74.56 -23.53
CA ARG B 344 -10.44 74.88 -24.88
C ARG B 344 -9.02 74.38 -25.11
N PRO B 345 -8.74 73.91 -26.33
CA PRO B 345 -7.40 73.42 -26.63
C PRO B 345 -6.36 74.43 -26.23
N GLY B 346 -5.33 73.98 -25.51
CA GLY B 346 -4.25 74.85 -25.10
C GLY B 346 -4.43 75.44 -23.72
N GLU B 347 -5.63 75.36 -23.17
CA GLU B 347 -5.84 75.62 -21.75
C GLU B 347 -5.26 74.49 -20.93
N SER B 348 -5.08 74.71 -19.63
CA SER B 348 -4.53 73.65 -18.79
C SER B 348 -5.39 73.30 -17.58
N LEU B 349 -5.30 72.03 -17.18
CA LEU B 349 -6.22 71.40 -16.24
C LEU B 349 -5.41 70.86 -15.06
N LEU B 350 -5.96 70.97 -13.86
CA LEU B 350 -5.33 70.41 -12.66
C LEU B 350 -6.25 69.37 -12.02
N VAL B 351 -5.96 68.09 -12.26
CA VAL B 351 -6.79 66.98 -11.78
C VAL B 351 -6.15 66.30 -10.57
N HIS B 352 -6.93 66.03 -9.53
CA HIS B 352 -6.45 65.20 -8.42
C HIS B 352 -6.86 63.73 -8.52
N SER B 353 -6.23 62.89 -7.69
CA SER B 353 -6.39 61.42 -7.78
C SER B 353 -6.27 60.92 -9.20
N ALA B 354 -5.11 61.12 -9.80
CA ALA B 354 -4.89 60.79 -11.20
C ALA B 354 -4.87 59.28 -11.43
N ALA B 355 -4.41 58.54 -10.43
CA ALA B 355 -4.47 57.07 -10.48
C ALA B 355 -5.90 56.58 -10.35
N GLY B 356 -6.69 57.28 -9.52
CA GLY B 356 -8.09 56.96 -9.35
C GLY B 356 -8.88 57.12 -10.63
N GLY B 357 -10.13 56.68 -10.61
CA GLY B 357 -10.93 56.55 -11.83
C GLY B 357 -11.33 57.87 -12.46
N VAL B 358 -11.90 58.77 -11.67
CA VAL B 358 -12.35 60.04 -12.23
C VAL B 358 -11.19 60.81 -12.84
N GLY B 359 -10.07 60.86 -12.12
CA GLY B 359 -8.87 61.49 -12.66
C GLY B 359 -8.35 60.81 -13.90
N MET B 360 -8.22 59.49 -13.83
CA MET B 360 -7.64 58.73 -14.91
C MET B 360 -8.37 59.01 -16.23
N ALA B 361 -9.69 59.19 -16.14
CA ALA B 361 -10.51 59.49 -17.32
C ALA B 361 -10.41 60.96 -17.74
N ALA B 362 -10.37 61.86 -16.76
CA ALA B 362 -10.24 63.28 -17.04
C ALA B 362 -8.94 63.52 -17.78
N ILE B 363 -7.92 62.74 -17.43
CA ILE B 363 -6.63 62.92 -18.04
C ILE B 363 -6.60 62.51 -19.51
N GLN B 364 -7.29 61.43 -19.84
CA GLN B 364 -7.45 61.03 -21.24
C GLN B 364 -8.24 62.08 -22.01
N LEU B 365 -9.39 62.46 -21.47
CA LEU B 365 -10.27 63.37 -22.18
C LEU B 365 -9.56 64.67 -22.42
N ALA B 366 -8.91 65.18 -21.38
CA ALA B 366 -8.14 66.42 -21.43
C ALA B 366 -7.03 66.39 -22.49
N ARG B 367 -6.46 65.20 -22.73
CA ARG B 367 -5.50 65.02 -23.81
C ARG B 367 -6.19 65.16 -25.17
N HIS B 368 -7.26 64.39 -25.37
CA HIS B 368 -8.05 64.48 -26.59
C HIS B 368 -8.56 65.87 -26.82
N LEU B 369 -8.87 66.58 -25.75
CA LEU B 369 -9.36 67.95 -25.85
C LEU B 369 -8.24 68.95 -26.16
N GLY B 370 -7.00 68.46 -26.23
CA GLY B 370 -5.84 69.32 -26.50
C GLY B 370 -5.51 70.28 -25.38
N ALA B 371 -5.73 69.84 -24.14
CA ALA B 371 -5.42 70.64 -22.98
C ALA B 371 -4.19 70.09 -22.27
N GLU B 372 -3.42 70.98 -21.65
CA GLU B 372 -2.25 70.56 -20.89
C GLU B 372 -2.64 70.17 -19.47
N VAL B 373 -1.93 69.20 -18.89
CA VAL B 373 -2.43 68.55 -17.70
C VAL B 373 -1.42 68.51 -16.55
N TYR B 374 -1.83 68.98 -15.38
CA TYR B 374 -1.06 68.77 -14.16
C TYR B 374 -1.91 68.03 -13.14
N ALA B 375 -1.30 67.10 -12.41
CA ALA B 375 -2.08 66.22 -11.54
C ALA B 375 -1.36 65.69 -10.31
N THR B 376 -2.14 65.42 -9.26
CA THR B 376 -1.64 64.76 -8.08
C THR B 376 -2.15 63.33 -7.96
N ALA B 377 -1.29 62.47 -7.43
CA ALA B 377 -1.66 61.13 -6.97
C ALA B 377 -0.67 60.81 -5.86
N SER B 378 -0.93 59.77 -5.06
CA SER B 378 0.07 59.39 -4.08
C SER B 378 1.28 58.75 -4.75
N GLU B 379 2.46 59.02 -4.19
CA GLU B 379 3.73 58.87 -4.91
C GLU B 379 3.87 57.49 -5.54
N ASP B 380 3.30 56.49 -4.88
CA ASP B 380 3.46 55.09 -5.28
C ASP B 380 2.63 54.72 -6.51
N LYS B 381 1.86 55.67 -7.03
CA LYS B 381 0.98 55.37 -8.16
C LYS B 381 1.36 56.10 -9.44
N TRP B 382 2.41 56.93 -9.37
CA TRP B 382 2.82 57.69 -10.55
C TRP B 382 3.07 56.81 -11.73
N GLN B 383 3.65 55.63 -11.49
CA GLN B 383 3.95 54.71 -12.59
C GLN B 383 2.67 54.29 -13.32
N ALA B 384 1.53 54.41 -12.66
CA ALA B 384 0.24 54.19 -13.31
C ALA B 384 -0.17 55.40 -14.15
N VAL B 385 0.31 56.57 -13.76
CA VAL B 385 -0.11 57.82 -14.39
C VAL B 385 0.51 57.98 -15.77
N GLU B 386 -0.34 58.22 -16.77
CA GLU B 386 0.13 58.59 -18.11
C GLU B 386 0.47 60.09 -18.20
N LEU B 387 1.25 60.58 -17.25
CA LEU B 387 1.77 61.95 -17.30
C LEU B 387 3.27 61.99 -17.00
N SER B 388 3.96 62.95 -17.62
CA SER B 388 5.37 63.17 -17.35
C SER B 388 5.58 63.54 -15.89
N ARG B 389 6.79 63.27 -15.39
CA ARG B 389 7.13 63.48 -13.98
C ARG B 389 7.05 64.97 -13.58
N GLU B 390 7.35 65.86 -14.53
CA GLU B 390 7.26 67.30 -14.31
C GLU B 390 5.81 67.74 -14.09
N HIS B 391 4.87 66.86 -14.45
CA HIS B 391 3.43 67.16 -14.41
C HIS B 391 2.72 66.45 -13.28
N LEU B 392 3.48 65.98 -12.30
CA LEU B 392 2.95 65.12 -11.24
C LEU B 392 3.45 65.59 -9.89
N ALA B 393 2.61 65.42 -8.87
CA ALA B 393 2.96 65.84 -7.52
C ALA B 393 2.16 65.04 -6.52
N SER B 394 2.67 64.92 -5.30
CA SER B 394 1.94 64.23 -4.22
C SER B 394 0.55 64.82 -4.02
N SER B 395 -0.38 63.96 -3.65
CA SER B 395 -1.77 64.37 -3.48
C SER B 395 -2.16 64.37 -2.00
N ARG B 396 -1.21 64.08 -1.13
CA ARG B 396 -1.49 64.05 0.30
C ARG B 396 -0.76 65.16 1.07
N THR B 397 -0.16 66.10 0.33
CA THR B 397 0.47 67.28 0.90
C THR B 397 0.17 68.43 -0.04
N CYS B 398 0.07 69.63 0.51
CA CYS B 398 -0.26 70.82 -0.30
C CYS B 398 0.96 71.39 -1.04
N ASP B 399 2.12 70.75 -0.86
CA ASP B 399 3.37 71.23 -1.44
C ASP B 399 3.26 71.42 -2.96
N PHE B 400 2.36 70.65 -3.58
CA PHE B 400 2.20 70.68 -5.04
C PHE B 400 1.91 72.07 -5.55
N GLU B 401 1.45 72.93 -4.65
CA GLU B 401 0.97 74.26 -5.02
C GLU B 401 2.13 75.13 -5.47
N GLN B 402 3.12 75.29 -4.59
CA GLN B 402 4.34 75.99 -4.95
C GLN B 402 4.93 75.35 -6.18
N GLN B 403 5.02 74.02 -6.15
CA GLN B 403 5.72 73.31 -7.18
C GLN B 403 5.06 73.57 -8.51
N PHE B 404 3.74 73.47 -8.53
CA PHE B 404 2.99 73.66 -9.76
C PHE B 404 2.94 75.11 -10.21
N LEU B 405 2.91 76.04 -9.26
CA LEU B 405 3.05 77.44 -9.62
C LEU B 405 4.41 77.66 -10.31
N GLY B 406 5.45 77.10 -9.72
CA GLY B 406 6.77 77.16 -10.32
C GLY B 406 6.79 76.60 -11.72
N ALA B 407 6.21 75.41 -11.90
CA ALA B 407 6.24 74.72 -13.18
C ALA B 407 5.39 75.48 -14.18
N THR B 408 4.39 76.17 -13.67
CA THR B 408 3.56 77.05 -14.46
C THR B 408 4.34 78.26 -14.93
N GLY B 409 5.20 78.77 -14.05
CA GLY B 409 5.71 80.12 -14.18
C GLY B 409 4.72 81.13 -13.65
N GLY B 410 3.79 80.67 -12.82
CA GLY B 410 2.85 81.55 -12.13
C GLY B 410 1.63 81.90 -12.98
N ARG B 411 1.48 81.19 -14.09
CA ARG B 411 0.26 81.25 -14.89
C ARG B 411 -0.91 80.56 -14.15
N GLY B 412 -0.57 79.51 -13.41
CA GLY B 412 -1.58 78.66 -12.78
C GLY B 412 -2.27 77.75 -13.78
N VAL B 413 -3.48 77.30 -13.44
CA VAL B 413 -4.30 76.54 -14.37
C VAL B 413 -5.65 77.20 -14.59
N ASP B 414 -6.18 77.05 -15.79
CA ASP B 414 -7.48 77.63 -16.12
C ASP B 414 -8.64 76.91 -15.42
N VAL B 415 -8.56 75.58 -15.38
CA VAL B 415 -9.66 74.76 -14.84
C VAL B 415 -9.11 73.83 -13.76
N VAL B 416 -9.90 73.60 -12.72
CA VAL B 416 -9.52 72.65 -11.68
C VAL B 416 -10.65 71.63 -11.45
N LEU B 417 -10.31 70.33 -11.56
CA LEU B 417 -11.26 69.26 -11.22
C LEU B 417 -11.02 68.71 -9.81
N ASN B 418 -11.62 69.36 -8.81
CA ASN B 418 -11.30 69.05 -7.41
C ASN B 418 -12.06 67.86 -6.83
N SER B 419 -11.39 67.12 -5.95
CA SER B 419 -12.03 66.10 -5.15
C SER B 419 -11.54 66.08 -3.70
N LEU B 420 -10.37 66.69 -3.46
CA LEU B 420 -9.82 66.87 -2.10
C LEU B 420 -10.60 67.94 -1.34
N ALA B 421 -10.64 67.80 -0.02
CA ALA B 421 -11.30 68.81 0.81
C ALA B 421 -10.39 69.29 1.93
N GLY B 422 -10.96 70.03 2.87
CA GLY B 422 -10.18 70.72 3.89
C GLY B 422 -9.31 71.80 3.29
N GLU B 423 -8.05 71.85 3.73
CA GLU B 423 -7.12 72.87 3.27
C GLU B 423 -6.56 72.52 1.89
N PHE B 424 -6.63 71.25 1.52
CA PHE B 424 -6.22 70.77 0.19
C PHE B 424 -7.01 71.47 -0.91
N ALA B 425 -8.25 71.83 -0.60
CA ALA B 425 -9.12 72.48 -1.58
C ALA B 425 -8.82 73.96 -1.70
N ASP B 426 -8.29 74.55 -0.64
CA ASP B 426 -7.83 75.92 -0.69
C ASP B 426 -6.61 76.05 -1.59
N ALA B 427 -5.57 75.28 -1.28
CA ALA B 427 -4.38 75.25 -2.12
C ALA B 427 -4.76 75.26 -3.60
N SER B 428 -5.67 74.35 -3.96
CA SER B 428 -6.15 74.22 -5.33
C SER B 428 -6.61 75.56 -5.91
N LEU B 429 -7.43 76.28 -5.15
CA LEU B 429 -8.05 77.51 -5.63
C LEU B 429 -6.97 78.53 -5.99
N ARG B 430 -5.91 78.53 -5.20
CA ARG B 430 -4.79 79.43 -5.40
C ARG B 430 -4.07 79.09 -6.69
N MET B 431 -4.45 77.97 -7.29
CA MET B 431 -3.87 77.53 -8.53
C MET B 431 -4.63 78.11 -9.72
N LEU B 432 -5.61 78.95 -9.41
CA LEU B 432 -6.20 79.81 -10.41
C LEU B 432 -5.99 81.23 -9.95
N PRO B 433 -4.73 81.68 -9.98
CA PRO B 433 -4.37 82.95 -9.40
C PRO B 433 -5.08 84.06 -10.16
N ARG B 434 -5.01 84.00 -11.47
CA ARG B 434 -6.00 84.60 -12.36
C ARG B 434 -7.28 83.76 -12.28
N GLY B 435 -8.42 84.38 -12.54
CA GLY B 435 -9.68 83.65 -12.50
C GLY B 435 -9.57 82.28 -13.16
N GLY B 436 -10.57 81.43 -12.94
CA GLY B 436 -10.77 80.27 -13.78
C GLY B 436 -12.02 79.51 -13.39
N ARG B 437 -12.26 78.38 -14.05
CA ARG B 437 -13.36 77.51 -13.67
C ARG B 437 -12.94 76.46 -12.64
N PHE B 438 -13.60 76.44 -11.50
CA PHE B 438 -13.27 75.49 -10.45
C PHE B 438 -14.41 74.48 -10.24
N LEU B 439 -14.14 73.22 -10.54
CA LEU B 439 -15.16 72.18 -10.42
C LEU B 439 -15.00 71.36 -9.14
N GLU B 440 -16.11 71.18 -8.42
CA GLU B 440 -16.11 70.50 -7.14
C GLU B 440 -16.90 69.20 -7.19
N LEU B 441 -16.18 68.09 -7.26
CA LEU B 441 -16.82 66.78 -7.23
C LEU B 441 -17.17 66.38 -5.81
N GLY B 442 -16.25 66.63 -4.89
CA GLY B 442 -16.38 66.14 -3.52
C GLY B 442 -17.64 66.63 -2.84
N LYS B 443 -18.04 65.94 -1.77
CA LYS B 443 -19.33 66.20 -1.13
C LYS B 443 -19.22 66.85 0.25
N THR B 444 -18.03 66.78 0.86
CA THR B 444 -17.70 67.68 1.97
C THR B 444 -17.11 68.99 1.48
N ASP B 445 -17.10 69.99 2.35
CA ASP B 445 -16.60 71.31 1.99
C ASP B 445 -17.12 71.75 0.61
N VAL B 446 -18.35 71.36 0.28
CA VAL B 446 -19.07 72.04 -0.78
C VAL B 446 -19.40 73.47 -0.34
N ARG B 447 -19.02 74.45 -1.16
CA ARG B 447 -18.92 75.84 -0.72
C ARG B 447 -19.81 76.81 -1.52
N ASP B 448 -19.79 78.08 -1.15
CA ASP B 448 -20.61 79.10 -1.82
C ASP B 448 -19.80 79.83 -2.90
N PRO B 449 -20.25 79.73 -4.16
CA PRO B 449 -19.55 80.36 -5.28
C PRO B 449 -19.34 81.86 -5.09
N VAL B 450 -20.23 82.52 -4.36
CA VAL B 450 -20.08 83.96 -4.15
C VAL B 450 -19.01 84.28 -3.09
N GLU B 451 -18.98 83.49 -2.02
CA GLU B 451 -17.93 83.60 -1.00
C GLU B 451 -16.54 83.23 -1.54
N VAL B 452 -16.53 82.25 -2.43
CA VAL B 452 -15.34 81.90 -3.23
C VAL B 452 -14.86 83.08 -4.08
N ALA B 453 -15.79 83.62 -4.88
CA ALA B 453 -15.53 84.82 -5.70
C ALA B 453 -14.87 85.96 -4.91
N ASP B 454 -15.19 86.05 -3.62
CA ASP B 454 -14.56 87.03 -2.72
C ASP B 454 -13.10 86.73 -2.48
N ALA B 455 -12.82 85.51 -2.00
CA ALA B 455 -11.46 85.15 -1.65
C ALA B 455 -10.57 85.06 -2.89
N HIS B 456 -11.12 84.53 -3.97
CA HIS B 456 -10.33 84.21 -5.15
C HIS B 456 -10.93 84.81 -6.36
N PRO B 457 -10.73 86.12 -6.54
CA PRO B 457 -11.37 86.90 -7.59
C PRO B 457 -11.05 86.37 -8.99
N GLY B 458 -12.06 86.34 -9.86
CA GLY B 458 -11.91 85.80 -11.21
C GLY B 458 -12.38 84.36 -11.31
N VAL B 459 -12.60 83.74 -10.15
CA VAL B 459 -12.86 82.29 -10.06
C VAL B 459 -14.35 82.02 -9.90
N SER B 460 -14.94 81.36 -10.88
CA SER B 460 -16.29 80.87 -10.75
C SER B 460 -16.28 79.43 -10.27
N TYR B 461 -16.80 79.24 -9.06
CA TYR B 461 -16.81 77.93 -8.42
C TYR B 461 -18.15 77.24 -8.70
N GLN B 462 -18.11 75.95 -9.00
CA GLN B 462 -19.33 75.18 -9.23
C GLN B 462 -19.20 73.73 -8.77
N ALA B 463 -19.96 73.38 -7.75
CA ALA B 463 -20.03 71.99 -7.31
C ALA B 463 -21.18 71.27 -8.00
N PHE B 464 -20.94 70.04 -8.43
CA PHE B 464 -21.89 69.36 -9.31
C PHE B 464 -21.98 67.85 -9.08
N ASP B 465 -22.81 67.23 -9.88
CA ASP B 465 -23.01 65.80 -9.88
C ASP B 465 -23.47 65.47 -11.27
N THR B 466 -23.00 64.37 -11.84
CA THR B 466 -23.29 64.12 -13.23
C THR B 466 -24.77 64.03 -13.55
N VAL B 467 -25.57 63.48 -12.63
CA VAL B 467 -26.98 63.28 -12.89
C VAL B 467 -27.62 64.60 -13.30
N GLU B 468 -27.11 65.68 -12.75
CA GLU B 468 -27.70 66.97 -12.99
C GLU B 468 -27.81 67.18 -14.48
N ALA B 469 -26.95 66.51 -15.23
CA ALA B 469 -26.98 66.62 -16.67
C ALA B 469 -28.35 66.19 -17.17
N GLY B 470 -28.94 65.21 -16.50
CA GLY B 470 -30.23 64.69 -16.90
C GLY B 470 -30.16 63.63 -17.98
N PRO B 471 -31.21 62.78 -18.06
CA PRO B 471 -31.31 61.65 -18.99
C PRO B 471 -31.16 62.05 -20.46
N GLN B 472 -31.57 63.28 -20.78
CA GLN B 472 -31.49 63.81 -22.15
C GLN B 472 -30.03 63.88 -22.66
N ARG B 473 -29.21 64.65 -21.95
CA ARG B 473 -27.81 64.88 -22.34
C ARG B 473 -26.95 63.63 -22.17
N ILE B 474 -27.25 62.83 -21.14
CA ILE B 474 -26.47 61.64 -20.83
C ILE B 474 -26.41 60.64 -21.98
N GLY B 475 -27.55 60.41 -22.63
CA GLY B 475 -27.56 59.66 -23.89
C GLY B 475 -26.55 60.23 -24.89
N GLU B 476 -26.65 61.52 -25.16
CA GLU B 476 -25.80 62.16 -26.16
C GLU B 476 -24.33 62.07 -25.79
N MET B 477 -24.04 62.36 -24.51
CA MET B 477 -22.68 62.22 -23.95
C MET B 477 -22.16 60.78 -24.11
N LEU B 478 -22.96 59.82 -23.64
CA LEU B 478 -22.68 58.40 -23.82
C LEU B 478 -22.29 58.10 -25.25
N HIS B 479 -23.18 58.47 -26.18
CA HIS B 479 -22.96 58.23 -27.61
C HIS B 479 -21.64 58.81 -28.06
N GLU B 480 -21.32 60.00 -27.55
CA GLU B 480 -20.14 60.73 -27.99
C GLU B 480 -18.88 60.04 -27.50
N LEU B 481 -18.97 59.49 -26.28
CA LEU B 481 -17.85 58.83 -25.64
C LEU B 481 -17.48 57.58 -26.39
N VAL B 482 -18.49 56.75 -26.66
CA VAL B 482 -18.31 55.56 -27.46
C VAL B 482 -17.55 55.89 -28.74
N GLU B 483 -18.06 56.87 -29.47
CA GLU B 483 -17.39 57.32 -30.69
C GLU B 483 -15.88 57.49 -30.48
N LEU B 484 -15.49 58.20 -29.42
CA LEU B 484 -14.07 58.38 -29.12
C LEU B 484 -13.40 57.10 -28.67
N PHE B 485 -14.15 56.24 -28.00
CA PHE B 485 -13.62 54.93 -27.61
C PHE B 485 -13.16 54.16 -28.82
N GLU B 486 -14.07 54.04 -29.78
CA GLU B 486 -13.86 53.19 -30.94
C GLU B 486 -12.77 53.76 -31.84
N GLY B 487 -12.47 55.05 -31.65
CA GLY B 487 -11.33 55.68 -32.31
C GLY B 487 -10.03 55.45 -31.57
N ARG B 488 -10.05 54.44 -30.68
CA ARG B 488 -9.01 54.27 -29.66
C ARG B 488 -8.46 55.57 -29.09
N VAL B 489 -9.29 56.60 -29.02
CA VAL B 489 -8.92 57.86 -28.37
C VAL B 489 -9.12 57.74 -26.86
N LEU B 490 -10.10 56.93 -26.48
CA LEU B 490 -10.34 56.65 -25.09
C LEU B 490 -10.28 55.14 -24.83
N GLU B 491 -9.92 54.79 -23.61
CA GLU B 491 -9.60 53.44 -23.28
C GLU B 491 -9.99 53.20 -21.83
N PRO B 492 -10.74 52.11 -21.57
CA PRO B 492 -11.19 51.76 -20.24
C PRO B 492 -10.06 51.59 -19.24
N LEU B 493 -10.37 51.75 -17.97
CA LEU B 493 -9.36 51.82 -16.94
C LEU B 493 -8.96 50.42 -16.50
N PRO B 494 -7.76 50.29 -15.91
CA PRO B 494 -7.43 49.11 -15.15
C PRO B 494 -8.58 48.72 -14.27
N VAL B 495 -8.98 47.45 -14.35
CA VAL B 495 -10.05 46.92 -13.52
C VAL B 495 -9.50 46.01 -12.42
N THR B 496 -9.93 46.24 -11.19
CA THR B 496 -9.77 45.22 -10.15
C THR B 496 -11.11 44.71 -9.65
N ALA B 497 -11.31 43.41 -9.71
CA ALA B 497 -12.67 42.88 -9.56
C ALA B 497 -12.88 41.97 -8.36
N TRP B 498 -14.10 41.99 -7.84
CA TRP B 498 -14.55 41.10 -6.78
C TRP B 498 -15.89 40.61 -7.15
N ASP B 499 -16.28 39.45 -6.62
CA ASP B 499 -17.67 39.00 -6.69
C ASP B 499 -18.50 39.77 -5.67
N VAL B 500 -19.74 40.13 -6.03
CA VAL B 500 -20.59 40.97 -5.14
C VAL B 500 -20.55 40.45 -3.72
N ARG B 501 -20.77 39.15 -3.57
CA ARG B 501 -20.75 38.48 -2.28
C ARG B 501 -19.56 38.91 -1.43
N GLN B 502 -18.59 39.56 -2.06
CA GLN B 502 -17.40 39.98 -1.36
C GLN B 502 -17.27 41.49 -1.19
N ALA B 503 -18.35 42.23 -1.45
CA ALA B 503 -18.29 43.68 -1.45
C ALA B 503 -17.55 44.25 -0.22
N PRO B 504 -17.74 43.64 0.97
CA PRO B 504 -17.02 44.16 2.12
C PRO B 504 -15.55 44.37 1.80
N GLU B 505 -14.88 43.31 1.42
CA GLU B 505 -13.45 43.37 1.21
C GLU B 505 -13.13 44.40 0.13
N ALA B 506 -14.00 44.47 -0.87
CA ALA B 506 -13.83 45.42 -1.98
C ALA B 506 -13.90 46.87 -1.51
N LEU B 507 -14.90 47.19 -0.69
CA LEU B 507 -15.12 48.57 -0.27
C LEU B 507 -14.18 49.04 0.84
N ARG B 508 -13.69 48.12 1.65
CA ARG B 508 -12.56 48.39 2.53
C ARG B 508 -11.39 48.87 1.69
N HIS B 509 -11.10 48.11 0.63
CA HIS B 509 -10.00 48.41 -0.25
C HIS B 509 -10.18 49.76 -0.88
N LEU B 510 -11.42 50.07 -1.25
CA LEU B 510 -11.74 51.37 -1.85
C LEU B 510 -11.55 52.49 -0.85
N SER B 511 -11.90 52.23 0.41
CA SER B 511 -11.90 53.24 1.45
C SER B 511 -10.48 53.64 1.82
N GLN B 512 -9.54 52.74 1.55
CA GLN B 512 -8.17 52.95 1.95
C GLN B 512 -7.31 53.53 0.83
N ALA B 513 -7.90 53.66 -0.35
CA ALA B 513 -7.22 54.22 -1.53
C ALA B 513 -6.05 53.37 -2.01
N ARG B 514 -6.06 52.09 -1.66
CA ARG B 514 -5.05 51.14 -2.14
C ARG B 514 -5.15 50.99 -3.66
N HIS B 515 -6.36 51.16 -4.17
CA HIS B 515 -6.68 50.85 -5.56
C HIS B 515 -6.02 51.78 -6.54
N VAL B 516 -5.75 51.26 -7.73
CA VAL B 516 -5.44 52.07 -8.89
C VAL B 516 -6.46 51.73 -9.96
N GLY B 517 -7.01 52.74 -10.63
CA GLY B 517 -8.00 52.51 -11.67
C GLY B 517 -9.39 52.27 -11.10
N LYS B 518 -10.19 51.49 -11.83
CA LYS B 518 -11.58 51.22 -11.45
C LYS B 518 -11.69 49.93 -10.62
N LEU B 519 -12.64 49.92 -9.68
CA LEU B 519 -13.09 48.66 -9.08
C LEU B 519 -14.45 48.25 -9.63
N VAL B 520 -14.69 46.95 -9.69
CA VAL B 520 -15.88 46.41 -10.31
C VAL B 520 -16.30 45.16 -9.54
N LEU B 521 -17.58 45.10 -9.17
CA LEU B 521 -18.14 43.85 -8.63
C LEU B 521 -18.83 43.05 -9.75
N THR B 522 -18.52 41.77 -9.83
CA THR B 522 -19.15 40.90 -10.80
C THR B 522 -20.31 40.21 -10.13
N MET B 523 -21.31 39.82 -10.91
CA MET B 523 -22.44 39.06 -10.42
C MET B 523 -22.12 37.57 -10.48
N PRO B 524 -22.76 36.77 -9.61
CA PRO B 524 -22.45 35.34 -9.57
C PRO B 524 -22.67 34.74 -10.94
N PRO B 525 -21.71 33.92 -11.42
CA PRO B 525 -21.87 33.50 -12.81
C PRO B 525 -23.01 32.50 -12.95
N VAL B 526 -23.82 32.68 -14.00
CA VAL B 526 -24.97 31.83 -14.19
C VAL B 526 -25.12 31.47 -15.69
N TRP B 527 -25.19 30.17 -15.97
CA TRP B 527 -25.07 29.69 -17.34
C TRP B 527 -26.34 29.91 -18.10
N ASP B 528 -26.23 30.31 -19.36
CA ASP B 528 -27.40 30.40 -20.22
C ASP B 528 -28.07 29.02 -20.37
N ALA B 529 -29.27 28.89 -19.78
CA ALA B 529 -29.99 27.62 -19.79
C ALA B 529 -30.17 27.12 -21.21
N ALA B 530 -30.08 28.04 -22.16
CA ALA B 530 -30.36 27.75 -23.57
C ALA B 530 -29.08 27.43 -24.35
N GLY B 531 -27.93 27.78 -23.77
CA GLY B 531 -26.66 27.71 -24.49
C GLY B 531 -26.05 26.33 -24.48
N THR B 532 -24.80 26.24 -24.91
CA THR B 532 -24.09 24.99 -24.96
C THR B 532 -23.02 24.91 -23.87
N VAL B 533 -22.90 23.75 -23.23
CA VAL B 533 -21.79 23.53 -22.30
C VAL B 533 -20.71 22.64 -22.90
N LEU B 534 -19.45 23.02 -22.70
CA LEU B 534 -18.30 22.20 -23.16
C LEU B 534 -17.56 21.54 -22.00
N VAL B 535 -17.49 20.23 -22.00
CA VAL B 535 -16.62 19.57 -21.06
C VAL B 535 -15.42 18.95 -21.75
N THR B 536 -14.22 19.37 -21.36
CA THR B 536 -13.01 18.72 -21.86
C THR B 536 -12.61 17.58 -20.97
N GLY B 537 -12.01 16.56 -21.56
CA GLY B 537 -11.71 15.34 -20.85
C GLY B 537 -12.97 14.76 -20.26
N GLY B 538 -14.05 14.80 -21.04
CA GLY B 538 -15.41 14.53 -20.53
C GLY B 538 -15.74 13.05 -20.60
N THR B 539 -14.70 12.24 -20.50
CA THR B 539 -14.81 10.81 -20.65
C THR B 539 -14.23 10.25 -19.40
N GLY B 540 -13.52 11.11 -18.68
CA GLY B 540 -12.66 10.69 -17.60
C GLY B 540 -13.47 10.46 -16.35
N ALA B 541 -12.79 10.00 -15.30
CA ALA B 541 -13.40 9.74 -14.01
C ALA B 541 -14.44 10.79 -13.61
N LEU B 542 -14.00 12.04 -13.42
CA LEU B 542 -14.93 13.12 -13.04
C LEU B 542 -15.61 13.77 -14.24
N GLY B 543 -14.88 13.90 -15.35
CA GLY B 543 -15.44 14.52 -16.54
C GLY B 543 -16.78 13.93 -16.89
N ALA B 544 -16.83 12.62 -17.08
CA ALA B 544 -18.05 11.97 -17.50
C ALA B 544 -19.18 12.00 -16.42
N GLU B 545 -18.79 11.97 -15.15
CA GLU B 545 -19.76 12.06 -14.06
C GLU B 545 -20.45 13.42 -14.06
N VAL B 546 -19.65 14.47 -14.28
CA VAL B 546 -20.18 15.81 -14.34
C VAL B 546 -21.07 15.93 -15.56
N ALA B 547 -20.58 15.42 -16.67
CA ALA B 547 -21.37 15.36 -17.89
C ALA B 547 -22.76 14.79 -17.59
N ARG B 548 -22.79 13.64 -16.93
CA ARG B 548 -24.05 13.00 -16.51
C ARG B 548 -24.83 13.90 -15.57
N HIS B 549 -24.13 14.51 -14.61
CA HIS B 549 -24.77 15.36 -13.62
C HIS B 549 -25.43 16.60 -14.21
N LEU B 550 -24.71 17.30 -15.08
CA LEU B 550 -25.25 18.43 -15.85
C LEU B 550 -26.56 18.08 -16.56
N VAL B 551 -26.51 17.07 -17.42
CA VAL B 551 -27.64 16.73 -18.26
C VAL B 551 -28.79 16.16 -17.45
N ILE B 552 -28.47 15.22 -16.55
CA ILE B 552 -29.47 14.56 -15.73
C ILE B 552 -30.08 15.43 -14.63
N GLU B 553 -29.28 16.29 -14.00
CA GLU B 553 -29.77 17.03 -12.83
C GLU B 553 -29.93 18.53 -13.03
N ARG B 554 -29.04 19.13 -13.80
CA ARG B 554 -28.98 20.58 -13.90
C ARG B 554 -29.61 20.99 -15.20
N GLY B 555 -30.17 20.02 -15.89
CA GLY B 555 -31.00 20.29 -17.06
C GLY B 555 -30.26 21.09 -18.10
N VAL B 556 -28.99 20.76 -18.31
CA VAL B 556 -28.33 21.14 -19.55
C VAL B 556 -28.79 20.26 -20.69
N ARG B 557 -28.98 20.87 -21.86
CA ARG B 557 -29.55 20.19 -22.99
C ARG B 557 -28.68 20.30 -24.22
N ASN B 558 -27.60 21.07 -24.12
CA ASN B 558 -26.63 21.13 -25.20
C ASN B 558 -25.19 20.96 -24.73
N LEU B 559 -24.61 19.81 -25.09
CA LEU B 559 -23.35 19.31 -24.51
C LEU B 559 -22.42 18.95 -25.65
N VAL B 560 -21.27 19.63 -25.72
CA VAL B 560 -20.11 19.08 -26.44
C VAL B 560 -19.15 18.57 -25.41
N LEU B 561 -18.80 17.29 -25.51
CA LEU B 561 -17.64 16.79 -24.79
C LEU B 561 -16.46 16.66 -25.72
N VAL B 562 -15.26 16.66 -25.15
CA VAL B 562 -14.07 16.57 -25.97
C VAL B 562 -12.93 15.83 -25.25
N SER B 563 -12.52 14.72 -25.84
CA SER B 563 -11.39 13.94 -25.33
C SER B 563 -10.57 13.56 -26.56
N ARG B 564 -9.31 13.19 -26.36
CA ARG B 564 -8.42 13.01 -27.51
C ARG B 564 -8.93 11.90 -28.42
N ARG B 565 -9.30 10.78 -27.81
CA ARG B 565 -9.78 9.60 -28.56
C ARG B 565 -11.26 9.72 -29.01
N GLY B 566 -11.99 10.65 -28.41
CA GLY B 566 -13.43 10.82 -28.69
C GLY B 566 -14.28 9.57 -28.45
N PRO B 567 -15.27 9.33 -29.32
CA PRO B 567 -16.20 8.20 -29.18
C PRO B 567 -15.55 6.81 -29.28
N ALA B 568 -14.31 6.77 -29.77
CA ALA B 568 -13.62 5.49 -30.00
C ALA B 568 -13.11 4.90 -28.69
N ALA B 569 -13.05 5.73 -27.66
CA ALA B 569 -12.68 5.27 -26.33
C ALA B 569 -13.80 4.45 -25.76
N SER B 570 -13.49 3.26 -25.29
CA SER B 570 -14.44 2.51 -24.48
C SER B 570 -14.75 3.30 -23.23
N GLY B 571 -16.00 3.22 -22.77
CA GLY B 571 -17.14 3.02 -23.65
C GLY B 571 -17.87 4.33 -23.86
N ALA B 572 -17.26 5.20 -24.65
CA ALA B 572 -17.83 6.50 -24.97
C ALA B 572 -19.20 6.35 -25.62
N ALA B 573 -19.35 5.33 -26.46
CA ALA B 573 -20.60 5.13 -27.20
C ALA B 573 -21.79 5.07 -26.25
N GLU B 574 -21.68 4.25 -25.21
CA GLU B 574 -22.72 4.08 -24.19
C GLU B 574 -22.98 5.37 -23.42
N LEU B 575 -21.90 6.01 -22.99
CA LEU B 575 -22.01 7.30 -22.32
C LEU B 575 -22.82 8.29 -23.15
N VAL B 576 -22.45 8.46 -24.42
CA VAL B 576 -23.23 9.33 -25.31
C VAL B 576 -24.67 8.87 -25.44
N ALA B 577 -24.87 7.58 -25.75
CA ALA B 577 -26.19 6.96 -25.77
C ALA B 577 -27.04 7.44 -24.59
N GLN B 578 -26.48 7.34 -23.40
CA GLN B 578 -27.21 7.62 -22.19
C GLN B 578 -27.64 9.08 -22.07
N LEU B 579 -26.70 10.00 -22.30
CA LEU B 579 -27.02 11.42 -22.25
C LEU B 579 -28.05 11.78 -23.30
N THR B 580 -27.83 11.35 -24.54
CA THR B 580 -28.77 11.69 -25.60
C THR B 580 -30.16 11.14 -25.32
N ALA B 581 -30.23 10.04 -24.56
CA ALA B 581 -31.49 9.42 -24.17
C ALA B 581 -32.29 10.31 -23.22
N TYR B 582 -31.58 11.07 -22.41
CA TYR B 582 -32.22 11.97 -21.48
C TYR B 582 -32.73 13.24 -22.13
N GLY B 583 -32.69 13.30 -23.45
CA GLY B 583 -33.22 14.44 -24.18
C GLY B 583 -32.16 15.28 -24.87
N ALA B 584 -30.99 15.37 -24.23
CA ALA B 584 -29.93 16.34 -24.59
C ALA B 584 -29.42 16.24 -26.04
N GLU B 585 -29.07 17.38 -26.63
CA GLU B 585 -28.28 17.37 -27.84
C GLU B 585 -26.82 17.25 -27.47
N VAL B 586 -26.26 16.07 -27.69
CA VAL B 586 -24.95 15.72 -27.14
C VAL B 586 -23.98 15.38 -28.27
N SER B 587 -22.80 15.98 -28.24
CA SER B 587 -21.74 15.64 -29.19
C SER B 587 -20.42 15.34 -28.46
N LEU B 588 -19.83 14.20 -28.77
CA LEU B 588 -18.49 13.91 -28.30
C LEU B 588 -17.54 13.94 -29.47
N GLN B 589 -16.66 14.91 -29.50
CA GLN B 589 -15.66 14.99 -30.57
C GLN B 589 -14.25 14.57 -30.13
N ALA B 590 -13.56 13.85 -31.00
CA ALA B 590 -12.19 13.42 -30.72
C ALA B 590 -11.25 14.55 -31.01
N CYS B 591 -10.68 15.14 -29.97
CA CYS B 591 -9.96 16.40 -30.12
C CYS B 591 -9.01 16.71 -28.99
N ASP B 592 -7.85 17.21 -29.35
CA ASP B 592 -6.82 17.45 -28.39
C ASP B 592 -6.83 18.91 -28.02
N VAL B 593 -7.29 19.24 -26.80
CA VAL B 593 -7.50 20.63 -26.40
C VAL B 593 -6.30 21.51 -26.70
N ALA B 594 -5.12 20.89 -26.73
CA ALA B 594 -3.87 21.63 -26.87
C ALA B 594 -3.60 22.01 -28.32
N ASP B 595 -4.37 21.45 -29.23
CA ASP B 595 -4.27 21.81 -30.63
C ASP B 595 -5.24 22.93 -30.97
N ARG B 596 -4.70 24.13 -31.21
CA ARG B 596 -5.56 25.30 -31.37
C ARG B 596 -6.46 25.19 -32.61
N GLU B 597 -5.90 24.72 -33.72
CA GLU B 597 -6.65 24.65 -34.97
C GLU B 597 -7.84 23.71 -34.83
N THR B 598 -7.64 22.62 -34.09
CA THR B 598 -8.64 21.55 -33.98
C THR B 598 -9.75 21.94 -33.01
N LEU B 599 -9.37 22.66 -31.95
CA LEU B 599 -10.33 23.14 -30.97
C LEU B 599 -11.23 24.19 -31.63
N ALA B 600 -10.62 25.10 -32.37
CA ALA B 600 -11.35 26.07 -33.15
C ALA B 600 -12.44 25.37 -33.94
N LYS B 601 -12.09 24.28 -34.60
CA LYS B 601 -13.03 23.61 -35.49
C LYS B 601 -14.21 23.05 -34.71
N VAL B 602 -13.95 22.63 -33.47
CA VAL B 602 -15.01 22.14 -32.61
C VAL B 602 -15.93 23.29 -32.23
N LEU B 603 -15.37 24.31 -31.58
CA LEU B 603 -16.15 25.46 -31.10
C LEU B 603 -17.00 26.05 -32.21
N ALA B 604 -16.38 26.22 -33.38
CA ALA B 604 -17.04 26.74 -34.57
C ALA B 604 -18.31 25.98 -34.94
N SER B 605 -18.32 24.68 -34.64
CA SER B 605 -19.42 23.82 -35.05
C SER B 605 -20.62 23.87 -34.11
N ILE B 606 -20.50 24.61 -33.01
CA ILE B 606 -21.65 24.79 -32.13
C ILE B 606 -22.70 25.69 -32.79
N PRO B 607 -23.96 25.20 -32.87
CA PRO B 607 -25.01 25.97 -33.53
C PRO B 607 -25.16 27.36 -32.91
N ASP B 608 -25.70 28.29 -33.69
CA ASP B 608 -25.92 29.66 -33.22
C ASP B 608 -27.17 29.79 -32.33
N GLU B 609 -28.04 28.78 -32.39
CA GLU B 609 -29.23 28.73 -31.53
C GLU B 609 -28.88 28.39 -30.08
N HIS B 610 -27.69 27.85 -29.86
CA HIS B 610 -27.28 27.50 -28.52
C HIS B 610 -25.85 27.88 -28.30
N PRO B 611 -25.57 29.18 -28.36
CA PRO B 611 -24.20 29.67 -28.21
C PRO B 611 -23.58 29.27 -26.86
N LEU B 612 -22.32 28.84 -26.92
CA LEU B 612 -21.56 28.36 -25.77
C LEU B 612 -21.59 29.37 -24.62
N THR B 613 -21.87 28.90 -23.39
CA THR B 613 -21.83 29.79 -22.22
C THR B 613 -20.88 29.37 -21.12
N ALA B 614 -20.56 28.09 -21.08
CA ALA B 614 -19.73 27.55 -20.00
C ALA B 614 -18.77 26.48 -20.48
N VAL B 615 -17.61 26.39 -19.82
CA VAL B 615 -16.57 25.45 -20.18
C VAL B 615 -15.95 24.84 -18.93
N VAL B 616 -16.07 23.52 -18.80
CA VAL B 616 -15.44 22.79 -17.71
C VAL B 616 -14.20 22.07 -18.22
N HIS B 617 -13.03 22.58 -17.83
CA HIS B 617 -11.77 22.03 -18.29
C HIS B 617 -11.24 20.97 -17.35
N ALA B 618 -11.56 19.70 -17.67
CA ALA B 618 -11.26 18.56 -16.80
C ALA B 618 -10.33 17.59 -17.50
N ALA B 619 -9.92 17.93 -18.72
CA ALA B 619 -8.88 17.16 -19.37
C ALA B 619 -7.59 17.19 -18.55
N GLY B 620 -6.84 16.10 -18.62
CA GLY B 620 -5.59 15.96 -17.86
C GLY B 620 -4.81 14.69 -18.19
N VAL B 621 -3.50 14.76 -17.98
CA VAL B 621 -2.61 13.61 -18.09
C VAL B 621 -1.73 13.53 -16.83
N LEU B 622 -1.31 12.34 -16.44
CA LEU B 622 -0.82 12.10 -15.09
C LEU B 622 0.68 11.79 -15.07
N ASP B 623 1.32 12.01 -13.91
CA ASP B 623 2.65 11.48 -13.71
C ASP B 623 2.88 10.93 -12.32
N ASP B 624 3.99 10.21 -12.16
CA ASP B 624 4.45 9.83 -10.85
C ASP B 624 5.95 9.69 -10.83
N GLY B 625 6.56 10.28 -9.81
CA GLY B 625 8.00 10.15 -9.63
C GLY B 625 8.60 11.38 -9.00
N VAL B 626 9.39 11.16 -7.94
CA VAL B 626 10.05 12.24 -7.25
C VAL B 626 10.94 13.02 -8.21
N SER B 627 11.27 14.24 -7.82
CA SER B 627 11.68 15.26 -8.78
C SER B 627 13.02 14.92 -9.40
N GLU B 628 13.85 14.20 -8.64
CA GLU B 628 15.13 13.67 -9.13
C GLU B 628 14.92 13.04 -10.49
N SER B 629 13.82 12.28 -10.59
CA SER B 629 13.60 11.36 -11.70
C SER B 629 12.72 11.96 -12.79
N LEU B 630 12.22 13.18 -12.56
CA LEU B 630 11.43 13.88 -13.57
C LEU B 630 12.31 14.25 -14.72
N THR B 631 11.71 14.62 -15.84
CA THR B 631 12.46 14.99 -17.02
C THR B 631 11.68 16.00 -17.82
N VAL B 632 12.39 16.77 -18.64
CA VAL B 632 11.73 17.76 -19.49
C VAL B 632 10.64 17.15 -20.39
N GLU B 633 10.90 15.95 -20.93
CA GLU B 633 9.89 15.29 -21.77
C GLU B 633 8.60 15.06 -20.97
N ARG B 634 8.75 14.58 -19.73
CA ARG B 634 7.61 14.35 -18.83
C ARG B 634 6.88 15.64 -18.44
N LEU B 635 7.64 16.73 -18.28
CA LEU B 635 7.05 18.01 -17.94
C LEU B 635 6.05 18.36 -18.99
N ASP B 636 6.46 18.23 -20.24
CA ASP B 636 5.66 18.72 -21.33
C ASP B 636 4.43 17.87 -21.55
N GLN B 637 4.56 16.57 -21.28
CA GLN B 637 3.42 15.66 -21.25
C GLN B 637 2.30 16.28 -20.43
N VAL B 638 2.65 16.78 -19.26
CA VAL B 638 1.66 17.02 -18.23
C VAL B 638 1.16 18.46 -18.26
N LEU B 639 2.01 19.37 -18.74
CA LEU B 639 1.57 20.73 -19.04
C LEU B 639 0.63 20.78 -20.24
N ARG B 640 0.74 19.80 -21.14
CA ARG B 640 0.10 19.92 -22.45
C ARG B 640 -1.42 20.08 -22.42
N PRO B 641 -2.13 19.21 -21.68
CA PRO B 641 -3.55 19.46 -21.74
C PRO B 641 -3.98 20.55 -20.77
N LYS B 642 -3.31 20.66 -19.64
CA LYS B 642 -3.74 21.61 -18.62
C LYS B 642 -3.44 23.02 -19.09
N VAL B 643 -2.23 23.24 -19.57
CA VAL B 643 -1.74 24.58 -19.82
C VAL B 643 -2.05 25.07 -21.23
N ASP B 644 -1.46 24.43 -22.23
CA ASP B 644 -1.76 24.74 -23.64
C ASP B 644 -3.27 24.71 -23.86
N GLY B 645 -3.91 23.64 -23.40
CA GLY B 645 -5.36 23.52 -23.40
C GLY B 645 -6.05 24.78 -22.92
N ALA B 646 -5.86 25.11 -21.65
CA ALA B 646 -6.39 26.36 -21.08
C ALA B 646 -6.05 27.59 -21.93
N ARG B 647 -4.77 27.72 -22.30
CA ARG B 647 -4.31 28.78 -23.22
C ARG B 647 -5.21 28.92 -24.43
N ASN B 648 -5.29 27.87 -25.24
CA ASN B 648 -6.17 27.84 -26.41
C ASN B 648 -7.61 28.19 -26.02
N LEU B 649 -8.12 27.49 -25.00
CA LEU B 649 -9.49 27.71 -24.58
C LEU B 649 -9.73 29.20 -24.51
N LEU B 650 -8.85 29.91 -23.83
CA LEU B 650 -9.12 31.28 -23.51
C LEU B 650 -8.72 32.21 -24.65
N GLU B 651 -7.90 31.72 -25.56
CA GLU B 651 -7.60 32.46 -26.76
C GLU B 651 -8.74 32.37 -27.79
N LEU B 652 -9.68 31.43 -27.58
CA LEU B 652 -10.78 31.22 -28.54
C LEU B 652 -12.18 31.44 -27.93
N ILE B 653 -12.25 31.44 -26.60
CA ILE B 653 -13.49 31.65 -25.89
C ILE B 653 -13.80 33.15 -25.77
N ASP B 654 -15.06 33.51 -25.94
CA ASP B 654 -15.44 34.89 -25.74
C ASP B 654 -15.39 35.23 -24.25
N PRO B 655 -14.88 36.43 -23.92
CA PRO B 655 -14.45 36.80 -22.56
C PRO B 655 -15.42 36.37 -21.46
N ASP B 656 -16.72 36.44 -21.74
CA ASP B 656 -17.71 36.20 -20.69
C ASP B 656 -18.47 34.87 -20.83
N VAL B 657 -17.93 33.97 -21.64
CA VAL B 657 -18.06 32.54 -21.37
C VAL B 657 -17.48 32.19 -19.99
N ALA B 658 -18.24 31.45 -19.19
CA ALA B 658 -17.76 31.02 -17.88
C ALA B 658 -16.73 29.92 -18.03
N LEU B 659 -15.68 29.98 -17.24
CA LEU B 659 -14.60 29.02 -17.33
C LEU B 659 -14.38 28.35 -15.99
N VAL B 660 -14.66 27.07 -15.92
CA VAL B 660 -14.32 26.33 -14.75
C VAL B 660 -13.16 25.41 -15.08
N LEU B 661 -12.12 25.48 -14.27
CA LEU B 661 -10.95 24.62 -14.45
C LEU B 661 -10.87 23.57 -13.34
N PHE B 662 -10.26 22.44 -13.66
CA PHE B 662 -9.96 21.45 -12.65
C PHE B 662 -8.45 21.40 -12.32
N SER B 663 -8.07 21.88 -11.13
CA SER B 663 -6.71 21.65 -10.62
C SER B 663 -6.67 20.42 -9.74
N SER B 664 -5.52 20.19 -9.10
CA SER B 664 -5.46 19.32 -7.95
C SER B 664 -5.13 20.11 -6.69
N VAL B 665 -5.61 19.62 -5.56
CA VAL B 665 -5.15 20.08 -4.26
C VAL B 665 -3.68 19.69 -4.03
N SER B 666 -3.18 18.78 -4.86
CA SER B 666 -1.77 18.42 -4.83
C SER B 666 -0.92 19.62 -5.18
N GLY B 667 -1.46 20.50 -6.02
CA GLY B 667 -0.80 21.76 -6.36
C GLY B 667 -0.77 22.72 -5.18
N VAL B 668 -1.50 22.39 -4.13
CA VAL B 668 -1.61 23.27 -2.96
C VAL B 668 -0.86 22.73 -1.73
N LEU B 669 -1.11 21.47 -1.39
CA LEU B 669 -0.25 20.78 -0.43
C LEU B 669 1.11 20.44 -1.05
N GLY B 670 1.16 20.39 -2.37
CA GLY B 670 2.29 19.76 -3.05
C GLY B 670 2.59 18.37 -2.54
N SER B 671 1.69 17.44 -2.84
CA SER B 671 1.82 16.09 -2.35
C SER B 671 3.18 15.50 -2.69
N GLY B 672 3.65 15.78 -3.90
CA GLY B 672 4.95 15.30 -4.32
C GLY B 672 4.92 13.81 -4.56
N GLY B 673 5.82 13.34 -5.41
CA GLY B 673 5.48 12.31 -6.36
C GLY B 673 4.77 12.91 -7.54
N GLN B 674 4.29 14.15 -7.40
CA GLN B 674 3.76 14.89 -8.55
C GLN B 674 4.22 16.33 -8.69
N GLY B 675 5.53 16.56 -8.53
CA GLY B 675 6.11 17.86 -8.86
C GLY B 675 5.54 18.46 -10.13
N ASN B 676 5.83 17.82 -11.26
CA ASN B 676 5.43 18.40 -12.54
C ASN B 676 3.92 18.41 -12.76
N TYR B 677 3.22 17.41 -12.23
CA TYR B 677 1.77 17.45 -12.28
C TYR B 677 1.27 18.66 -11.50
N ALA B 678 1.80 18.84 -10.30
CA ALA B 678 1.39 19.91 -9.41
C ALA B 678 1.61 21.26 -10.07
N ALA B 679 2.71 21.39 -10.82
CA ALA B 679 3.02 22.64 -11.50
C ALA B 679 1.90 23.03 -12.43
N ALA B 680 1.43 22.08 -13.22
CA ALA B 680 0.38 22.36 -14.17
C ALA B 680 -0.88 22.84 -13.47
N ASN B 681 -1.23 22.23 -12.36
CA ASN B 681 -2.45 22.59 -11.69
C ASN B 681 -2.38 23.97 -11.05
N SER B 682 -1.21 24.29 -10.48
CA SER B 682 -1.00 25.58 -9.83
C SER B 682 -1.20 26.71 -10.82
N PHE B 683 -0.66 26.52 -12.02
CA PHE B 683 -0.89 27.45 -13.10
C PHE B 683 -2.36 27.72 -13.39
N LEU B 684 -3.18 26.68 -13.49
CA LEU B 684 -4.64 26.88 -13.52
C LEU B 684 -5.10 27.70 -12.31
N ASP B 685 -4.84 27.20 -11.11
CA ASP B 685 -5.20 27.93 -9.91
C ASP B 685 -4.85 29.41 -10.10
N ALA B 686 -3.62 29.64 -10.55
CA ALA B 686 -3.08 31.00 -10.72
C ALA B 686 -3.78 31.78 -11.84
N LEU B 687 -4.04 31.09 -12.95
CA LEU B 687 -4.81 31.65 -14.05
C LEU B 687 -6.19 32.11 -13.59
N ALA B 688 -6.92 31.23 -12.94
CA ALA B 688 -8.25 31.59 -12.48
C ALA B 688 -8.17 32.86 -11.66
N GLN B 689 -7.22 32.90 -10.74
CA GLN B 689 -7.14 33.97 -9.78
C GLN B 689 -6.88 35.28 -10.51
N GLN B 690 -5.99 35.21 -11.48
CA GLN B 690 -5.59 36.40 -12.24
C GLN B 690 -6.74 36.90 -13.09
N ARG B 691 -7.43 35.96 -13.72
CA ARG B 691 -8.44 36.24 -14.74
C ARG B 691 -9.72 36.84 -14.15
N GLN B 692 -10.16 36.30 -13.01
CA GLN B 692 -11.35 36.82 -12.35
C GLN B 692 -11.14 38.26 -11.94
N SER B 693 -10.05 38.50 -11.23
CA SER B 693 -9.72 39.84 -10.77
C SER B 693 -9.73 40.84 -11.92
N ARG B 694 -9.26 40.42 -13.08
CA ARG B 694 -9.33 41.25 -14.25
C ARG B 694 -10.78 41.35 -14.75
N GLY B 695 -11.68 40.64 -14.09
CA GLY B 695 -13.12 40.81 -14.35
C GLY B 695 -13.86 39.60 -14.95
N LEU B 696 -13.12 38.67 -15.54
CA LEU B 696 -13.74 37.64 -16.39
C LEU B 696 -14.11 36.41 -15.58
N PRO B 697 -15.26 35.78 -15.92
CA PRO B 697 -15.90 34.78 -15.06
C PRO B 697 -15.13 33.45 -15.04
N THR B 698 -14.26 33.27 -14.04
CA THR B 698 -13.32 32.16 -14.09
C THR B 698 -13.11 31.53 -12.73
N ARG B 699 -13.30 30.22 -12.64
CA ARG B 699 -13.24 29.54 -11.35
C ARG B 699 -12.27 28.38 -11.42
N SER B 700 -11.71 28.03 -10.28
CA SER B 700 -10.84 26.90 -10.22
C SER B 700 -11.18 26.01 -9.04
N LEU B 701 -11.16 24.70 -9.28
CA LEU B 701 -11.45 23.75 -8.22
C LEU B 701 -10.28 22.79 -8.02
N ALA B 702 -9.56 22.99 -6.93
CA ALA B 702 -8.45 22.12 -6.57
C ALA B 702 -8.96 20.83 -5.94
N TRP B 703 -9.38 19.90 -6.79
CA TRP B 703 -9.99 18.66 -6.34
C TRP B 703 -9.07 17.83 -5.51
N GLY B 704 -9.58 17.30 -4.40
CA GLY B 704 -9.02 16.10 -3.78
C GLY B 704 -9.45 14.83 -4.50
N PRO B 705 -9.15 13.66 -3.92
CA PRO B 705 -9.37 12.37 -4.59
C PRO B 705 -10.86 12.03 -4.72
N TRP B 706 -11.23 11.42 -5.84
CA TRP B 706 -12.60 10.89 -6.07
C TRP B 706 -12.56 9.40 -6.06
N ALA B 707 -13.64 8.78 -5.61
CA ALA B 707 -13.66 7.32 -5.51
C ALA B 707 -14.08 6.65 -6.81
N GLU B 708 -14.28 7.44 -7.86
CA GLU B 708 -15.17 7.04 -8.95
C GLU B 708 -14.50 6.44 -10.20
N HIS B 709 -13.19 6.22 -10.15
CA HIS B 709 -12.53 5.42 -11.20
C HIS B 709 -12.77 5.97 -12.59
N GLY B 710 -13.26 5.14 -13.50
CA GLY B 710 -13.65 5.62 -14.83
C GLY B 710 -14.12 4.52 -15.76
N MET B 711 -14.68 4.90 -16.91
CA MET B 711 -14.96 3.92 -17.93
C MET B 711 -13.77 3.02 -18.04
N ALA B 712 -12.61 3.62 -18.32
CA ALA B 712 -11.32 3.01 -18.05
C ALA B 712 -11.34 1.51 -17.75
N SER B 713 -10.49 1.09 -16.81
CA SER B 713 -10.75 1.23 -15.37
C SER B 713 -11.87 0.31 -14.92
N THR B 714 -13.08 0.83 -14.88
CA THR B 714 -14.21 -0.01 -14.53
C THR B 714 -14.41 -1.11 -15.57
N LEU B 715 -14.29 -0.77 -16.84
CA LEU B 715 -14.42 -1.75 -17.89
C LEU B 715 -13.27 -2.73 -17.87
N ARG B 716 -12.07 -2.25 -17.58
CA ARG B 716 -10.94 -3.14 -17.41
C ARG B 716 -11.13 -4.05 -16.21
N GLU B 717 -11.56 -3.47 -15.09
CA GLU B 717 -11.94 -4.25 -13.93
C GLU B 717 -12.98 -5.32 -14.27
N ALA B 718 -14.02 -4.94 -15.01
CA ALA B 718 -15.14 -5.85 -15.32
C ALA B 718 -14.73 -7.09 -16.16
N GLU B 719 -14.06 -6.84 -17.28
CA GLU B 719 -13.43 -7.90 -18.06
C GLU B 719 -12.77 -8.94 -17.16
N GLN B 720 -11.92 -8.47 -16.26
CA GLN B 720 -11.27 -9.32 -15.28
C GLN B 720 -12.26 -10.22 -14.50
N ASP B 721 -13.40 -9.65 -14.09
CA ASP B 721 -14.45 -10.43 -13.43
C ASP B 721 -14.80 -11.59 -14.32
N ARG B 722 -15.00 -11.29 -15.59
CA ARG B 722 -15.69 -12.19 -16.46
C ARG B 722 -14.75 -13.32 -16.85
N LEU B 723 -13.45 -13.01 -16.92
CA LEU B 723 -12.45 -14.04 -17.14
C LEU B 723 -12.26 -14.89 -15.90
N ALA B 724 -12.34 -14.27 -14.72
CA ALA B 724 -12.27 -15.00 -13.47
C ALA B 724 -13.46 -15.93 -13.30
N ARG B 725 -14.64 -15.45 -13.68
CA ARG B 725 -15.86 -16.27 -13.71
C ARG B 725 -15.72 -17.42 -14.72
N SER B 726 -15.06 -17.16 -15.83
CA SER B 726 -14.77 -18.19 -16.81
C SER B 726 -13.78 -19.25 -16.29
N GLY B 727 -13.47 -19.19 -15.01
CA GLY B 727 -12.52 -20.13 -14.41
C GLY B 727 -11.08 -19.96 -14.87
N LEU B 728 -10.71 -18.72 -15.20
CA LEU B 728 -9.31 -18.41 -15.51
C LEU B 728 -8.66 -17.61 -14.40
N LEU B 729 -7.34 -17.72 -14.30
CA LEU B 729 -6.57 -16.98 -13.29
C LEU B 729 -5.46 -16.16 -13.92
N PRO B 730 -5.13 -15.01 -13.32
CA PRO B 730 -4.30 -14.03 -13.99
C PRO B 730 -2.88 -14.55 -14.15
N ILE B 731 -2.32 -14.36 -15.34
CA ILE B 731 -0.96 -14.79 -15.65
C ILE B 731 0.07 -13.74 -15.18
N SER B 732 1.08 -14.18 -14.45
CA SER B 732 2.23 -13.32 -14.14
C SER B 732 2.81 -12.80 -15.44
N THR B 733 3.56 -11.72 -15.36
CA THR B 733 4.12 -11.14 -16.56
C THR B 733 5.26 -12.00 -17.13
N GLU B 734 6.05 -12.62 -16.26
CA GLU B 734 7.19 -13.39 -16.72
C GLU B 734 6.71 -14.57 -17.57
N GLU B 735 5.65 -15.22 -17.10
CA GLU B 735 5.10 -16.38 -17.80
C GLU B 735 4.36 -15.97 -19.07
N GLY B 736 3.70 -14.80 -19.02
CA GLY B 736 3.01 -14.25 -20.16
C GLY B 736 3.97 -13.98 -21.31
N LEU B 737 5.18 -13.55 -20.97
CA LEU B 737 6.18 -13.25 -21.99
C LEU B 737 6.93 -14.49 -22.48
N SER B 738 7.04 -15.50 -21.63
CA SER B 738 7.66 -16.74 -22.07
C SER B 738 6.72 -17.47 -23.03
N GLN B 739 5.42 -17.27 -22.82
CA GLN B 739 4.42 -17.81 -23.72
C GLN B 739 4.32 -17.03 -25.04
N PHE B 740 4.24 -15.71 -24.93
CA PHE B 740 4.49 -14.88 -26.09
C PHE B 740 5.65 -15.47 -26.90
N ASP B 741 6.79 -15.65 -26.25
CA ASP B 741 8.00 -16.19 -26.89
C ASP B 741 7.77 -17.55 -27.56
N ALA B 742 7.13 -18.47 -26.84
CA ALA B 742 6.86 -19.81 -27.36
C ALA B 742 5.91 -19.78 -28.57
N ALA B 743 4.80 -19.07 -28.42
CA ALA B 743 3.71 -19.16 -29.38
C ALA B 743 4.06 -18.48 -30.71
N CYS B 744 4.85 -17.43 -30.64
CA CYS B 744 5.25 -16.68 -31.83
C CYS B 744 5.99 -17.56 -32.83
N GLY B 745 7.05 -18.20 -32.36
CA GLY B 745 7.83 -19.14 -33.17
C GLY B 745 7.59 -20.56 -32.74
N GLY B 746 6.50 -21.13 -33.22
CA GLY B 746 6.06 -22.43 -32.78
C GLY B 746 4.89 -22.84 -33.61
N ALA B 747 4.67 -24.14 -33.73
CA ALA B 747 4.02 -24.71 -34.91
C ALA B 747 2.57 -24.23 -35.08
N HIS B 748 1.87 -24.11 -33.97
CA HIS B 748 0.43 -23.89 -34.01
C HIS B 748 0.10 -22.47 -34.35
N THR B 749 -0.89 -22.30 -35.21
CA THR B 749 -1.15 -20.99 -35.81
C THR B 749 -2.06 -20.14 -34.92
N VAL B 750 -2.91 -20.80 -34.14
CA VAL B 750 -3.73 -20.14 -33.14
C VAL B 750 -3.65 -20.92 -31.83
N VAL B 751 -3.40 -20.22 -30.74
CA VAL B 751 -3.02 -20.88 -29.51
C VAL B 751 -3.38 -20.03 -28.30
N ALA B 752 -4.01 -20.66 -27.30
CA ALA B 752 -4.63 -19.92 -26.20
C ALA B 752 -3.83 -20.11 -24.90
N PRO B 753 -2.87 -19.21 -24.64
CA PRO B 753 -2.06 -19.35 -23.45
C PRO B 753 -2.83 -18.86 -22.22
N VAL B 754 -3.30 -19.80 -21.41
CA VAL B 754 -4.15 -19.48 -20.27
C VAL B 754 -3.73 -20.32 -19.06
N ARG B 755 -4.07 -19.85 -17.86
CA ARG B 755 -3.95 -20.66 -16.65
C ARG B 755 -5.33 -20.89 -16.05
N PHE B 756 -5.80 -22.13 -16.11
CA PHE B 756 -7.13 -22.48 -15.60
C PHE B 756 -7.15 -22.64 -14.07
N SER B 757 -8.35 -22.76 -13.52
CA SER B 757 -8.53 -23.16 -12.13
C SER B 757 -8.74 -24.67 -12.01
N ARG B 758 -9.65 -25.06 -11.13
CA ARG B 758 -9.59 -26.40 -10.53
C ARG B 758 -10.25 -27.47 -11.40
N LEU B 759 -10.04 -28.74 -11.02
CA LEU B 759 -10.81 -29.85 -11.56
C LEU B 759 -11.95 -30.25 -10.61
N ALA B 764 -17.41 -26.46 -14.83
CA ALA B 764 -16.77 -27.11 -15.98
C ALA B 764 -17.79 -27.65 -16.98
N ILE B 765 -19.03 -27.83 -16.51
CA ILE B 765 -20.15 -28.06 -17.41
C ILE B 765 -20.61 -26.72 -17.92
N LYS B 766 -20.00 -25.67 -17.39
CA LYS B 766 -20.27 -24.31 -17.80
C LYS B 766 -19.95 -24.10 -19.28
N PHE B 767 -18.76 -24.51 -19.70
CA PHE B 767 -18.29 -24.26 -21.05
C PHE B 767 -18.08 -25.57 -21.78
N SER B 768 -18.79 -25.75 -22.88
CA SER B 768 -18.79 -27.03 -23.61
C SER B 768 -17.37 -27.39 -24.00
N VAL B 769 -16.62 -26.39 -24.39
CA VAL B 769 -15.29 -26.58 -24.89
C VAL B 769 -14.38 -27.21 -23.84
N LEU B 770 -14.71 -27.01 -22.57
CA LEU B 770 -13.87 -27.47 -21.49
C LEU B 770 -14.02 -28.96 -21.17
N GLN B 771 -15.05 -29.59 -21.73
CA GLN B 771 -15.31 -31.02 -21.47
C GLN B 771 -14.11 -31.90 -21.88
N GLY B 772 -13.82 -32.90 -21.06
CA GLY B 772 -12.72 -33.82 -21.35
C GLY B 772 -11.55 -33.09 -21.96
PA NDP C . 4.74 -15.49 17.43
O1A NDP C . 5.13 -14.20 16.75
O2A NDP C . 5.14 -16.81 16.82
O5B NDP C . 5.23 -15.47 18.95
C5B NDP C . 5.50 -14.25 19.60
C4B NDP C . 7.00 -14.05 19.59
O4B NDP C . 7.35 -12.78 20.16
C3B NDP C . 7.73 -15.09 20.42
O3B NDP C . 8.18 -16.17 19.59
C2B NDP C . 8.93 -14.36 20.96
O2B NDP C . 10.03 -14.69 20.12
C1B NDP C . 8.63 -12.88 20.77
N9A NDP C . 8.65 -12.18 22.08
C8A NDP C . 9.12 -10.94 22.27
N7A NDP C . 9.08 -10.66 23.59
C5A NDP C . 8.60 -11.74 24.23
C6A NDP C . 8.33 -12.02 25.55
N6A NDP C . 8.57 -11.08 26.50
N1A NDP C . 7.85 -13.22 25.91
C2A NDP C . 7.61 -14.15 24.97
N3A NDP C . 7.84 -13.90 23.68
C4A NDP C . 8.34 -12.71 23.28
O3 NDP C . 3.13 -15.49 17.60
PN NDP C . 2.25 -14.90 16.41
O1N NDP C . 1.09 -15.83 16.16
O2N NDP C . 3.21 -14.54 15.29
O5D NDP C . 1.66 -13.54 17.02
C5D NDP C . 2.52 -12.44 17.29
C4D NDP C . 1.74 -11.48 18.14
O4D NDP C . 0.79 -10.80 17.32
C3D NDP C . 0.94 -12.26 19.18
O3D NDP C . 1.23 -11.74 20.48
C2D NDP C . -0.52 -12.03 18.86
O2D NDP C . -1.23 -11.64 20.03
C1D NDP C . -0.52 -10.88 17.88
N1N NDP C . -1.48 -11.13 16.83
C2N NDP C . -2.55 -10.34 16.74
C3N NDP C . -3.47 -10.51 15.72
C7N NDP C . -4.66 -9.61 15.63
O7N NDP C . -5.46 -9.79 14.74
N7N NDP C . -4.78 -8.61 16.51
C4N NDP C . -3.28 -11.51 14.79
C5N NDP C . -2.15 -12.31 14.90
C6N NDP C . -1.25 -12.10 15.94
P2B NDP C . 11.40 -13.87 20.29
O1X NDP C . 10.96 -12.60 20.98
O2X NDP C . 11.90 -13.69 18.87
O3X NDP C . 12.23 -14.78 21.15
PA NDP D . 7.01 -61.89 7.23
O1A NDP D . 6.20 -63.04 7.76
O2A NDP D . 8.43 -62.15 6.76
O5B NDP D . 6.25 -61.16 6.03
C5B NDP D . 6.95 -60.11 5.37
C4B NDP D . 6.16 -59.70 4.15
O4B NDP D . 6.76 -58.59 3.52
C3B NDP D . 6.16 -60.80 3.10
O3B NDP D . 4.93 -60.59 2.44
C2B NDP D . 7.13 -60.38 2.05
O2B NDP D . 6.59 -60.76 0.79
C1B NDP D . 6.94 -58.90 2.14
N9A NDP D . 8.09 -58.24 1.55
C8A NDP D . 9.35 -58.36 1.96
N7A NDP D . 10.10 -57.54 1.21
C5A NDP D . 9.28 -56.91 0.33
C6A NDP D . 9.50 -55.99 -0.67
N6A NDP D . 10.74 -55.52 -0.90
N1A NDP D . 8.46 -55.55 -1.40
C2A NDP D . 7.21 -56.01 -1.16
N3A NDP D . 6.98 -56.91 -0.19
C4A NDP D . 8.01 -57.38 0.55
O3 NDP D . 7.08 -60.71 8.31
PN NDP D . 6.07 -60.59 9.54
O1N NDP D . 6.31 -61.75 10.48
O2N NDP D . 4.69 -60.19 9.03
O5D NDP D . 6.58 -59.24 10.21
C5D NDP D . 6.09 -58.09 9.54
C4D NDP D . 6.59 -56.85 10.21
O4D NDP D . 6.12 -56.79 11.56
C3D NDP D . 8.10 -56.84 10.30
O3D NDP D . 8.63 -56.17 9.15
C2D NDP D . 8.33 -56.00 11.50
O2D NDP D . 8.21 -54.67 11.02
C1D NDP D . 7.13 -56.24 12.39
N1N NDP D . 7.49 -57.17 13.45
C2N NDP D . 6.99 -58.41 13.43
C3N NDP D . 7.28 -59.29 14.47
C7N NDP D . 6.73 -60.69 14.43
O7N NDP D . 6.97 -61.45 15.36
N7N NDP D . 6.01 -61.05 13.38
C4N NDP D . 8.09 -58.91 15.52
C5N NDP D . 8.59 -57.62 15.51
C6N NDP D . 8.26 -56.77 14.47
P2B NDP D . 7.49 -61.43 -0.35
O1X NDP D . 8.68 -61.92 0.43
O2X NDP D . 6.58 -62.49 -0.93
O3X NDP D . 7.80 -60.31 -1.30
S SO4 E . 9.01 -67.45 2.63
O1 SO4 E . 9.68 -66.14 2.71
O2 SO4 E . 8.81 -68.04 3.98
O3 SO4 E . 7.71 -67.27 1.97
O4 SO4 E . 9.85 -68.38 1.84
S SO4 F . 15.62 -41.61 -1.80
O1 SO4 F . 16.73 -40.71 -2.20
O2 SO4 F . 14.33 -41.04 -2.26
O3 SO4 F . 15.81 -42.94 -2.41
O4 SO4 F . 15.63 -41.72 -0.32
PA NDP G . -11.14 57.46 -6.92
O1A NDP G . -10.61 58.77 -7.43
O2A NDP G . -11.21 56.27 -7.85
O5B NDP G . -10.38 57.04 -5.57
C5B NDP G . -10.37 57.94 -4.45
C4B NDP G . -9.00 58.56 -4.36
O4B NDP G . -8.96 59.77 -3.59
C3B NDP G . -8.02 57.64 -3.68
O3B NDP G . -7.47 56.69 -4.62
C2B NDP G . -6.93 58.58 -3.25
O2B NDP G . -6.01 58.62 -4.31
C1B NDP G . -7.58 59.96 -3.21
N9A NDP G . -7.40 60.58 -1.87
C8A NDP G . -6.78 61.75 -1.63
N7A NDP G . -6.75 61.97 -0.30
C5A NDP G . -7.32 60.91 0.30
C6A NDP G . -7.55 60.58 1.62
N6A NDP G . -7.17 61.42 2.61
N1A NDP G . -8.17 59.42 1.92
C2A NDP G . -8.56 58.58 0.95
N3A NDP G . -8.33 58.88 -0.34
C4A NDP G . -7.71 60.03 -0.70
O3 NDP G . -12.63 57.74 -6.41
PN NDP G . -13.56 58.24 -7.59
O1N NDP G . -14.93 57.64 -7.48
O2N NDP G . -12.70 58.01 -8.79
O5D NDP G . -13.64 59.83 -7.34
C5D NDP G . -13.32 60.39 -6.07
C4D NDP G . -14.31 61.49 -5.78
O4D NDP G . -15.01 61.86 -6.99
C3D NDP G . -15.37 61.05 -4.78
O3D NDP G . -15.40 62.00 -3.72
C2D NDP G . -16.70 61.08 -5.54
O2D NDP G . -17.80 61.54 -4.74
C1D NDP G . -16.39 62.07 -6.65
N1N NDP G . -17.32 61.94 -7.79
C2N NDP G . -18.36 62.80 -7.86
C3N NDP G . -19.26 62.73 -8.91
C7N NDP G . -20.41 63.70 -8.98
O7N NDP G . -21.20 63.60 -9.91
N7N NDP G . -20.54 64.63 -8.03
C4N NDP G . -19.09 61.78 -9.90
C5N NDP G . -18.01 60.91 -9.81
C6N NDP G . -17.13 61.01 -8.74
P2B NDP G . -4.51 59.00 -3.99
O1X NDP G . -4.64 60.25 -3.17
O2X NDP G . -3.94 59.16 -5.37
O3X NDP G . -4.03 57.79 -3.21
PA NDP H . -8.98 10.72 -16.04
O1A NDP H . -9.99 9.76 -15.45
O2A NDP H . -7.60 10.21 -16.39
O5B NDP H . -9.59 11.42 -17.37
C5B NDP H . -8.93 12.52 -17.98
C4B NDP H . -9.69 12.90 -19.24
O4B NDP H . -9.10 14.00 -19.94
C3B NDP H . -9.73 11.76 -20.25
O3B NDP H . -10.99 11.93 -20.87
C2B NDP H . -8.76 12.14 -21.32
O2B NDP H . -9.21 11.61 -22.57
C1B NDP H . -8.96 13.64 -21.32
N9A NDP H . -7.81 14.29 -21.91
C8A NDP H . -6.55 14.19 -21.46
N7A NDP H . -5.76 14.97 -22.24
C5A NDP H . -6.55 15.54 -23.18
C6A NDP H . -6.31 16.40 -24.25
N6A NDP H . -5.06 16.84 -24.47
N1A NDP H . -7.33 16.77 -25.05
C2A NDP H . -8.57 16.33 -24.82
N3A NDP H . -8.83 15.51 -23.78
C4A NDP H . -7.84 15.12 -22.96
O3 NDP H . -8.80 11.95 -15.04
PN NDP H . -9.93 12.32 -13.95
O1N NDP H . -9.91 11.30 -12.84
O2N NDP H . -11.21 12.72 -14.65
O5D NDP H . -9.35 13.69 -13.39
C5D NDP H . -9.81 14.86 -14.04
C4D NDP H . -9.24 16.03 -13.28
O4D NDP H . -9.77 16.03 -11.96
C3D NDP H . -7.76 15.88 -13.10
O3D NDP H . -7.05 16.47 -14.22
C2D NDP H . -7.50 16.62 -11.82
O2D NDP H . -7.44 18.01 -12.13
C1D NDP H . -8.77 16.48 -11.04
N1N NDP H . -8.51 15.54 -9.97
C2N NDP H . -8.98 14.30 -10.02
C3N NDP H . -8.71 13.41 -8.98
C7N NDP H . -9.26 12.02 -8.98
O7N NDP H . -9.01 11.31 -8.03
N7N NDP H . -9.99 11.61 -10.01
C4N NDP H . -7.88 13.80 -7.94
C5N NDP H . -7.36 15.07 -7.96
C6N NDP H . -7.69 15.93 -9.00
P2B NDP H . -8.17 11.08 -23.68
O1X NDP H . -7.30 10.08 -22.92
O2X NDP H . -9.02 10.47 -24.76
O3X NDP H . -7.47 12.35 -24.09
S SO4 I . 0.10 30.95 -26.10
O1 SO4 I . 0.60 31.00 -24.71
O2 SO4 I . -1.34 31.22 -26.12
O3 SO4 I . 0.78 32.00 -26.92
O4 SO4 I . 0.38 29.62 -26.67
#